data_3ITL
#
_entry.id   3ITL
#
_cell.length_a   74.700
_cell.length_b   104.634
_cell.length_c   115.096
_cell.angle_alpha   90.00
_cell.angle_beta   108.14
_cell.angle_gamma   90.00
#
_symmetry.space_group_name_H-M   'P 1 21 1'
#
loop_
_entity.id
_entity.type
_entity.pdbx_description
1 polymer 'L-rhamnose isomerase'
2 non-polymer 'MANGANESE (II) ION'
3 non-polymer 6-deoxy-beta-L-fructofuranose
4 water water
#
_entity_poly.entity_id   1
_entity_poly.type   'polypeptide(L)'
_entity_poly.pdbx_seq_one_letter_code
;MAEFRIAQDVVARENDRRASALKEDYEALGANLARRGVDIEAVTAKVEKFFVAVPSWGVGTGGTRFARFPGTGEPRGIFD
KLDDCAVIQQLTRATPNVSLHIPWDKADPKELKARGDALGLGFDAMNSNTFSDAPGQAHSYKYGSLSHTNAATRAQAVEH
NLECIEIGKAIGSKALTVWIGDGSNFPGQSNFTRAFERYLSAMAEIYKGLPDDWKLFSEHKMYEPAFYSTVVQDWGTNYL
IAQTLGPKAQCLVDLGHHAPNTNIEMIVARLIQFGKLGGFHFNDSKYGDDDLDAGAIEPYRLFLVFNELVDAEARGVKGF
HPAHMINQSHNVTDPIESLINSANEIRRAYAQALLVDRAALSGYQEDNDALMATETLKRAYRTDVEPILAEARRRTGGAV
DPVATYRASGYRARVAAERPASVAGGGGIIGSHHHHHH
;
_entity_poly.pdbx_strand_id   A,B,C,D
#
# COMPACT_ATOMS: atom_id res chain seq x y z
N PHE A 4 -5.98 23.49 41.22
CA PHE A 4 -4.88 23.27 40.25
C PHE A 4 -4.32 21.86 40.36
N ARG A 5 -4.41 21.09 39.29
CA ARG A 5 -3.89 19.72 39.26
C ARG A 5 -2.38 19.73 39.47
N ILE A 6 -1.70 20.69 38.85
CA ILE A 6 -0.25 20.82 38.98
C ILE A 6 0.01 22.07 39.81
N ALA A 7 0.81 21.95 40.86
CA ALA A 7 1.13 23.07 41.73
C ALA A 7 1.67 24.27 40.94
N GLN A 8 1.15 25.46 41.24
CA GLN A 8 1.59 26.66 40.55
C GLN A 8 3.07 26.97 40.76
N ASP A 9 3.60 26.66 41.94
CA ASP A 9 5.01 26.94 42.21
C ASP A 9 5.91 26.07 41.34
N VAL A 10 5.42 24.91 40.94
CA VAL A 10 6.19 24.02 40.09
C VAL A 10 6.24 24.60 38.67
N VAL A 11 5.08 25.05 38.20
CA VAL A 11 5.00 25.63 36.87
C VAL A 11 5.89 26.87 36.80
N ALA A 12 5.80 27.73 37.82
CA ALA A 12 6.61 28.94 37.86
C ALA A 12 8.09 28.62 37.91
N ARG A 13 8.45 27.66 38.77
CA ARG A 13 9.85 27.25 38.93
C ARG A 13 10.43 26.77 37.60
N GLU A 14 9.72 25.88 36.94
CA GLU A 14 10.20 25.33 35.68
C GLU A 14 10.19 26.35 34.55
N ASN A 15 9.27 27.31 34.61
CA ASN A 15 9.22 28.36 33.60
C ASN A 15 10.40 29.30 33.78
N ASP A 16 10.73 29.63 35.03
CA ASP A 16 11.84 30.53 35.31
C ASP A 16 13.17 29.92 34.87
N ARG A 17 13.31 28.62 35.11
CA ARG A 17 14.52 27.89 34.76
C ARG A 17 14.81 27.96 33.27
N ARG A 18 13.75 28.10 32.47
CA ARG A 18 13.89 28.13 31.02
C ARG A 18 13.61 29.49 30.37
N ALA A 19 13.29 30.49 31.18
CA ALA A 19 12.97 31.83 30.68
C ALA A 19 14.07 32.49 29.85
N SER A 20 15.30 32.43 30.33
CA SER A 20 16.41 33.05 29.62
C SER A 20 16.59 32.49 28.21
N ALA A 21 16.63 31.17 28.10
CA ALA A 21 16.79 30.52 26.81
C ALA A 21 15.60 30.84 25.89
N LEU A 22 14.40 30.82 26.45
CA LEU A 22 13.21 31.12 25.66
C LEU A 22 13.30 32.53 25.08
N LYS A 23 13.74 33.46 25.92
CA LYS A 23 13.87 34.85 25.48
C LYS A 23 14.84 34.94 24.30
N GLU A 24 15.99 34.28 24.42
CA GLU A 24 16.97 34.32 23.36
C GLU A 24 16.44 33.72 22.05
N ASP A 25 15.81 32.56 22.15
CA ASP A 25 15.27 31.89 20.96
C ASP A 25 14.10 32.64 20.33
N TYR A 26 13.18 33.14 21.17
CA TYR A 26 12.02 33.86 20.67
C TYR A 26 12.44 35.16 19.99
N GLU A 27 13.34 35.90 20.62
CA GLU A 27 13.79 37.16 20.05
C GLU A 27 14.57 36.94 18.75
N ALA A 28 15.32 35.84 18.68
CA ALA A 28 16.08 35.53 17.47
C ALA A 28 15.11 35.17 16.36
N LEU A 29 14.11 34.36 16.70
CA LEU A 29 13.12 33.95 15.71
C LEU A 29 12.32 35.17 15.25
N GLY A 30 12.04 36.07 16.20
CA GLY A 30 11.29 37.26 15.86
C GLY A 30 12.01 38.10 14.82
N ALA A 31 13.32 38.26 14.98
CA ALA A 31 14.13 39.05 14.05
C ALA A 31 14.15 38.39 12.67
N ASN A 32 14.31 37.08 12.65
CA ASN A 32 14.35 36.33 11.41
C ASN A 32 13.02 36.46 10.68
N LEU A 33 11.92 36.36 11.42
CA LEU A 33 10.61 36.47 10.80
C LEU A 33 10.37 37.89 10.29
N ALA A 34 10.85 38.89 11.04
CA ALA A 34 10.70 40.28 10.64
C ALA A 34 11.39 40.51 9.31
N ARG A 35 12.56 39.91 9.13
CA ARG A 35 13.31 40.04 7.88
C ARG A 35 12.53 39.39 6.75
N ARG A 36 11.63 38.48 7.10
CA ARG A 36 10.81 37.78 6.12
C ARG A 36 9.44 38.43 5.99
N GLY A 37 9.26 39.57 6.64
CA GLY A 37 8.00 40.28 6.55
C GLY A 37 6.88 39.69 7.41
N VAL A 38 7.25 38.94 8.44
CA VAL A 38 6.26 38.34 9.33
C VAL A 38 6.36 38.89 10.75
N ASP A 39 5.22 39.18 11.35
CA ASP A 39 5.16 39.70 12.71
C ASP A 39 4.96 38.54 13.68
N ILE A 40 6.01 38.17 14.40
CA ILE A 40 5.93 37.06 15.34
C ILE A 40 4.81 37.24 16.38
N GLU A 41 4.53 38.48 16.74
CA GLU A 41 3.48 38.72 17.73
C GLU A 41 2.11 38.35 17.18
N ALA A 42 1.92 38.54 15.88
CA ALA A 42 0.66 38.21 15.25
C ALA A 42 0.48 36.70 15.22
N VAL A 43 1.57 35.99 14.97
CA VAL A 43 1.55 34.54 14.92
C VAL A 43 1.30 33.95 16.31
N THR A 44 2.01 34.46 17.31
CA THR A 44 1.85 33.99 18.68
C THR A 44 0.42 34.23 19.16
N ALA A 45 -0.14 35.37 18.79
CA ALA A 45 -1.51 35.71 19.19
C ALA A 45 -2.52 34.72 18.61
N LYS A 46 -2.25 34.22 17.41
CA LYS A 46 -3.17 33.26 16.79
C LYS A 46 -2.95 31.87 17.39
N VAL A 47 -1.69 31.52 17.63
CA VAL A 47 -1.37 30.21 18.20
C VAL A 47 -1.99 30.07 19.58
N GLU A 48 -1.98 31.15 20.36
CA GLU A 48 -2.56 31.14 21.71
C GLU A 48 -4.03 30.75 21.70
N LYS A 49 -4.68 30.98 20.56
CA LYS A 49 -6.10 30.69 20.45
C LYS A 49 -6.46 29.42 19.68
N PHE A 50 -5.46 28.63 19.31
CA PHE A 50 -5.77 27.40 18.60
C PHE A 50 -5.99 26.28 19.61
N PHE A 51 -7.18 25.68 19.57
CA PHE A 51 -7.51 24.62 20.50
C PHE A 51 -7.88 23.33 19.81
N VAL A 52 -7.55 22.21 20.45
CA VAL A 52 -7.86 20.89 19.92
C VAL A 52 -8.41 20.08 21.10
N ALA A 53 -9.46 19.32 20.85
CA ALA A 53 -10.07 18.53 21.90
C ALA A 53 -9.29 17.28 22.26
N VAL A 54 -9.26 16.97 23.56
CA VAL A 54 -8.57 15.80 24.05
C VAL A 54 -9.62 14.71 24.28
N PRO A 55 -9.35 13.50 23.79
CA PRO A 55 -10.28 12.36 23.94
C PRO A 55 -10.21 11.81 25.36
N SER A 56 -11.36 11.68 26.01
CA SER A 56 -11.40 11.15 27.37
C SER A 56 -10.77 9.76 27.42
N TRP A 57 -11.00 8.99 26.37
CA TRP A 57 -10.49 7.63 26.29
C TRP A 57 -9.01 7.50 25.97
N GLY A 58 -8.35 8.63 25.72
CA GLY A 58 -6.94 8.60 25.41
C GLY A 58 -6.07 8.89 26.62
N VAL A 59 -6.69 9.20 27.75
CA VAL A 59 -5.94 9.50 28.96
C VAL A 59 -5.55 8.23 29.71
N GLY A 60 -6.20 7.13 29.32
CA GLY A 60 -5.87 5.84 29.91
C GLY A 60 -4.98 5.12 28.91
N THR A 61 -4.19 4.15 29.34
CA THR A 61 -3.32 3.43 28.43
C THR A 61 -4.13 2.59 27.45
N GLY A 62 -3.72 2.61 26.18
CA GLY A 62 -4.41 1.83 25.16
C GLY A 62 -3.73 0.52 24.88
N GLY A 63 -4.35 -0.31 24.03
CA GLY A 63 -3.77 -1.60 23.70
C GLY A 63 -4.18 -2.09 22.33
N THR A 64 -3.70 -3.29 21.98
CA THR A 64 -4.02 -3.91 20.71
C THR A 64 -4.81 -5.18 20.98
N ARG A 65 -5.20 -5.90 19.93
CA ARG A 65 -5.94 -7.14 20.12
C ARG A 65 -5.04 -8.21 20.75
N PHE A 66 -3.74 -7.96 20.78
CA PHE A 66 -2.80 -8.92 21.36
C PHE A 66 -2.55 -8.69 22.85
N ALA A 67 -2.59 -7.45 23.29
CA ALA A 67 -2.35 -7.17 24.70
C ALA A 67 -2.47 -5.70 25.04
N ARG A 68 -2.61 -5.44 26.34
CA ARG A 68 -2.69 -4.09 26.88
C ARG A 68 -1.74 -4.12 28.07
N PHE A 69 -0.88 -3.10 28.18
CA PHE A 69 0.08 -3.03 29.27
C PHE A 69 -0.16 -1.73 30.04
N PRO A 70 -1.06 -1.74 31.03
CA PRO A 70 -1.32 -0.51 31.79
C PRO A 70 -0.14 0.02 32.59
N GLY A 71 -0.16 1.33 32.81
CA GLY A 71 0.88 1.97 33.59
C GLY A 71 0.30 2.14 34.98
N THR A 72 0.92 2.98 35.80
CA THR A 72 0.42 3.20 37.15
C THR A 72 -0.59 4.34 37.16
N GLY A 73 -1.46 4.36 38.16
CA GLY A 73 -2.45 5.41 38.27
C GLY A 73 -3.39 5.57 37.09
N GLU A 74 -3.84 4.46 36.51
CA GLU A 74 -4.78 4.53 35.40
C GLU A 74 -6.09 5.10 35.92
N PRO A 75 -6.73 5.98 35.14
CA PRO A 75 -8.00 6.58 35.56
C PRO A 75 -9.04 5.47 35.68
N ARG A 76 -9.85 5.52 36.73
CA ARG A 76 -10.85 4.49 36.98
C ARG A 76 -12.20 4.75 36.33
N GLY A 77 -12.43 6.00 35.94
CA GLY A 77 -13.70 6.36 35.31
C GLY A 77 -13.58 7.72 34.66
N ILE A 78 -14.69 8.26 34.18
CA ILE A 78 -14.68 9.56 33.52
C ILE A 78 -14.23 10.73 34.40
N PHE A 79 -14.52 10.67 35.70
CA PHE A 79 -14.11 11.76 36.56
C PHE A 79 -12.59 11.81 36.71
N ASP A 80 -11.96 10.66 36.85
CA ASP A 80 -10.50 10.60 36.95
C ASP A 80 -9.93 11.10 35.61
N LYS A 81 -10.58 10.70 34.52
CA LYS A 81 -10.12 11.11 33.18
C LYS A 81 -10.17 12.62 33.00
N LEU A 82 -11.24 13.25 33.47
CA LEU A 82 -11.36 14.70 33.36
C LEU A 82 -10.26 15.36 34.19
N ASP A 83 -9.96 14.79 35.35
CA ASP A 83 -8.91 15.33 36.21
C ASP A 83 -7.58 15.31 35.46
N ASP A 84 -7.33 14.23 34.72
CA ASP A 84 -6.10 14.11 33.96
C ASP A 84 -6.10 15.06 32.78
N CYS A 85 -7.25 15.21 32.13
CA CYS A 85 -7.36 16.12 30.99
C CYS A 85 -7.05 17.54 31.47
N ALA A 86 -7.43 17.85 32.71
CA ALA A 86 -7.19 19.18 33.27
C ALA A 86 -5.69 19.47 33.33
N VAL A 87 -4.89 18.42 33.53
CA VAL A 87 -3.44 18.59 33.58
C VAL A 87 -2.93 19.00 32.21
N ILE A 88 -3.43 18.33 31.17
CA ILE A 88 -3.03 18.63 29.80
C ILE A 88 -3.38 20.07 29.43
N GLN A 89 -4.56 20.52 29.82
CA GLN A 89 -4.99 21.89 29.53
C GLN A 89 -4.18 22.91 30.32
N GLN A 90 -3.96 22.63 31.61
CA GLN A 90 -3.20 23.56 32.43
C GLN A 90 -1.79 23.79 31.89
N LEU A 91 -1.13 22.72 31.47
CA LEU A 91 0.24 22.84 30.97
C LEU A 91 0.41 23.27 29.51
N THR A 92 -0.49 22.85 28.63
CA THR A 92 -0.38 23.23 27.21
C THR A 92 -1.27 24.41 26.85
N ARG A 93 -2.38 24.56 27.58
CA ARG A 93 -3.35 25.62 27.34
C ARG A 93 -3.92 25.53 25.93
N ALA A 94 -3.80 24.35 25.32
CA ALA A 94 -4.28 24.13 23.96
C ALA A 94 -5.43 23.13 23.90
N THR A 95 -5.84 22.62 25.06
CA THR A 95 -6.90 21.61 25.10
C THR A 95 -7.99 21.90 26.13
N PRO A 96 -8.69 23.04 25.98
CA PRO A 96 -9.75 23.40 26.92
C PRO A 96 -11.00 22.50 26.89
N ASN A 97 -11.19 21.76 25.80
CA ASN A 97 -12.36 20.89 25.69
C ASN A 97 -12.05 19.41 25.60
N VAL A 98 -12.94 18.60 26.17
CA VAL A 98 -12.80 17.15 26.18
C VAL A 98 -13.89 16.47 25.37
N SER A 99 -13.52 15.40 24.66
CA SER A 99 -14.48 14.63 23.87
C SER A 99 -14.91 13.43 24.70
N LEU A 100 -16.22 13.24 24.85
CA LEU A 100 -16.72 12.10 25.62
C LEU A 100 -17.16 10.98 24.69
N HIS A 101 -17.11 9.76 25.20
CA HIS A 101 -17.52 8.59 24.43
C HIS A 101 -18.56 7.87 25.30
N ILE A 102 -19.73 7.60 24.71
CA ILE A 102 -20.82 6.93 25.41
C ILE A 102 -20.98 5.51 24.83
N PRO A 103 -21.21 4.50 25.69
CA PRO A 103 -21.37 4.50 27.15
C PRO A 103 -20.15 4.51 28.07
N TRP A 104 -18.93 4.53 27.54
CA TRP A 104 -17.77 4.53 28.41
C TRP A 104 -17.84 5.61 29.48
N ASP A 105 -18.21 6.82 29.08
CA ASP A 105 -18.27 7.95 30.00
C ASP A 105 -19.64 8.29 30.54
N LYS A 106 -20.60 7.38 30.42
CA LYS A 106 -21.94 7.65 30.90
C LYS A 106 -21.94 7.98 32.39
N ALA A 107 -22.60 9.08 32.74
CA ALA A 107 -22.70 9.55 34.11
C ALA A 107 -23.75 10.67 34.14
N ASP A 108 -24.10 11.13 35.34
CA ASP A 108 -25.08 12.20 35.48
C ASP A 108 -24.53 13.42 34.76
N PRO A 109 -25.21 13.87 33.69
CA PRO A 109 -24.75 15.05 32.94
C PRO A 109 -24.45 16.26 33.82
N LYS A 110 -25.24 16.43 34.88
CA LYS A 110 -25.04 17.56 35.77
C LYS A 110 -23.70 17.44 36.50
N GLU A 111 -23.34 16.23 36.87
CA GLU A 111 -22.07 16.00 37.56
C GLU A 111 -20.91 16.19 36.58
N LEU A 112 -21.08 15.72 35.35
CA LEU A 112 -20.04 15.88 34.34
C LEU A 112 -19.78 17.36 34.10
N LYS A 113 -20.86 18.12 33.90
CA LYS A 113 -20.77 19.56 33.68
C LYS A 113 -20.12 20.26 34.87
N ALA A 114 -20.52 19.86 36.09
CA ALA A 114 -19.97 20.46 37.29
C ALA A 114 -18.47 20.21 37.41
N ARG A 115 -18.03 19.00 37.09
CA ARG A 115 -16.61 18.67 37.16
C ARG A 115 -15.86 19.46 36.11
N GLY A 116 -16.43 19.53 34.91
CA GLY A 116 -15.78 20.28 33.84
C GLY A 116 -15.58 21.73 34.24
N ASP A 117 -16.66 22.37 34.68
CA ASP A 117 -16.59 23.77 35.10
C ASP A 117 -15.57 23.99 36.20
N ALA A 118 -15.52 23.08 37.17
CA ALA A 118 -14.59 23.20 38.29
C ALA A 118 -13.13 23.12 37.82
N LEU A 119 -12.89 22.32 36.79
CA LEU A 119 -11.55 22.13 36.26
C LEU A 119 -11.18 23.12 35.15
N GLY A 120 -12.17 23.88 34.67
CA GLY A 120 -11.91 24.84 33.62
C GLY A 120 -11.92 24.16 32.25
N LEU A 121 -12.75 23.13 32.12
CA LEU A 121 -12.85 22.38 30.86
C LEU A 121 -14.26 22.41 30.28
N GLY A 122 -14.32 22.36 28.95
CA GLY A 122 -15.60 22.34 28.26
C GLY A 122 -15.71 21.00 27.57
N PHE A 123 -16.76 20.80 26.78
CA PHE A 123 -16.95 19.53 26.09
C PHE A 123 -17.12 19.69 24.59
N ASP A 124 -16.36 18.91 23.83
CA ASP A 124 -16.45 18.96 22.38
C ASP A 124 -17.51 17.96 21.92
N ALA A 125 -17.42 17.56 20.66
CA ALA A 125 -18.39 16.62 20.09
C ALA A 125 -18.53 15.32 20.87
N MET A 126 -19.77 14.85 20.97
CA MET A 126 -20.07 13.59 21.64
C MET A 126 -19.69 12.48 20.66
N ASN A 127 -19.40 11.30 21.19
CA ASN A 127 -19.06 10.15 20.34
C ASN A 127 -19.96 9.00 20.76
N SER A 128 -20.70 8.43 19.80
CA SER A 128 -21.57 7.30 20.09
C SER A 128 -20.78 6.01 19.92
N ASN A 129 -21.28 4.93 20.52
CA ASN A 129 -20.61 3.63 20.45
C ASN A 129 -21.55 2.48 20.14
N THR A 130 -21.63 2.10 18.87
CA THR A 130 -22.44 0.96 18.50
C THR A 130 -21.54 -0.03 17.76
N PHE A 131 -20.28 -0.06 18.19
CA PHE A 131 -19.29 -0.98 17.62
C PHE A 131 -18.87 -2.01 18.68
N SER A 132 -19.59 -2.01 19.79
CA SER A 132 -19.36 -2.94 20.90
C SER A 132 -20.68 -3.09 21.66
N ASP A 133 -20.86 -4.22 22.33
CA ASP A 133 -22.08 -4.46 23.09
C ASP A 133 -21.97 -4.08 24.56
N ALA A 134 -22.98 -3.37 25.06
CA ALA A 134 -23.03 -2.97 26.45
C ALA A 134 -24.01 -3.94 27.14
N PRO A 135 -23.92 -4.06 28.47
CA PRO A 135 -24.80 -4.96 29.22
C PRO A 135 -26.29 -4.63 29.08
N GLY A 136 -27.12 -5.67 29.02
CA GLY A 136 -28.55 -5.48 28.91
C GLY A 136 -29.09 -5.12 27.54
N GLN A 137 -28.21 -5.13 26.55
CA GLN A 137 -28.57 -4.79 25.18
C GLN A 137 -29.51 -5.85 24.60
N ALA A 138 -30.64 -5.40 24.05
CA ALA A 138 -31.61 -6.34 23.48
C ALA A 138 -31.09 -7.00 22.20
N HIS A 139 -30.27 -6.26 21.45
CA HIS A 139 -29.72 -6.77 20.19
C HIS A 139 -28.22 -6.54 20.12
N SER A 140 -27.49 -7.54 19.63
CA SER A 140 -26.04 -7.44 19.51
C SER A 140 -25.63 -6.71 18.24
N TYR A 141 -24.50 -6.00 18.30
CA TYR A 141 -24.00 -5.28 17.14
C TYR A 141 -22.94 -6.09 16.39
N LYS A 142 -22.91 -7.39 16.66
CA LYS A 142 -21.94 -8.28 16.01
C LYS A 142 -21.95 -8.15 14.48
N TYR A 143 -23.14 -8.12 13.89
CA TYR A 143 -23.26 -8.03 12.44
C TYR A 143 -23.63 -6.63 11.94
N GLY A 144 -23.40 -5.64 12.77
CA GLY A 144 -23.72 -4.28 12.37
C GLY A 144 -24.57 -3.56 13.40
N SER A 145 -24.84 -2.28 13.12
CA SER A 145 -25.63 -1.48 14.03
C SER A 145 -26.61 -0.63 13.23
N LEU A 146 -26.17 0.57 12.83
CA LEU A 146 -27.03 1.45 12.05
C LEU A 146 -27.38 0.88 10.68
N SER A 147 -26.58 -0.08 10.20
CA SER A 147 -26.84 -0.69 8.90
C SER A 147 -27.17 -2.20 9.01
N HIS A 148 -27.41 -2.66 10.24
CA HIS A 148 -27.74 -4.05 10.50
C HIS A 148 -29.00 -4.44 9.72
N THR A 149 -29.06 -5.68 9.26
CA THR A 149 -30.23 -6.14 8.49
C THR A 149 -31.53 -6.15 9.31
N ASN A 150 -31.40 -6.33 10.62
CA ASN A 150 -32.54 -6.38 11.52
C ASN A 150 -33.00 -4.97 11.93
N ALA A 151 -34.23 -4.62 11.56
CA ALA A 151 -34.78 -3.30 11.85
C ALA A 151 -34.70 -2.92 13.33
N ALA A 152 -35.00 -3.86 14.21
CA ALA A 152 -34.97 -3.60 15.64
C ALA A 152 -33.58 -3.22 16.13
N THR A 153 -32.56 -3.82 15.51
CA THR A 153 -31.18 -3.53 15.90
C THR A 153 -30.82 -2.11 15.48
N ARG A 154 -31.27 -1.71 14.28
CA ARG A 154 -31.01 -0.37 13.80
C ARG A 154 -31.72 0.62 14.70
N ALA A 155 -32.95 0.28 15.09
CA ALA A 155 -33.73 1.16 15.97
C ALA A 155 -33.00 1.37 17.28
N GLN A 156 -32.43 0.29 17.82
CA GLN A 156 -31.70 0.35 19.07
C GLN A 156 -30.49 1.27 18.94
N ALA A 157 -29.79 1.17 17.81
CA ALA A 157 -28.61 2.00 17.57
C ALA A 157 -29.00 3.47 17.43
N VAL A 158 -30.15 3.72 16.81
CA VAL A 158 -30.63 5.09 16.63
C VAL A 158 -30.91 5.72 17.99
N GLU A 159 -31.59 4.96 18.86
CA GLU A 159 -31.91 5.45 20.19
C GLU A 159 -30.65 5.75 21.00
N HIS A 160 -29.61 4.94 20.81
CA HIS A 160 -28.37 5.17 21.52
C HIS A 160 -27.78 6.52 21.11
N ASN A 161 -27.78 6.78 19.81
CA ASN A 161 -27.24 8.05 19.31
C ASN A 161 -28.06 9.23 19.83
N LEU A 162 -29.38 9.06 19.90
CA LEU A 162 -30.22 10.15 20.39
C LEU A 162 -29.93 10.41 21.87
N GLU A 163 -29.59 9.35 22.60
CA GLU A 163 -29.26 9.52 24.02
C GLU A 163 -27.95 10.30 24.13
N CYS A 164 -27.04 10.07 23.19
CA CYS A 164 -25.77 10.78 23.18
C CYS A 164 -26.03 12.27 22.97
N ILE A 165 -27.00 12.59 22.11
CA ILE A 165 -27.34 13.98 21.85
C ILE A 165 -27.92 14.61 23.12
N GLU A 166 -28.79 13.88 23.80
CA GLU A 166 -29.39 14.39 25.03
C GLU A 166 -28.31 14.69 26.06
N ILE A 167 -27.35 13.77 26.20
CA ILE A 167 -26.25 13.96 27.14
C ILE A 167 -25.43 15.19 26.75
N GLY A 168 -25.15 15.31 25.46
CA GLY A 168 -24.37 16.44 24.98
C GLY A 168 -25.05 17.76 25.20
N LYS A 169 -26.37 17.82 24.98
CA LYS A 169 -27.10 19.06 25.17
C LYS A 169 -26.98 19.55 26.61
N ALA A 170 -27.00 18.61 27.55
CA ALA A 170 -26.91 18.95 28.96
C ALA A 170 -25.54 19.42 29.44
N ILE A 171 -24.48 19.00 28.75
CA ILE A 171 -23.13 19.40 29.18
C ILE A 171 -22.47 20.51 28.35
N GLY A 172 -23.12 20.92 27.27
CA GLY A 172 -22.56 22.00 26.47
C GLY A 172 -22.01 21.60 25.11
N SER A 173 -22.13 20.33 24.77
CA SER A 173 -21.65 19.84 23.48
C SER A 173 -22.53 20.41 22.36
N LYS A 174 -21.99 20.47 21.15
CA LYS A 174 -22.74 20.98 20.01
C LYS A 174 -22.61 20.11 18.76
N ALA A 175 -22.20 18.86 18.96
CA ALA A 175 -22.06 17.95 17.83
C ALA A 175 -21.97 16.49 18.24
N LEU A 176 -22.33 15.62 17.31
CA LEU A 176 -22.28 14.17 17.54
C LEU A 176 -21.47 13.56 16.41
N THR A 177 -20.44 12.80 16.78
CA THR A 177 -19.59 12.11 15.80
C THR A 177 -20.04 10.66 15.78
N VAL A 178 -20.31 10.17 14.57
CA VAL A 178 -20.74 8.79 14.41
C VAL A 178 -19.74 7.96 13.62
N TRP A 179 -19.06 7.06 14.32
CA TRP A 179 -18.14 6.13 13.69
C TRP A 179 -18.64 4.75 14.07
N ILE A 180 -18.84 3.89 13.07
CA ILE A 180 -19.30 2.54 13.36
C ILE A 180 -18.40 1.54 12.66
N GLY A 181 -18.43 0.29 13.12
CA GLY A 181 -17.58 -0.72 12.52
C GLY A 181 -18.26 -1.47 11.38
N ASP A 182 -19.55 -1.22 11.20
CA ASP A 182 -20.37 -1.88 10.17
C ASP A 182 -19.65 -2.16 8.87
N GLY A 183 -19.72 -3.42 8.47
CA GLY A 183 -19.07 -3.85 7.24
C GLY A 183 -19.15 -5.36 7.14
N SER A 184 -18.30 -5.94 6.30
CA SER A 184 -18.29 -7.39 6.14
C SER A 184 -16.85 -7.87 6.12
N ASN A 185 -16.65 -9.14 6.44
CA ASN A 185 -15.32 -9.73 6.43
C ASN A 185 -15.20 -10.71 5.27
N PHE A 186 -16.31 -10.95 4.57
CA PHE A 186 -16.32 -11.89 3.45
C PHE A 186 -17.08 -11.38 2.23
N PRO A 187 -16.58 -11.66 1.03
CA PRO A 187 -17.29 -11.22 -0.18
C PRO A 187 -18.66 -11.89 -0.15
N GLY A 188 -19.70 -11.14 -0.48
CA GLY A 188 -21.04 -11.71 -0.49
C GLY A 188 -21.79 -11.59 0.82
N GLN A 189 -21.06 -11.50 1.93
CA GLN A 189 -21.70 -11.39 3.24
C GLN A 189 -22.72 -10.24 3.28
N SER A 190 -22.35 -9.11 2.69
CA SER A 190 -23.22 -7.94 2.66
C SER A 190 -23.55 -7.50 1.24
N ASN A 191 -24.73 -6.91 1.07
CA ASN A 191 -25.13 -6.35 -0.21
C ASN A 191 -24.69 -4.90 0.02
N PHE A 192 -23.63 -4.47 -0.66
CA PHE A 192 -23.09 -3.12 -0.49
C PHE A 192 -24.13 -2.01 -0.48
N THR A 193 -24.97 -1.99 -1.51
CA THR A 193 -25.98 -0.95 -1.64
C THR A 193 -27.08 -1.00 -0.58
N ARG A 194 -27.62 -2.19 -0.31
CA ARG A 194 -28.67 -2.26 0.70
C ARG A 194 -28.16 -1.89 2.09
N ALA A 195 -26.93 -2.30 2.41
CA ALA A 195 -26.37 -1.95 3.71
C ALA A 195 -26.24 -0.44 3.83
N PHE A 196 -25.79 0.22 2.77
CA PHE A 196 -25.64 1.66 2.80
C PHE A 196 -27.00 2.37 2.90
N GLU A 197 -28.01 1.82 2.22
CA GLU A 197 -29.35 2.39 2.27
C GLU A 197 -29.87 2.29 3.70
N ARG A 198 -29.67 1.14 4.35
CA ARG A 198 -30.11 0.95 5.73
C ARG A 198 -29.44 2.01 6.62
N TYR A 199 -28.14 2.19 6.43
CA TYR A 199 -27.39 3.18 7.20
C TYR A 199 -27.98 4.57 6.99
N LEU A 200 -28.24 4.93 5.74
CA LEU A 200 -28.77 6.24 5.41
C LEU A 200 -30.13 6.52 6.07
N SER A 201 -30.97 5.50 6.14
CA SER A 201 -32.28 5.66 6.76
C SER A 201 -32.14 5.91 8.26
N ALA A 202 -31.23 5.17 8.91
CA ALA A 202 -30.99 5.31 10.34
C ALA A 202 -30.40 6.68 10.66
N MET A 203 -29.43 7.11 9.86
CA MET A 203 -28.80 8.40 10.09
C MET A 203 -29.80 9.53 9.87
N ALA A 204 -30.76 9.31 8.98
CA ALA A 204 -31.78 10.32 8.73
C ALA A 204 -32.60 10.53 10.00
N GLU A 205 -32.82 9.45 10.74
CA GLU A 205 -33.59 9.54 11.99
C GLU A 205 -32.77 10.29 13.05
N ILE A 206 -31.47 10.00 13.11
CA ILE A 206 -30.60 10.66 14.07
C ILE A 206 -30.54 12.14 13.75
N TYR A 207 -30.52 12.47 12.46
CA TYR A 207 -30.45 13.86 12.02
C TYR A 207 -31.65 14.65 12.52
N LYS A 208 -32.83 14.01 12.53
CA LYS A 208 -34.05 14.67 12.99
C LYS A 208 -33.97 15.07 14.46
N GLY A 209 -33.12 14.38 15.22
CA GLY A 209 -32.99 14.68 16.64
C GLY A 209 -31.98 15.77 16.96
N LEU A 210 -31.35 16.34 15.94
CA LEU A 210 -30.35 17.39 16.12
C LEU A 210 -30.91 18.78 16.40
N PRO A 211 -30.39 19.45 17.44
CA PRO A 211 -30.85 20.80 17.77
C PRO A 211 -30.47 21.70 16.58
N ASP A 212 -31.05 22.90 16.53
CA ASP A 212 -30.76 23.82 15.42
C ASP A 212 -29.28 24.18 15.27
N ASP A 213 -28.57 24.28 16.38
CA ASP A 213 -27.16 24.67 16.34
C ASP A 213 -26.18 23.51 16.50
N TRP A 214 -26.61 22.30 16.17
CA TRP A 214 -25.75 21.12 16.27
C TRP A 214 -25.30 20.62 14.91
N LYS A 215 -24.25 19.81 14.92
CA LYS A 215 -23.74 19.21 13.69
C LYS A 215 -23.65 17.72 13.91
N LEU A 216 -23.77 16.96 12.83
CA LEU A 216 -23.67 15.52 12.87
C LEU A 216 -22.49 15.17 11.98
N PHE A 217 -21.46 14.54 12.57
CA PHE A 217 -20.27 14.17 11.81
C PHE A 217 -20.19 12.68 11.58
N SER A 218 -20.18 12.26 10.31
CA SER A 218 -20.03 10.85 10.01
C SER A 218 -18.53 10.68 9.71
N GLU A 219 -17.96 9.57 10.16
CA GLU A 219 -16.52 9.34 9.98
C GLU A 219 -16.21 8.08 9.15
N HIS A 220 -15.48 8.25 8.06
CA HIS A 220 -15.13 7.11 7.23
C HIS A 220 -13.87 6.41 7.71
N LYS A 221 -13.74 5.14 7.35
CA LYS A 221 -12.58 4.34 7.71
C LYS A 221 -12.49 3.20 6.69
N MET A 222 -11.33 3.02 6.09
CA MET A 222 -11.16 1.98 5.06
C MET A 222 -11.40 0.56 5.56
N TYR A 223 -10.92 0.24 6.76
CA TYR A 223 -11.09 -1.08 7.34
C TYR A 223 -10.78 -1.06 8.83
N GLU A 224 -11.12 -2.17 9.50
CA GLU A 224 -10.95 -2.38 10.94
C GLU A 224 -12.09 -1.68 11.70
N PRO A 225 -12.96 -2.45 12.37
CA PRO A 225 -13.01 -3.92 12.49
C PRO A 225 -13.42 -4.79 11.31
N ALA A 226 -13.99 -4.21 10.25
CA ALA A 226 -14.38 -5.00 9.08
C ALA A 226 -13.17 -5.16 8.16
N PHE A 227 -12.88 -6.38 7.75
CA PHE A 227 -11.70 -6.62 6.94
C PHE A 227 -11.89 -6.96 5.45
N TYR A 228 -13.11 -6.79 4.94
CA TYR A 228 -13.34 -6.98 3.51
C TYR A 228 -13.98 -5.69 2.99
N SER A 229 -15.12 -5.29 3.57
CA SER A 229 -15.77 -4.05 3.17
C SER A 229 -16.27 -3.32 4.42
N THR A 230 -16.38 -2.01 4.32
CA THR A 230 -16.86 -1.19 5.42
C THR A 230 -17.90 -0.27 4.78
N VAL A 231 -19.04 -0.10 5.44
CA VAL A 231 -20.10 0.73 4.88
C VAL A 231 -19.62 2.16 4.59
N VAL A 232 -19.08 2.82 5.62
CA VAL A 232 -18.55 4.18 5.41
C VAL A 232 -17.05 3.97 5.29
N GLN A 233 -16.64 3.51 4.11
CA GLN A 233 -15.23 3.19 3.85
C GLN A 233 -14.28 4.32 3.47
N ASP A 234 -14.77 5.33 2.78
CA ASP A 234 -13.91 6.44 2.39
C ASP A 234 -14.66 7.76 2.31
N TRP A 235 -13.95 8.83 1.94
CA TRP A 235 -14.55 10.15 1.88
C TRP A 235 -15.61 10.31 0.79
N GLY A 236 -15.58 9.45 -0.22
CA GLY A 236 -16.57 9.52 -1.28
C GLY A 236 -17.92 9.12 -0.72
N THR A 237 -17.94 8.02 0.02
CA THR A 237 -19.18 7.56 0.62
C THR A 237 -19.58 8.57 1.69
N ASN A 238 -18.59 9.11 2.39
CA ASN A 238 -18.85 10.08 3.44
C ASN A 238 -19.51 11.32 2.87
N TYR A 239 -19.03 11.78 1.71
CA TYR A 239 -19.62 12.94 1.09
C TYR A 239 -21.08 12.64 0.74
N LEU A 240 -21.33 11.46 0.18
CA LEU A 240 -22.69 11.08 -0.20
C LEU A 240 -23.60 11.11 1.02
N ILE A 241 -23.08 10.71 2.17
CA ILE A 241 -23.87 10.71 3.41
C ILE A 241 -24.23 12.14 3.80
N ALA A 242 -23.21 12.98 3.93
CA ALA A 242 -23.41 14.37 4.33
C ALA A 242 -24.35 15.12 3.40
N GLN A 243 -24.13 14.99 2.09
CA GLN A 243 -24.98 15.68 1.13
C GLN A 243 -26.43 15.21 1.24
N THR A 244 -26.60 13.91 1.46
CA THR A 244 -27.94 13.32 1.58
C THR A 244 -28.69 13.77 2.83
N LEU A 245 -27.99 13.77 3.96
CA LEU A 245 -28.62 14.13 5.23
C LEU A 245 -29.05 15.58 5.38
N GLY A 246 -28.21 16.52 4.93
CA GLY A 246 -28.58 17.92 5.06
C GLY A 246 -27.48 18.84 5.53
N PRO A 247 -27.76 20.15 5.63
CA PRO A 247 -26.82 21.19 6.07
C PRO A 247 -26.07 20.93 7.37
N LYS A 248 -26.74 20.30 8.34
CA LYS A 248 -26.12 20.03 9.63
C LYS A 248 -25.16 18.84 9.61
N ALA A 249 -25.19 18.08 8.52
CA ALA A 249 -24.34 16.88 8.41
C ALA A 249 -23.05 17.15 7.65
N GLN A 250 -21.93 16.79 8.26
CA GLN A 250 -20.63 16.99 7.63
C GLN A 250 -19.74 15.78 7.83
N CYS A 251 -18.57 15.79 7.21
CA CYS A 251 -17.65 14.65 7.29
C CYS A 251 -16.46 14.88 8.22
N LEU A 252 -16.12 13.84 8.97
CA LEU A 252 -14.98 13.91 9.87
C LEU A 252 -13.85 13.12 9.24
N VAL A 253 -12.68 13.75 9.16
CA VAL A 253 -11.49 13.12 8.57
C VAL A 253 -10.50 12.70 9.64
N ASP A 254 -10.29 11.39 9.75
CA ASP A 254 -9.33 10.85 10.71
C ASP A 254 -8.10 10.48 9.88
N LEU A 255 -6.98 11.14 10.16
CA LEU A 255 -5.76 10.91 9.38
C LEU A 255 -5.35 9.47 9.15
N GLY A 256 -5.56 8.59 10.13
CA GLY A 256 -5.14 7.21 9.97
C GLY A 256 -6.13 6.25 9.33
N HIS A 257 -7.23 6.77 8.79
CA HIS A 257 -8.27 5.94 8.20
C HIS A 257 -8.26 5.83 6.67
N HIS A 258 -7.12 6.10 6.05
CA HIS A 258 -7.05 6.06 4.59
C HIS A 258 -6.13 4.99 4.03
N ALA A 259 -6.35 4.66 2.75
CA ALA A 259 -5.55 3.66 2.07
C ALA A 259 -4.10 4.09 1.96
N PRO A 260 -3.19 3.12 1.84
CA PRO A 260 -1.77 3.46 1.73
C PRO A 260 -1.51 4.48 0.61
N ASN A 261 -0.68 5.47 0.91
CA ASN A 261 -0.29 6.50 -0.05
C ASN A 261 -1.36 7.53 -0.43
N THR A 262 -2.52 7.45 0.19
CA THR A 262 -3.60 8.40 -0.09
C THR A 262 -3.14 9.85 0.10
N ASN A 263 -3.57 10.76 -0.76
CA ASN A 263 -3.23 12.16 -0.57
C ASN A 263 -4.37 12.67 0.29
N ILE A 264 -4.15 12.69 1.60
CA ILE A 264 -5.17 13.12 2.55
C ILE A 264 -5.46 14.61 2.51
N GLU A 265 -4.44 15.44 2.35
CA GLU A 265 -4.65 16.87 2.31
C GLU A 265 -5.56 17.27 1.16
N MET A 266 -5.58 16.50 0.07
CA MET A 266 -6.47 16.83 -1.05
C MET A 266 -7.91 16.53 -0.66
N ILE A 267 -8.11 15.46 0.10
CA ILE A 267 -9.46 15.11 0.55
C ILE A 267 -9.99 16.26 1.38
N VAL A 268 -9.13 16.80 2.24
CA VAL A 268 -9.50 17.92 3.08
C VAL A 268 -9.94 19.10 2.20
N ALA A 269 -9.15 19.40 1.17
CA ALA A 269 -9.48 20.49 0.26
C ALA A 269 -10.82 20.27 -0.44
N ARG A 270 -11.06 19.05 -0.91
CA ARG A 270 -12.30 18.72 -1.60
C ARG A 270 -13.52 18.88 -0.70
N LEU A 271 -13.41 18.41 0.54
CA LEU A 271 -14.53 18.54 1.46
C LEU A 271 -14.81 20.00 1.79
N ILE A 272 -13.75 20.81 1.91
CA ILE A 272 -13.93 22.23 2.20
C ILE A 272 -14.63 22.91 1.02
N GLN A 273 -14.23 22.55 -0.19
CA GLN A 273 -14.81 23.16 -1.38
C GLN A 273 -16.33 22.96 -1.43
N PHE A 274 -16.78 21.79 -0.98
CA PHE A 274 -18.19 21.49 -1.00
C PHE A 274 -18.89 21.66 0.35
N GLY A 275 -18.22 22.40 1.23
CA GLY A 275 -18.75 22.69 2.54
C GLY A 275 -19.08 21.53 3.44
N LYS A 276 -18.37 20.43 3.31
CA LYS A 276 -18.65 19.27 4.14
C LYS A 276 -17.50 18.81 5.03
N LEU A 277 -16.56 19.70 5.33
CA LEU A 277 -15.46 19.33 6.22
C LEU A 277 -15.94 19.66 7.64
N GLY A 278 -16.40 18.64 8.35
CA GLY A 278 -16.90 18.84 9.70
C GLY A 278 -15.80 18.99 10.74
N GLY A 279 -14.79 18.14 10.66
CA GLY A 279 -13.71 18.22 11.63
C GLY A 279 -12.64 17.19 11.39
N PHE A 280 -11.67 17.15 12.30
CA PHE A 280 -10.55 16.23 12.21
C PHE A 280 -10.32 15.39 13.44
N HIS A 281 -9.75 14.22 13.22
CA HIS A 281 -9.31 13.33 14.29
C HIS A 281 -7.82 13.26 13.97
N PHE A 282 -7.02 13.88 14.83
CA PHE A 282 -5.58 13.92 14.65
C PHE A 282 -4.85 12.79 15.34
N ASN A 283 -3.82 12.28 14.66
CA ASN A 283 -2.97 11.21 15.13
C ASN A 283 -1.97 10.98 14.01
N ASP A 284 -1.03 10.07 14.20
CA ASP A 284 -0.07 9.76 13.15
C ASP A 284 -0.07 8.25 12.95
N SER A 285 0.53 7.81 11.85
CA SER A 285 0.54 6.40 11.54
C SER A 285 1.57 6.11 10.45
N LYS A 286 1.88 4.83 10.29
CA LYS A 286 2.83 4.41 9.27
C LYS A 286 2.27 3.23 8.48
N TYR A 287 1.47 2.40 9.16
CA TYR A 287 0.91 1.19 8.55
C TYR A 287 -0.61 1.19 8.36
N GLY A 288 -1.35 1.28 9.46
CA GLY A 288 -2.80 1.30 9.38
C GLY A 288 -3.33 2.42 10.27
N ASP A 289 -4.43 2.16 10.98
CA ASP A 289 -4.98 3.16 11.89
C ASP A 289 -4.20 2.98 13.18
N ASP A 290 -2.92 3.31 13.12
CA ASP A 290 -2.00 3.13 14.23
C ASP A 290 -2.27 3.98 15.48
N ASP A 291 -2.93 5.11 15.31
CA ASP A 291 -3.27 5.98 16.43
C ASP A 291 -2.10 6.47 17.27
N LEU A 292 -0.98 6.73 16.60
CA LEU A 292 0.22 7.21 17.27
C LEU A 292 0.15 8.71 17.52
N ASP A 293 1.06 9.23 18.34
CA ASP A 293 1.12 10.65 18.66
C ASP A 293 1.21 11.48 17.38
N ALA A 294 0.36 12.48 17.25
CA ALA A 294 0.35 13.33 16.06
C ALA A 294 1.74 13.86 15.72
N GLY A 295 2.08 13.79 14.43
CA GLY A 295 3.36 14.29 13.96
C GLY A 295 4.61 13.52 14.33
N ALA A 296 4.48 12.44 15.09
CA ALA A 296 5.65 11.67 15.49
C ALA A 296 6.24 10.82 14.36
N ILE A 297 5.47 10.62 13.30
CA ILE A 297 5.92 9.81 12.17
C ILE A 297 6.09 10.63 10.89
N GLU A 298 5.08 11.42 10.54
CA GLU A 298 5.13 12.25 9.34
C GLU A 298 4.71 13.67 9.64
N PRO A 299 5.62 14.44 10.25
CA PRO A 299 5.29 15.83 10.57
C PRO A 299 4.96 16.71 9.36
N TYR A 300 5.56 16.42 8.21
CA TYR A 300 5.29 17.25 7.03
C TYR A 300 3.85 17.10 6.55
N ARG A 301 3.33 15.87 6.60
CA ARG A 301 1.95 15.62 6.18
C ARG A 301 0.98 16.42 7.05
N LEU A 302 1.27 16.49 8.34
CA LEU A 302 0.43 17.23 9.27
C LEU A 302 0.43 18.70 8.87
N PHE A 303 1.60 19.21 8.52
CA PHE A 303 1.74 20.60 8.08
C PHE A 303 0.95 20.82 6.79
N LEU A 304 1.04 19.87 5.87
CA LEU A 304 0.32 19.99 4.59
C LEU A 304 -1.19 20.01 4.77
N VAL A 305 -1.69 19.32 5.80
CA VAL A 305 -3.13 19.33 6.06
C VAL A 305 -3.47 20.73 6.58
N PHE A 306 -2.66 21.25 7.50
CA PHE A 306 -2.92 22.58 8.01
C PHE A 306 -2.76 23.65 6.95
N ASN A 307 -1.93 23.38 5.94
CA ASN A 307 -1.74 24.34 4.87
C ASN A 307 -3.06 24.50 4.13
N GLU A 308 -3.83 23.42 4.00
CA GLU A 308 -5.12 23.48 3.32
C GLU A 308 -6.13 24.24 4.17
N LEU A 309 -6.05 24.08 5.49
CA LEU A 309 -6.96 24.77 6.40
C LEU A 309 -6.71 26.28 6.38
N VAL A 310 -5.45 26.67 6.42
CA VAL A 310 -5.09 28.07 6.41
C VAL A 310 -5.40 28.69 5.04
N ASP A 311 -5.23 27.90 3.97
CA ASP A 311 -5.53 28.42 2.63
C ASP A 311 -7.02 28.73 2.52
N ALA A 312 -7.85 27.89 3.13
CA ALA A 312 -9.29 28.10 3.09
C ALA A 312 -9.61 29.47 3.68
N GLU A 313 -8.94 29.80 4.79
CA GLU A 313 -9.15 31.08 5.44
C GLU A 313 -8.69 32.20 4.51
N ALA A 314 -7.57 31.97 3.84
CA ALA A 314 -7.01 32.94 2.90
C ALA A 314 -7.92 33.17 1.70
N ARG A 315 -8.61 32.11 1.27
CA ARG A 315 -9.52 32.22 0.12
C ARG A 315 -10.85 32.84 0.54
N GLY A 316 -11.02 33.06 1.83
CA GLY A 316 -12.24 33.66 2.33
C GLY A 316 -13.44 32.74 2.44
N VAL A 317 -13.20 31.45 2.67
CA VAL A 317 -14.31 30.52 2.81
C VAL A 317 -15.14 30.94 4.02
N LYS A 318 -16.44 31.09 3.81
CA LYS A 318 -17.35 31.53 4.86
C LYS A 318 -17.90 30.44 5.79
N GLY A 319 -18.10 30.83 7.05
CA GLY A 319 -18.62 29.91 8.04
C GLY A 319 -17.80 28.65 8.19
N PHE A 320 -16.49 28.78 8.05
CA PHE A 320 -15.59 27.64 8.15
C PHE A 320 -15.00 27.51 9.54
N HIS A 321 -15.56 26.60 10.33
CA HIS A 321 -15.08 26.37 11.68
C HIS A 321 -15.00 24.86 11.93
N PRO A 322 -14.07 24.17 11.25
CA PRO A 322 -13.95 22.73 11.45
C PRO A 322 -13.59 22.38 12.89
N ALA A 323 -14.09 21.27 13.38
CA ALA A 323 -13.80 20.84 14.73
C ALA A 323 -12.43 20.16 14.73
N HIS A 324 -11.66 20.37 15.79
CA HIS A 324 -10.34 19.76 15.89
C HIS A 324 -10.29 18.86 17.11
N MET A 325 -9.97 17.59 16.89
CA MET A 325 -9.90 16.63 17.99
C MET A 325 -8.74 15.66 17.83
N ILE A 326 -8.14 15.31 18.97
CA ILE A 326 -7.07 14.34 18.95
C ILE A 326 -7.75 12.99 19.19
N ASN A 327 -7.39 11.99 18.41
CA ASN A 327 -7.95 10.65 18.58
C ASN A 327 -6.75 9.72 18.47
N GLN A 328 -6.19 9.36 19.62
CA GLN A 328 -5.02 8.51 19.66
C GLN A 328 -5.13 7.42 20.72
N SER A 329 -4.18 6.50 20.66
CA SER A 329 -4.10 5.40 21.61
C SER A 329 -2.65 5.41 22.08
N HIS A 330 -2.46 5.47 23.39
CA HIS A 330 -1.12 5.50 23.95
C HIS A 330 -0.82 4.17 24.62
N ASN A 331 -0.10 3.32 23.88
CA ASN A 331 0.20 1.97 24.33
C ASN A 331 1.53 1.78 25.04
N VAL A 332 2.49 2.66 24.77
CA VAL A 332 3.81 2.51 25.38
C VAL A 332 4.40 3.78 25.99
N THR A 333 3.53 4.73 26.35
CA THR A 333 3.96 5.98 26.96
C THR A 333 2.94 6.41 28.00
N ASP A 334 3.29 7.44 28.78
CA ASP A 334 2.37 7.98 29.77
C ASP A 334 1.37 8.75 28.90
N PRO A 335 0.10 8.34 28.90
CA PRO A 335 -0.94 8.99 28.09
C PRO A 335 -0.98 10.51 28.21
N ILE A 336 -0.80 11.01 29.42
CA ILE A 336 -0.82 12.45 29.62
C ILE A 336 0.33 13.14 28.88
N GLU A 337 1.52 12.54 28.92
CA GLU A 337 2.67 13.12 28.23
C GLU A 337 2.50 13.11 26.72
N SER A 338 1.99 12.01 26.18
CA SER A 338 1.79 11.91 24.74
C SER A 338 0.74 12.91 24.26
N LEU A 339 -0.34 13.07 25.02
CA LEU A 339 -1.38 14.03 24.63
C LEU A 339 -0.82 15.44 24.65
N ILE A 340 0.01 15.71 25.65
CA ILE A 340 0.65 17.02 25.77
C ILE A 340 1.49 17.31 24.53
N ASN A 341 2.41 16.42 24.19
CA ASN A 341 3.26 16.64 23.03
C ASN A 341 2.52 16.55 21.71
N SER A 342 1.40 15.83 21.67
CA SER A 342 0.63 15.72 20.44
C SER A 342 -0.09 17.03 20.20
N ALA A 343 -0.62 17.61 21.27
CA ALA A 343 -1.30 18.89 21.16
C ALA A 343 -0.28 19.93 20.72
N ASN A 344 0.95 19.81 21.23
CA ASN A 344 2.02 20.73 20.87
C ASN A 344 2.35 20.61 19.37
N GLU A 345 2.43 19.38 18.88
CA GLU A 345 2.76 19.16 17.48
C GLU A 345 1.68 19.71 16.56
N ILE A 346 0.43 19.62 16.97
CA ILE A 346 -0.66 20.14 16.17
C ILE A 346 -0.56 21.67 16.09
N ARG A 347 -0.24 22.32 17.20
CA ARG A 347 -0.07 23.78 17.18
C ARG A 347 1.17 24.13 16.37
N ARG A 348 2.17 23.24 16.40
CA ARG A 348 3.41 23.48 15.67
C ARG A 348 3.10 23.56 14.16
N ALA A 349 2.37 22.56 13.66
CA ALA A 349 2.03 22.50 12.25
C ALA A 349 1.15 23.70 11.86
N TYR A 350 0.23 24.05 12.74
CA TYR A 350 -0.65 25.18 12.51
C TYR A 350 0.18 26.47 12.40
N ALA A 351 1.08 26.66 13.36
CA ALA A 351 1.93 27.85 13.37
C ALA A 351 2.75 27.95 12.09
N GLN A 352 3.32 26.84 11.66
CA GLN A 352 4.13 26.85 10.44
C GLN A 352 3.26 27.18 9.22
N ALA A 353 2.01 26.69 9.22
CA ALA A 353 1.11 26.96 8.11
C ALA A 353 0.84 28.47 8.03
N LEU A 354 0.77 29.14 9.17
CA LEU A 354 0.53 30.58 9.20
C LEU A 354 1.71 31.37 8.64
N LEU A 355 2.90 30.79 8.68
CA LEU A 355 4.10 31.46 8.20
C LEU A 355 4.26 31.46 6.68
N VAL A 356 3.51 30.61 6.00
CA VAL A 356 3.60 30.53 4.54
C VAL A 356 3.31 31.88 3.87
N ASP A 357 4.21 32.28 2.97
CA ASP A 357 4.03 33.55 2.24
C ASP A 357 3.09 33.21 1.10
N ARG A 358 1.79 33.38 1.34
CA ARG A 358 0.82 33.04 0.33
C ARG A 358 0.75 33.99 -0.85
N ALA A 359 1.28 35.20 -0.66
CA ALA A 359 1.32 36.15 -1.77
C ALA A 359 2.31 35.57 -2.77
N ALA A 360 3.47 35.15 -2.26
CA ALA A 360 4.50 34.57 -3.09
C ALA A 360 4.01 33.24 -3.66
N LEU A 361 3.37 32.44 -2.82
CA LEU A 361 2.88 31.14 -3.27
C LEU A 361 1.90 31.27 -4.43
N SER A 362 0.97 32.22 -4.34
CA SER A 362 -0.01 32.42 -5.40
C SER A 362 0.68 32.75 -6.72
N GLY A 363 1.74 33.55 -6.66
CA GLY A 363 2.46 33.91 -7.87
C GLY A 363 3.15 32.71 -8.48
N TYR A 364 3.79 31.90 -7.64
CA TYR A 364 4.49 30.72 -8.14
C TYR A 364 3.52 29.68 -8.69
N GLN A 365 2.30 29.63 -8.15
CA GLN A 365 1.31 28.68 -8.63
C GLN A 365 0.80 29.13 -10.00
N GLU A 366 0.53 30.43 -10.14
CA GLU A 366 0.03 30.96 -11.40
C GLU A 366 1.05 30.81 -12.53
N ASP A 367 2.33 30.97 -12.20
CA ASP A 367 3.41 30.87 -13.18
C ASP A 367 3.96 29.46 -13.35
N ASN A 368 3.34 28.49 -12.69
CA ASN A 368 3.77 27.10 -12.74
C ASN A 368 5.25 26.92 -12.39
N ASP A 369 5.69 27.64 -11.37
CA ASP A 369 7.06 27.56 -10.89
C ASP A 369 6.98 26.56 -9.73
N ALA A 370 6.91 25.27 -10.06
CA ALA A 370 6.78 24.22 -9.06
C ALA A 370 7.88 24.20 -8.01
N LEU A 371 9.11 24.44 -8.44
CA LEU A 371 10.23 24.43 -7.51
C LEU A 371 10.10 25.51 -6.44
N MET A 372 9.84 26.74 -6.85
CA MET A 372 9.71 27.82 -5.87
C MET A 372 8.42 27.71 -5.07
N ALA A 373 7.39 27.09 -5.66
CA ALA A 373 6.14 26.94 -4.94
C ALA A 373 6.36 26.01 -3.75
N THR A 374 7.02 24.88 -3.99
CA THR A 374 7.26 23.92 -2.92
C THR A 374 8.27 24.47 -1.91
N GLU A 375 9.24 25.25 -2.38
CA GLU A 375 10.23 25.86 -1.50
C GLU A 375 9.54 26.90 -0.62
N THR A 376 8.50 27.54 -1.14
CA THR A 376 7.77 28.54 -0.35
C THR A 376 7.09 27.85 0.84
N LEU A 377 6.58 26.65 0.62
CA LEU A 377 5.95 25.92 1.71
C LEU A 377 7.04 25.45 2.67
N LYS A 378 8.17 25.02 2.13
CA LYS A 378 9.28 24.55 2.96
C LYS A 378 9.90 25.65 3.84
N ARG A 379 9.93 26.88 3.36
CA ARG A 379 10.50 27.96 4.15
C ARG A 379 9.70 28.13 5.45
N ALA A 380 8.41 27.85 5.38
CA ALA A 380 7.55 27.95 6.56
C ALA A 380 7.75 26.72 7.43
N TYR A 381 7.61 25.54 6.82
CA TYR A 381 7.76 24.27 7.53
C TYR A 381 9.11 24.07 8.21
N ARG A 382 10.20 24.51 7.57
CA ARG A 382 11.53 24.36 8.15
C ARG A 382 11.75 25.28 9.35
N THR A 383 10.88 26.26 9.52
CA THR A 383 11.02 27.20 10.63
C THR A 383 10.69 26.55 11.98
N ASP A 384 11.62 26.61 12.92
CA ASP A 384 11.42 26.05 14.24
C ASP A 384 10.56 27.02 15.04
N VAL A 385 9.27 26.72 15.14
CA VAL A 385 8.34 27.59 15.86
C VAL A 385 8.18 27.28 17.35
N GLU A 386 9.02 26.38 17.88
CA GLU A 386 8.93 26.02 19.29
C GLU A 386 8.92 27.25 20.20
N PRO A 387 9.74 28.28 19.90
CA PRO A 387 9.73 29.46 20.77
C PRO A 387 8.35 30.13 20.83
N ILE A 388 7.64 30.09 19.70
CA ILE A 388 6.31 30.69 19.63
C ILE A 388 5.33 29.87 20.47
N LEU A 389 5.40 28.54 20.34
CA LEU A 389 4.53 27.66 21.11
C LEU A 389 4.78 27.83 22.60
N ALA A 390 6.06 27.89 22.99
CA ALA A 390 6.42 28.04 24.39
C ALA A 390 6.00 29.38 24.97
N GLU A 391 6.14 30.45 24.19
CA GLU A 391 5.75 31.78 24.65
C GLU A 391 4.23 31.84 24.79
N ALA A 392 3.52 31.21 23.86
CA ALA A 392 2.07 31.17 23.91
C ALA A 392 1.66 30.52 25.23
N ARG A 393 2.35 29.46 25.62
CA ARG A 393 2.03 28.79 26.87
C ARG A 393 2.36 29.69 28.07
N ARG A 394 3.53 30.32 28.05
CA ARG A 394 3.94 31.19 29.15
C ARG A 394 2.90 32.28 29.43
N ARG A 395 2.45 32.94 28.37
CA ARG A 395 1.47 34.02 28.50
C ARG A 395 0.10 33.59 29.00
N THR A 396 -0.25 32.33 28.75
CA THR A 396 -1.58 31.86 29.13
C THR A 396 -1.67 30.98 30.37
N GLY A 397 -0.59 30.93 31.14
CA GLY A 397 -0.60 30.14 32.37
C GLY A 397 -0.08 28.73 32.22
N GLY A 398 0.45 28.40 31.04
CA GLY A 398 0.98 27.07 30.82
C GLY A 398 2.47 26.97 31.10
N ALA A 399 3.04 25.82 30.75
CA ALA A 399 4.47 25.57 30.97
C ALA A 399 5.31 25.72 29.71
N VAL A 400 6.49 26.31 29.86
CA VAL A 400 7.41 26.49 28.73
C VAL A 400 7.76 25.11 28.16
N ASP A 401 8.02 24.15 29.05
CA ASP A 401 8.31 22.77 28.64
C ASP A 401 7.30 21.95 29.44
N PRO A 402 6.14 21.66 28.83
CA PRO A 402 5.05 20.90 29.45
C PRO A 402 5.40 19.54 30.06
N VAL A 403 6.06 18.68 29.28
CA VAL A 403 6.41 17.37 29.81
C VAL A 403 7.43 17.46 30.95
N ALA A 404 8.42 18.35 30.82
CA ALA A 404 9.41 18.48 31.87
C ALA A 404 8.74 18.93 33.17
N THR A 405 7.79 19.84 33.05
CA THR A 405 7.06 20.35 34.22
C THR A 405 6.18 19.26 34.81
N TYR A 406 5.52 18.50 33.95
CA TYR A 406 4.67 17.39 34.38
C TYR A 406 5.51 16.40 35.20
N ARG A 407 6.70 16.07 34.71
CA ARG A 407 7.56 15.12 35.41
C ARG A 407 8.06 15.72 36.72
N ALA A 408 8.36 17.02 36.72
CA ALA A 408 8.85 17.66 37.94
C ALA A 408 7.77 17.70 39.02
N SER A 409 6.51 17.74 38.60
CA SER A 409 5.39 17.81 39.54
C SER A 409 5.12 16.51 40.32
N GLY A 410 5.52 15.38 39.74
CA GLY A 410 5.30 14.10 40.38
C GLY A 410 3.85 13.67 40.33
N TYR A 411 3.10 14.24 39.39
CA TYR A 411 1.68 13.93 39.23
C TYR A 411 1.36 12.45 39.04
N ARG A 412 2.11 11.78 38.16
CA ARG A 412 1.87 10.37 37.91
C ARG A 412 1.97 9.53 39.19
N ALA A 413 3.03 9.77 39.97
CA ALA A 413 3.21 9.03 41.22
C ALA A 413 2.06 9.34 42.18
N ARG A 414 1.61 10.58 42.17
CA ARG A 414 0.51 11.01 43.04
C ARG A 414 -0.77 10.23 42.73
N VAL A 415 -1.20 10.24 41.47
CA VAL A 415 -2.42 9.53 41.11
C VAL A 415 -2.26 8.01 41.21
N ALA A 416 -1.03 7.53 41.09
CA ALA A 416 -0.78 6.10 41.21
C ALA A 416 -1.11 5.65 42.63
N ALA A 417 -0.82 6.52 43.60
CA ALA A 417 -1.09 6.20 45.00
C ALA A 417 -2.57 6.36 45.35
N GLU A 418 -3.27 7.22 44.63
CA GLU A 418 -4.69 7.47 44.90
C GLU A 418 -5.63 6.49 44.19
N ARG A 419 -5.21 5.98 43.05
CA ARG A 419 -6.04 5.09 42.26
C ARG A 419 -5.69 3.60 42.33
N PRO A 420 -6.69 2.76 42.65
CA PRO A 420 -6.43 1.32 42.74
C PRO A 420 -6.44 0.76 41.32
N ALA A 421 -5.51 -0.16 41.04
CA ALA A 421 -5.45 -0.76 39.72
C ALA A 421 -6.48 -1.88 39.64
N SER A 422 -7.17 -1.99 38.51
CA SER A 422 -8.17 -3.03 38.34
C SER A 422 -7.50 -4.38 38.54
N VAL A 423 -8.20 -5.30 39.19
CA VAL A 423 -7.65 -6.62 39.45
C VAL A 423 -8.31 -7.70 38.60
N ALA A 424 -9.56 -7.48 38.23
CA ALA A 424 -10.29 -8.45 37.41
C ALA A 424 -10.91 -7.79 36.18
N PHE B 4 -16.69 -40.33 18.98
CA PHE B 4 -16.84 -39.43 17.80
C PHE B 4 -17.69 -38.21 18.17
N ARG B 5 -17.11 -37.01 18.01
CA ARG B 5 -17.83 -35.78 18.32
C ARG B 5 -19.11 -35.72 17.50
N ILE B 6 -19.02 -36.12 16.24
CA ILE B 6 -20.17 -36.12 15.35
C ILE B 6 -20.64 -37.56 15.15
N ALA B 7 -21.92 -37.80 15.35
CA ALA B 7 -22.49 -39.15 15.21
C ALA B 7 -22.23 -39.73 13.83
N GLN B 8 -21.75 -40.98 13.82
CA GLN B 8 -21.47 -41.66 12.57
C GLN B 8 -22.66 -41.78 11.63
N ASP B 9 -23.85 -41.97 12.19
CA ASP B 9 -25.06 -42.10 11.38
C ASP B 9 -25.37 -40.82 10.61
N VAL B 10 -25.03 -39.67 11.20
CA VAL B 10 -25.27 -38.39 10.55
C VAL B 10 -24.30 -38.23 9.38
N VAL B 11 -23.04 -38.60 9.61
CA VAL B 11 -22.03 -38.51 8.57
C VAL B 11 -22.42 -39.42 7.40
N ALA B 12 -22.78 -40.66 7.72
CA ALA B 12 -23.18 -41.62 6.70
C ALA B 12 -24.40 -41.13 5.93
N ARG B 13 -25.39 -40.59 6.66
CA ARG B 13 -26.61 -40.09 6.04
C ARG B 13 -26.37 -38.91 5.11
N GLU B 14 -25.55 -37.95 5.56
CA GLU B 14 -25.27 -36.79 4.73
C GLU B 14 -24.36 -37.10 3.57
N ASN B 15 -23.63 -38.21 3.65
CA ASN B 15 -22.75 -38.62 2.55
C ASN B 15 -23.58 -39.30 1.47
N ASP B 16 -24.46 -40.22 1.89
CA ASP B 16 -25.31 -40.94 0.96
C ASP B 16 -26.22 -39.97 0.20
N ARG B 17 -26.65 -38.91 0.89
CA ARG B 17 -27.52 -37.91 0.29
C ARG B 17 -26.84 -37.21 -0.89
N ARG B 18 -25.52 -37.14 -0.85
CA ARG B 18 -24.76 -36.45 -1.90
C ARG B 18 -23.88 -37.38 -2.73
N ALA B 19 -23.95 -38.67 -2.46
CA ALA B 19 -23.13 -39.65 -3.17
C ALA B 19 -23.35 -39.70 -4.68
N SER B 20 -24.60 -39.72 -5.11
CA SER B 20 -24.89 -39.79 -6.55
C SER B 20 -24.28 -38.64 -7.35
N ALA B 21 -24.53 -37.41 -6.91
CA ALA B 21 -23.98 -36.25 -7.61
C ALA B 21 -22.45 -36.29 -7.60
N LEU B 22 -21.87 -36.71 -6.48
CA LEU B 22 -20.41 -36.78 -6.38
C LEU B 22 -19.86 -37.79 -7.38
N LYS B 23 -20.51 -38.94 -7.48
CA LYS B 23 -20.07 -39.96 -8.42
C LYS B 23 -20.04 -39.36 -9.81
N GLU B 24 -21.10 -38.65 -10.17
CA GLU B 24 -21.19 -38.02 -11.48
C GLU B 24 -20.07 -37.01 -11.70
N ASP B 25 -19.89 -36.11 -10.73
CA ASP B 25 -18.85 -35.09 -10.86
C ASP B 25 -17.43 -35.63 -10.84
N TYR B 26 -17.18 -36.64 -10.01
CA TYR B 26 -15.85 -37.22 -9.91
C TYR B 26 -15.47 -37.95 -11.20
N GLU B 27 -16.44 -38.67 -11.77
CA GLU B 27 -16.19 -39.40 -13.01
C GLU B 27 -15.98 -38.42 -14.16
N ALA B 28 -16.80 -37.36 -14.19
CA ALA B 28 -16.68 -36.35 -15.23
C ALA B 28 -15.30 -35.69 -15.15
N LEU B 29 -14.88 -35.31 -13.96
CA LEU B 29 -13.56 -34.70 -13.80
C LEU B 29 -12.45 -35.70 -14.13
N GLY B 30 -12.66 -36.95 -13.76
CA GLY B 30 -11.67 -37.97 -14.05
C GLY B 30 -11.44 -38.12 -15.54
N ALA B 31 -12.53 -38.04 -16.30
CA ALA B 31 -12.46 -38.16 -17.76
C ALA B 31 -11.77 -36.95 -18.37
N ASN B 32 -12.13 -35.76 -17.88
CA ASN B 32 -11.53 -34.54 -18.39
C ASN B 32 -10.03 -34.52 -18.11
N LEU B 33 -9.63 -34.95 -16.92
CA LEU B 33 -8.22 -35.00 -16.57
C LEU B 33 -7.48 -36.05 -17.40
N ALA B 34 -8.17 -37.14 -17.73
CA ALA B 34 -7.57 -38.19 -18.52
C ALA B 34 -7.26 -37.68 -19.93
N ARG B 35 -8.16 -36.88 -20.48
CA ARG B 35 -7.95 -36.30 -21.81
C ARG B 35 -6.77 -35.33 -21.74
N ARG B 36 -6.44 -34.92 -20.53
CA ARG B 36 -5.34 -33.99 -20.30
C ARG B 36 -4.07 -34.73 -19.85
N GLY B 37 -4.13 -36.06 -19.90
CA GLY B 37 -2.99 -36.86 -19.52
C GLY B 37 -2.72 -36.94 -18.02
N VAL B 38 -3.76 -36.70 -17.22
CA VAL B 38 -3.62 -36.73 -15.76
C VAL B 38 -4.50 -37.81 -15.15
N ASP B 39 -3.93 -38.56 -14.20
CA ASP B 39 -4.67 -39.61 -13.51
C ASP B 39 -5.25 -39.05 -12.22
N ILE B 40 -6.56 -38.84 -12.21
CA ILE B 40 -7.25 -38.28 -11.07
C ILE B 40 -6.96 -39.04 -9.76
N GLU B 41 -6.75 -40.35 -9.86
CA GLU B 41 -6.46 -41.15 -8.68
C GLU B 41 -5.15 -40.79 -8.00
N ALA B 42 -4.15 -40.43 -8.80
CA ALA B 42 -2.85 -40.05 -8.27
C ALA B 42 -3.00 -38.75 -7.48
N VAL B 43 -3.87 -37.86 -7.96
CA VAL B 43 -4.11 -36.59 -7.29
C VAL B 43 -4.86 -36.80 -6.00
N THR B 44 -5.94 -37.58 -6.06
CA THR B 44 -6.75 -37.86 -4.88
C THR B 44 -5.93 -38.51 -3.78
N ALA B 45 -5.07 -39.47 -4.15
CA ALA B 45 -4.24 -40.15 -3.17
C ALA B 45 -3.34 -39.17 -2.41
N LYS B 46 -2.85 -38.15 -3.11
CA LYS B 46 -1.98 -37.16 -2.49
C LYS B 46 -2.78 -36.17 -1.64
N VAL B 47 -3.94 -35.77 -2.14
CA VAL B 47 -4.81 -34.85 -1.41
C VAL B 47 -5.21 -35.46 -0.08
N GLU B 48 -5.50 -36.76 -0.10
CA GLU B 48 -5.89 -37.50 1.10
C GLU B 48 -4.85 -37.43 2.21
N LYS B 49 -3.60 -37.19 1.82
CA LYS B 49 -2.52 -37.13 2.79
C LYS B 49 -1.99 -35.74 3.07
N PHE B 50 -2.64 -34.71 2.54
CA PHE B 50 -2.17 -33.36 2.81
C PHE B 50 -2.80 -32.88 4.11
N PHE B 51 -1.96 -32.56 5.08
CA PHE B 51 -2.48 -32.11 6.36
C PHE B 51 -2.01 -30.71 6.72
N VAL B 52 -2.84 -30.01 7.49
CA VAL B 52 -2.53 -28.67 7.96
C VAL B 52 -2.98 -28.61 9.42
N ALA B 53 -2.12 -28.09 10.29
CA ALA B 53 -2.44 -28.02 11.70
C ALA B 53 -3.47 -26.95 12.01
N VAL B 54 -4.33 -27.23 12.99
CA VAL B 54 -5.36 -26.27 13.39
C VAL B 54 -4.93 -25.64 14.70
N PRO B 55 -5.09 -24.30 14.82
CA PRO B 55 -4.70 -23.60 16.05
C PRO B 55 -5.74 -23.84 17.13
N SER B 56 -5.29 -24.24 18.31
CA SER B 56 -6.23 -24.51 19.41
C SER B 56 -7.08 -23.28 19.68
N TRP B 57 -6.47 -22.11 19.59
CA TRP B 57 -7.16 -20.85 19.84
C TRP B 57 -8.10 -20.45 18.70
N GLY B 58 -8.01 -21.15 17.58
CA GLY B 58 -8.84 -20.83 16.44
C GLY B 58 -10.29 -21.27 16.53
N VAL B 59 -10.63 -22.17 17.44
CA VAL B 59 -12.01 -22.63 17.55
C VAL B 59 -12.85 -21.72 18.44
N GLY B 60 -12.21 -20.72 19.03
CA GLY B 60 -12.93 -19.76 19.84
C GLY B 60 -13.17 -18.56 18.97
N THR B 61 -14.20 -17.77 19.24
CA THR B 61 -14.47 -16.59 18.43
C THR B 61 -13.39 -15.54 18.68
N GLY B 62 -12.88 -14.95 17.59
CA GLY B 62 -11.86 -13.93 17.73
C GLY B 62 -12.46 -12.54 17.73
N GLY B 63 -11.63 -11.53 17.94
CA GLY B 63 -12.12 -10.17 17.97
C GLY B 63 -11.06 -9.16 17.57
N THR B 64 -11.40 -7.89 17.64
CA THR B 64 -10.48 -6.81 17.29
C THR B 64 -10.25 -5.99 18.56
N ARG B 65 -9.46 -4.93 18.46
CA ARG B 65 -9.22 -4.11 19.64
C ARG B 65 -10.47 -3.33 20.05
N PHE B 66 -11.46 -3.28 19.17
CA PHE B 66 -12.69 -2.56 19.45
C PHE B 66 -13.75 -3.41 20.14
N ALA B 67 -13.79 -4.71 19.83
CA ALA B 67 -14.77 -5.58 20.45
C ALA B 67 -14.64 -7.04 20.06
N ARG B 68 -15.27 -7.90 20.85
CA ARG B 68 -15.28 -9.34 20.60
C ARG B 68 -16.74 -9.75 20.80
N PHE B 69 -17.31 -10.42 19.81
CA PHE B 69 -18.70 -10.85 19.86
C PHE B 69 -18.78 -12.37 19.86
N PRO B 70 -18.62 -12.99 21.04
CA PRO B 70 -18.67 -14.45 21.16
C PRO B 70 -19.97 -15.07 20.67
N GLY B 71 -19.87 -16.28 20.13
CA GLY B 71 -21.04 -16.99 19.66
C GLY B 71 -21.49 -17.92 20.78
N THR B 72 -22.36 -18.87 20.48
CA THR B 72 -22.83 -19.79 21.51
C THR B 72 -21.86 -20.95 21.67
N GLY B 73 -21.90 -21.58 22.83
CA GLY B 73 -21.03 -22.71 23.09
C GLY B 73 -19.56 -22.45 22.89
N GLU B 74 -19.09 -21.29 23.32
CA GLU B 74 -17.68 -20.93 23.19
C GLU B 74 -16.82 -21.89 23.99
N PRO B 75 -15.80 -22.48 23.35
CA PRO B 75 -14.94 -23.39 24.10
C PRO B 75 -14.02 -22.58 25.00
N ARG B 76 -13.91 -22.99 26.27
CA ARG B 76 -13.05 -22.28 27.20
C ARG B 76 -12.15 -23.29 27.89
N GLY B 77 -10.86 -23.15 27.67
CA GLY B 77 -9.90 -24.08 28.23
C GLY B 77 -9.48 -24.96 27.07
N ILE B 78 -8.28 -25.52 27.15
CA ILE B 78 -7.77 -26.37 26.08
C ILE B 78 -8.58 -27.64 25.86
N PHE B 79 -9.21 -28.17 26.91
CA PHE B 79 -10.00 -29.39 26.74
C PHE B 79 -11.23 -29.16 25.86
N ASP B 80 -11.94 -28.06 26.10
CA ASP B 80 -13.11 -27.75 25.27
C ASP B 80 -12.63 -27.51 23.84
N LYS B 81 -11.49 -26.85 23.72
CA LYS B 81 -10.93 -26.53 22.40
C LYS B 81 -10.54 -27.78 21.62
N LEU B 82 -9.90 -28.74 22.28
CA LEU B 82 -9.52 -29.98 21.60
C LEU B 82 -10.77 -30.71 21.13
N ASP B 83 -11.82 -30.68 21.94
CA ASP B 83 -13.07 -31.35 21.57
C ASP B 83 -13.61 -30.77 20.26
N ASP B 84 -13.52 -29.45 20.11
CA ASP B 84 -14.01 -28.81 18.90
C ASP B 84 -13.08 -29.06 17.72
N CYS B 85 -11.77 -29.09 17.99
CA CYS B 85 -10.80 -29.35 16.93
C CYS B 85 -11.04 -30.74 16.35
N ALA B 86 -11.45 -31.68 17.22
CA ALA B 86 -11.70 -33.05 16.79
C ALA B 86 -12.81 -33.11 15.73
N VAL B 87 -13.76 -32.19 15.82
CA VAL B 87 -14.86 -32.13 14.86
C VAL B 87 -14.31 -31.81 13.48
N ILE B 88 -13.40 -30.83 13.42
CA ILE B 88 -12.80 -30.41 12.17
C ILE B 88 -12.05 -31.57 11.51
N GLN B 89 -11.29 -32.30 12.31
CA GLN B 89 -10.53 -33.44 11.80
C GLN B 89 -11.44 -34.58 11.35
N GLN B 90 -12.46 -34.87 12.15
CA GLN B 90 -13.39 -35.94 11.81
C GLN B 90 -14.08 -35.69 10.47
N LEU B 91 -14.51 -34.46 10.23
CA LEU B 91 -15.22 -34.12 9.01
C LEU B 91 -14.37 -33.81 7.78
N THR B 92 -13.19 -33.22 7.97
CA THR B 92 -12.32 -32.89 6.84
C THR B 92 -11.19 -33.90 6.64
N ARG B 93 -10.76 -34.54 7.73
CA ARG B 93 -9.66 -35.50 7.70
C ARG B 93 -8.38 -34.85 7.22
N ALA B 94 -8.33 -33.52 7.28
CA ALA B 94 -7.15 -32.77 6.83
C ALA B 94 -6.45 -32.05 7.97
N THR B 95 -6.97 -32.21 9.18
CA THR B 95 -6.40 -31.54 10.33
C THR B 95 -6.16 -32.45 11.53
N PRO B 96 -5.33 -33.49 11.36
CA PRO B 96 -5.03 -34.43 12.43
C PRO B 96 -4.22 -33.86 13.60
N ASN B 97 -3.54 -32.73 13.39
CA ASN B 97 -2.74 -32.15 14.46
C ASN B 97 -3.17 -30.76 14.89
N VAL B 98 -3.00 -30.49 16.18
CA VAL B 98 -3.34 -29.20 16.76
C VAL B 98 -2.09 -28.49 17.27
N SER B 99 -2.06 -27.17 17.12
CA SER B 99 -0.94 -26.36 17.60
C SER B 99 -1.39 -25.72 18.90
N LEU B 100 -0.56 -25.85 19.93
CA LEU B 100 -0.88 -25.26 21.23
C LEU B 100 -0.19 -23.93 21.41
N HIS B 101 -0.77 -23.09 22.26
CA HIS B 101 -0.21 -21.77 22.55
C HIS B 101 -0.09 -21.72 24.07
N ILE B 102 1.12 -21.43 24.56
CA ILE B 102 1.39 -21.36 25.99
C ILE B 102 1.58 -19.90 26.37
N PRO B 103 1.07 -19.47 27.54
CA PRO B 103 0.31 -20.21 28.56
C PRO B 103 -1.20 -20.40 28.39
N TRP B 104 -1.78 -19.97 27.27
CA TRP B 104 -3.22 -20.14 27.10
C TRP B 104 -3.66 -21.59 27.32
N ASP B 105 -2.89 -22.52 26.74
CA ASP B 105 -3.23 -23.93 26.85
C ASP B 105 -2.50 -24.72 27.93
N LYS B 106 -2.09 -24.03 28.99
CA LYS B 106 -1.38 -24.71 30.07
C LYS B 106 -2.26 -25.78 30.71
N ALA B 107 -1.69 -26.97 30.86
CA ALA B 107 -2.38 -28.11 31.46
C ALA B 107 -1.35 -29.22 31.64
N ASP B 108 -1.71 -30.27 32.37
CA ASP B 108 -0.78 -31.37 32.59
C ASP B 108 -0.49 -32.03 31.25
N PRO B 109 0.79 -32.07 30.83
CA PRO B 109 1.15 -32.69 29.56
C PRO B 109 0.57 -34.09 29.37
N LYS B 110 0.68 -34.93 30.39
CA LYS B 110 0.15 -36.29 30.29
C LYS B 110 -1.34 -36.27 29.98
N GLU B 111 -2.06 -35.33 30.58
CA GLU B 111 -3.50 -35.21 30.35
C GLU B 111 -3.81 -34.72 28.95
N LEU B 112 -2.99 -33.79 28.45
CA LEU B 112 -3.18 -33.26 27.12
C LEU B 112 -2.95 -34.36 26.10
N LYS B 113 -1.83 -35.06 26.26
CA LYS B 113 -1.47 -36.14 25.36
C LYS B 113 -2.57 -37.20 25.37
N ALA B 114 -3.08 -37.49 26.56
CA ALA B 114 -4.14 -38.48 26.72
C ALA B 114 -5.41 -38.07 26.00
N ARG B 115 -5.78 -36.79 26.12
CA ARG B 115 -6.99 -36.30 25.47
C ARG B 115 -6.79 -36.27 23.96
N GLY B 116 -5.60 -35.91 23.53
CA GLY B 116 -5.30 -35.88 22.11
C GLY B 116 -5.46 -37.27 21.53
N ASP B 117 -4.83 -38.25 22.15
CA ASP B 117 -4.91 -39.63 21.68
C ASP B 117 -6.36 -40.13 21.64
N ALA B 118 -7.14 -39.74 22.65
CA ALA B 118 -8.54 -40.15 22.72
C ALA B 118 -9.41 -39.57 21.61
N LEU B 119 -9.05 -38.37 21.16
CA LEU B 119 -9.81 -37.70 20.11
C LEU B 119 -9.26 -37.96 18.71
N GLY B 120 -8.10 -38.62 18.63
CA GLY B 120 -7.50 -38.90 17.35
C GLY B 120 -6.76 -37.68 16.83
N LEU B 121 -6.19 -36.92 17.76
CA LEU B 121 -5.47 -35.70 17.43
C LEU B 121 -4.03 -35.72 17.92
N GLY B 122 -3.13 -35.22 17.08
CA GLY B 122 -1.73 -35.14 17.45
C GLY B 122 -1.40 -33.69 17.72
N PHE B 123 -0.15 -33.38 18.00
CA PHE B 123 0.24 -32.00 18.29
C PHE B 123 1.35 -31.51 17.38
N ASP B 124 1.13 -30.34 16.79
CA ASP B 124 2.10 -29.73 15.89
C ASP B 124 3.01 -28.81 16.70
N ALA B 125 3.61 -27.83 16.03
CA ALA B 125 4.51 -26.90 16.67
C ALA B 125 3.92 -26.18 17.88
N MET B 126 4.76 -25.98 18.88
CA MET B 126 4.37 -25.26 20.09
C MET B 126 4.49 -23.77 19.76
N ASN B 127 3.70 -22.95 20.44
CA ASN B 127 3.74 -21.50 20.23
C ASN B 127 3.96 -20.83 21.58
N SER B 128 5.03 -20.06 21.69
CA SER B 128 5.34 -19.33 22.92
C SER B 128 4.60 -18.00 22.89
N ASN B 129 4.42 -17.41 24.06
CA ASN B 129 3.71 -16.14 24.19
C ASN B 129 4.45 -15.14 25.05
N THR B 130 5.23 -14.26 24.43
CA THR B 130 5.90 -13.20 25.19
C THR B 130 5.49 -11.86 24.58
N PHE B 131 4.24 -11.80 24.14
CA PHE B 131 3.67 -10.58 23.57
C PHE B 131 2.51 -10.08 24.43
N SER B 132 2.39 -10.68 25.62
CA SER B 132 1.36 -10.33 26.59
C SER B 132 1.87 -10.74 27.97
N ASP B 133 1.34 -10.11 29.02
CA ASP B 133 1.76 -10.42 30.37
C ASP B 133 0.80 -11.36 31.08
N ALA B 134 1.35 -12.39 31.72
CA ALA B 134 0.54 -13.33 32.48
C ALA B 134 0.55 -12.85 33.93
N PRO B 135 -0.51 -13.14 34.70
CA PRO B 135 -0.55 -12.70 36.10
C PRO B 135 0.62 -13.24 36.92
N GLY B 136 1.13 -12.40 37.83
CA GLY B 136 2.23 -12.81 38.68
C GLY B 136 3.60 -12.77 38.01
N GLN B 137 3.61 -12.36 36.75
CA GLN B 137 4.84 -12.27 35.97
C GLN B 137 5.81 -11.28 36.61
N ALA B 138 7.06 -11.68 36.76
CA ALA B 138 8.07 -10.82 37.38
C ALA B 138 8.45 -9.61 36.54
N HIS B 139 8.54 -9.81 35.22
CA HIS B 139 8.91 -8.72 34.32
C HIS B 139 7.90 -8.57 33.19
N SER B 140 7.48 -7.32 32.94
CA SER B 140 6.52 -7.03 31.89
C SER B 140 7.14 -7.02 30.50
N TYR B 141 6.35 -7.41 29.51
CA TYR B 141 6.82 -7.42 28.13
C TYR B 141 6.34 -6.18 27.38
N LYS B 142 5.89 -5.18 28.13
CA LYS B 142 5.40 -3.94 27.54
C LYS B 142 6.38 -3.35 26.51
N TYR B 143 7.66 -3.33 26.86
CA TYR B 143 8.68 -2.79 25.97
C TYR B 143 9.51 -3.85 25.25
N GLY B 144 8.97 -5.06 25.19
CA GLY B 144 9.70 -6.12 24.50
C GLY B 144 9.87 -7.35 25.37
N SER B 145 10.47 -8.38 24.79
CA SER B 145 10.69 -9.62 25.49
C SER B 145 12.09 -10.16 25.22
N LEU B 146 12.25 -10.93 24.15
CA LEU B 146 13.56 -11.48 23.80
C LEU B 146 14.58 -10.40 23.43
N SER B 147 14.10 -9.22 23.04
CA SER B 147 14.98 -8.13 22.68
C SER B 147 14.87 -6.94 23.63
N HIS B 148 14.20 -7.15 24.77
CA HIS B 148 14.02 -6.10 25.78
C HIS B 148 15.40 -5.62 26.24
N THR B 149 15.52 -4.34 26.58
CA THR B 149 16.81 -3.82 27.03
C THR B 149 17.24 -4.38 28.38
N ASN B 150 16.28 -4.84 29.18
CA ASN B 150 16.55 -5.39 30.52
C ASN B 150 16.92 -6.87 30.45
N ALA B 151 18.13 -7.19 30.91
CA ALA B 151 18.63 -8.57 30.88
C ALA B 151 17.71 -9.59 31.54
N ALA B 152 17.16 -9.25 32.70
CA ALA B 152 16.28 -10.16 33.43
C ALA B 152 15.00 -10.47 32.65
N THR B 153 14.53 -9.50 31.87
CA THR B 153 13.33 -9.69 31.08
C THR B 153 13.61 -10.65 29.94
N ARG B 154 14.77 -10.51 29.31
CA ARG B 154 15.14 -11.38 28.22
C ARG B 154 15.27 -12.81 28.75
N ALA B 155 15.90 -12.95 29.92
CA ALA B 155 16.10 -14.26 30.54
C ALA B 155 14.76 -14.91 30.83
N GLN B 156 13.80 -14.11 31.29
CA GLN B 156 12.47 -14.62 31.59
C GLN B 156 11.79 -15.13 30.32
N ALA B 157 11.96 -14.38 29.24
CA ALA B 157 11.38 -14.76 27.96
C ALA B 157 12.03 -16.04 27.44
N VAL B 158 13.35 -16.15 27.61
CA VAL B 158 14.06 -17.35 27.16
C VAL B 158 13.57 -18.56 27.94
N GLU B 159 13.48 -18.43 29.25
CA GLU B 159 13.02 -19.54 30.09
C GLU B 159 11.62 -19.96 29.71
N HIS B 160 10.75 -19.01 29.37
CA HIS B 160 9.39 -19.34 28.97
C HIS B 160 9.39 -20.21 27.72
N ASN B 161 10.22 -19.83 26.75
CA ASN B 161 10.32 -20.60 25.51
C ASN B 161 10.88 -22.00 25.76
N LEU B 162 11.84 -22.11 26.67
CA LEU B 162 12.41 -23.41 26.98
C LEU B 162 11.33 -24.28 27.61
N GLU B 163 10.46 -23.67 28.40
CA GLU B 163 9.38 -24.40 29.04
C GLU B 163 8.42 -24.92 27.97
N CYS B 164 8.22 -24.12 26.92
CA CYS B 164 7.33 -24.53 25.83
C CYS B 164 7.90 -25.78 25.16
N ILE B 165 9.22 -25.85 25.09
CA ILE B 165 9.88 -27.00 24.48
C ILE B 165 9.67 -28.23 25.36
N GLU B 166 9.76 -28.05 26.67
CA GLU B 166 9.56 -29.18 27.58
C GLU B 166 8.14 -29.74 27.45
N ILE B 167 7.16 -28.84 27.37
CA ILE B 167 5.77 -29.26 27.22
C ILE B 167 5.62 -29.98 25.89
N GLY B 168 6.23 -29.42 24.85
CA GLY B 168 6.14 -30.03 23.54
C GLY B 168 6.73 -31.43 23.50
N LYS B 169 7.89 -31.60 24.14
CA LYS B 169 8.53 -32.91 24.14
C LYS B 169 7.64 -33.97 24.80
N ALA B 170 6.86 -33.56 25.79
CA ALA B 170 5.99 -34.47 26.50
C ALA B 170 4.72 -34.86 25.75
N ILE B 171 4.32 -34.08 24.75
CA ILE B 171 3.10 -34.38 24.01
C ILE B 171 3.28 -34.84 22.56
N GLY B 172 4.51 -34.82 22.05
CA GLY B 172 4.74 -35.26 20.69
C GLY B 172 5.08 -34.17 19.69
N SER B 173 5.21 -32.94 20.16
CA SER B 173 5.55 -31.82 19.29
C SER B 173 7.02 -31.94 18.88
N LYS B 174 7.38 -31.34 17.75
CA LYS B 174 8.75 -31.40 17.26
C LYS B 174 9.26 -30.04 16.78
N ALA B 175 8.63 -28.96 17.24
CA ALA B 175 9.07 -27.63 16.82
C ALA B 175 8.49 -26.55 17.72
N LEU B 176 9.16 -25.41 17.74
CA LEU B 176 8.73 -24.26 18.51
C LEU B 176 8.68 -23.07 17.58
N THR B 177 7.51 -22.43 17.52
CA THR B 177 7.34 -21.24 16.69
C THR B 177 7.46 -20.04 17.61
N VAL B 178 8.31 -19.09 17.23
CA VAL B 178 8.52 -17.89 18.02
C VAL B 178 8.10 -16.63 17.28
N TRP B 179 6.98 -16.06 17.70
CA TRP B 179 6.50 -14.80 17.13
C TRP B 179 6.39 -13.86 18.31
N ILE B 180 7.03 -12.71 18.23
CA ILE B 180 6.95 -11.74 19.31
C ILE B 180 6.50 -10.39 18.74
N GLY B 181 6.05 -9.51 19.64
CA GLY B 181 5.59 -8.21 19.20
C GLY B 181 6.68 -7.16 19.25
N ASP B 182 7.83 -7.55 19.80
CA ASP B 182 8.99 -6.67 19.95
C ASP B 182 9.19 -5.69 18.80
N GLY B 183 9.28 -4.42 19.15
CA GLY B 183 9.47 -3.37 18.17
C GLY B 183 9.34 -2.02 18.86
N SER B 184 9.02 -0.99 18.10
CA SER B 184 8.86 0.34 18.66
C SER B 184 7.70 1.04 17.99
N ASN B 185 7.12 2.02 18.68
CA ASN B 185 6.01 2.79 18.13
C ASN B 185 6.47 4.19 17.75
N PHE B 186 7.71 4.53 18.10
CA PHE B 186 8.26 5.85 17.80
C PHE B 186 9.69 5.84 17.32
N PRO B 187 10.02 6.70 16.34
CA PRO B 187 11.40 6.74 15.84
C PRO B 187 12.28 7.09 17.03
N GLY B 188 13.43 6.43 17.15
CA GLY B 188 14.32 6.73 18.27
C GLY B 188 14.09 5.89 19.51
N GLN B 189 12.87 5.40 19.70
CA GLN B 189 12.56 4.59 20.88
C GLN B 189 13.50 3.40 21.01
N SER B 190 13.77 2.75 19.89
CA SER B 190 14.65 1.58 19.86
C SER B 190 15.83 1.82 18.94
N ASN B 191 16.94 1.17 19.24
CA ASN B 191 18.11 1.26 18.36
C ASN B 191 17.93 -0.04 17.57
N PHE B 192 17.59 0.09 16.30
CA PHE B 192 17.35 -1.08 15.45
C PHE B 192 18.38 -2.19 15.57
N THR B 193 19.65 -1.83 15.43
CA THR B 193 20.72 -2.80 15.50
C THR B 193 20.91 -3.44 16.87
N ARG B 194 20.91 -2.64 17.93
CA ARG B 194 21.09 -3.21 19.25
C ARG B 194 19.93 -4.13 19.64
N ALA B 195 18.71 -3.74 19.30
CA ALA B 195 17.56 -4.58 19.62
C ALA B 195 17.67 -5.93 18.92
N PHE B 196 18.12 -5.93 17.67
CA PHE B 196 18.28 -7.18 16.91
C PHE B 196 19.42 -8.01 17.49
N GLU B 197 20.47 -7.34 17.96
CA GLU B 197 21.60 -8.06 18.56
C GLU B 197 21.13 -8.79 19.81
N ARG B 198 20.31 -8.12 20.62
CA ARG B 198 19.78 -8.73 21.84
C ARG B 198 18.89 -9.91 21.48
N TYR B 199 18.06 -9.75 20.46
CA TYR B 199 17.17 -10.81 20.00
C TYR B 199 17.96 -12.04 19.56
N LEU B 200 18.99 -11.82 18.75
CA LEU B 200 19.82 -12.92 18.26
C LEU B 200 20.49 -13.68 19.40
N SER B 201 20.97 -12.94 20.41
CA SER B 201 21.63 -13.58 21.55
C SER B 201 20.64 -14.40 22.35
N ALA B 202 19.43 -13.88 22.55
CA ALA B 202 18.40 -14.59 23.30
C ALA B 202 17.94 -15.83 22.54
N MET B 203 17.77 -15.70 21.23
CA MET B 203 17.32 -16.84 20.42
C MET B 203 18.39 -17.93 20.39
N ALA B 204 19.65 -17.55 20.53
CA ALA B 204 20.74 -18.52 20.54
C ALA B 204 20.59 -19.40 21.78
N GLU B 205 20.12 -18.81 22.86
CA GLU B 205 19.94 -19.57 24.11
C GLU B 205 18.78 -20.56 23.96
N ILE B 206 17.74 -20.16 23.25
CA ILE B 206 16.59 -21.05 23.05
C ILE B 206 17.02 -22.18 22.12
N TYR B 207 17.83 -21.85 21.12
CA TYR B 207 18.32 -22.84 20.16
C TYR B 207 19.06 -23.96 20.89
N LYS B 208 19.85 -23.61 21.90
CA LYS B 208 20.61 -24.60 22.66
C LYS B 208 19.72 -25.64 23.34
N GLY B 209 18.46 -25.28 23.59
CA GLY B 209 17.55 -26.20 24.25
C GLY B 209 16.77 -27.11 23.31
N LEU B 210 17.04 -27.01 22.02
CA LEU B 210 16.37 -27.83 21.02
C LEU B 210 16.88 -29.25 20.89
N PRO B 211 15.97 -30.24 20.95
CA PRO B 211 16.41 -31.63 20.82
C PRO B 211 16.97 -31.80 19.41
N ASP B 212 17.65 -32.92 19.15
CA ASP B 212 18.25 -33.17 17.84
C ASP B 212 17.25 -33.12 16.68
N ASP B 213 16.06 -33.63 16.91
CA ASP B 213 15.03 -33.70 15.86
C ASP B 213 13.98 -32.58 15.91
N TRP B 214 14.31 -31.48 16.57
CA TRP B 214 13.39 -30.35 16.67
C TRP B 214 13.80 -29.20 15.75
N LYS B 215 12.83 -28.35 15.44
CA LYS B 215 13.06 -27.19 14.60
C LYS B 215 12.61 -25.96 15.37
N LEU B 216 13.24 -24.83 15.09
CA LEU B 216 12.89 -23.56 15.72
C LEU B 216 12.46 -22.63 14.59
N PHE B 217 11.20 -22.20 14.63
CA PHE B 217 10.66 -21.33 13.59
C PHE B 217 10.50 -19.89 14.07
N SER B 218 11.18 -18.95 13.43
CA SER B 218 11.01 -17.54 13.77
C SER B 218 10.03 -17.00 12.74
N GLU B 219 9.11 -16.14 13.18
CA GLU B 219 8.08 -15.59 12.29
C GLU B 219 8.15 -14.07 12.14
N HIS B 220 8.27 -13.60 10.90
CA HIS B 220 8.33 -12.16 10.66
C HIS B 220 6.94 -11.55 10.53
N LYS B 221 6.85 -10.25 10.80
CA LYS B 221 5.60 -9.51 10.71
C LYS B 221 5.94 -8.04 10.53
N MET B 222 5.38 -7.41 9.50
CA MET B 222 5.68 -6.00 9.23
C MET B 222 5.34 -5.06 10.37
N TYR B 223 4.14 -5.22 10.93
CA TYR B 223 3.71 -4.37 12.03
C TYR B 223 2.57 -5.03 12.81
N GLU B 224 2.24 -4.42 13.95
CA GLU B 224 1.20 -4.87 14.87
C GLU B 224 1.70 -6.05 15.71
N PRO B 225 1.82 -5.86 17.04
CA PRO B 225 1.52 -4.67 17.84
C PRO B 225 2.40 -3.43 17.75
N ALA B 226 3.59 -3.52 17.15
CA ALA B 226 4.47 -2.35 17.03
C ALA B 226 4.07 -1.59 15.78
N PHE B 227 3.89 -0.28 15.92
CA PHE B 227 3.45 0.52 14.79
C PHE B 227 4.44 1.47 14.10
N TYR B 228 5.72 1.33 14.42
CA TYR B 228 6.77 2.11 13.76
C TYR B 228 7.80 1.12 13.22
N SER B 229 8.37 0.32 14.10
CA SER B 229 9.32 -0.69 13.67
C SER B 229 9.08 -1.99 14.43
N THR B 230 9.46 -3.10 13.81
CA THR B 230 9.32 -4.42 14.43
C THR B 230 10.67 -5.11 14.24
N VAL B 231 11.19 -5.73 15.29
CA VAL B 231 12.50 -6.39 15.20
C VAL B 231 12.55 -7.42 14.08
N VAL B 232 11.61 -8.37 14.09
CA VAL B 232 11.57 -9.37 13.03
C VAL B 232 10.47 -8.86 12.10
N GLN B 233 10.80 -7.86 11.28
CA GLN B 233 9.81 -7.23 10.41
C GLN B 233 9.52 -7.89 9.05
N ASP B 234 10.53 -8.51 8.43
CA ASP B 234 10.29 -9.17 7.15
C ASP B 234 11.14 -10.41 6.95
N TRP B 235 11.00 -11.05 5.78
CA TRP B 235 11.74 -12.28 5.52
C TRP B 235 13.24 -12.10 5.41
N GLY B 236 13.69 -10.88 5.10
CA GLY B 236 15.11 -10.62 5.00
C GLY B 236 15.73 -10.76 6.38
N THR B 237 15.12 -10.10 7.37
CA THR B 237 15.62 -10.20 8.73
C THR B 237 15.45 -11.65 9.20
N ASN B 238 14.33 -12.26 8.84
CA ASN B 238 14.06 -13.63 9.25
C ASN B 238 15.15 -14.56 8.72
N TYR B 239 15.54 -14.37 7.46
CA TYR B 239 16.59 -15.20 6.89
C TYR B 239 17.89 -15.03 7.69
N LEU B 240 18.21 -13.78 8.04
CA LEU B 240 19.43 -13.52 8.81
C LEU B 240 19.37 -14.28 10.14
N ILE B 241 18.19 -14.34 10.74
CA ILE B 241 18.01 -15.04 12.00
C ILE B 241 18.27 -16.54 11.85
N ALA B 242 17.55 -17.17 10.93
CA ALA B 242 17.69 -18.60 10.70
C ALA B 242 19.12 -19.00 10.30
N GLN B 243 19.73 -18.25 9.41
CA GLN B 243 21.09 -18.56 8.97
C GLN B 243 22.08 -18.43 10.13
N THR B 244 21.86 -17.42 10.97
CA THR B 244 22.73 -17.17 12.12
C THR B 244 22.61 -18.25 13.19
N LEU B 245 21.38 -18.65 13.52
CA LEU B 245 21.15 -19.64 14.57
C LEU B 245 21.67 -21.04 14.29
N GLY B 246 21.41 -21.55 13.08
CA GLY B 246 21.87 -22.88 12.75
C GLY B 246 20.89 -23.70 11.92
N PRO B 247 21.28 -24.93 11.55
CA PRO B 247 20.48 -25.87 10.75
C PRO B 247 19.07 -26.13 11.23
N LYS B 248 18.86 -26.11 12.55
CA LYS B 248 17.55 -26.39 13.10
C LYS B 248 16.62 -25.19 13.10
N ALA B 249 17.15 -24.03 12.72
CA ALA B 249 16.36 -22.81 12.67
C ALA B 249 15.90 -22.47 11.26
N GLN B 250 14.60 -22.26 11.10
CA GLN B 250 14.04 -21.91 9.80
C GLN B 250 13.00 -20.79 9.95
N CYS B 251 12.51 -20.29 8.82
CA CYS B 251 11.55 -19.19 8.81
C CYS B 251 10.10 -19.58 8.57
N LEU B 252 9.20 -18.96 9.33
CA LEU B 252 7.78 -19.24 9.14
C LEU B 252 7.17 -18.06 8.39
N VAL B 253 6.43 -18.36 7.34
CA VAL B 253 5.79 -17.35 6.51
C VAL B 253 4.29 -17.30 6.76
N ASP B 254 3.81 -16.18 7.30
CA ASP B 254 2.39 -15.99 7.55
C ASP B 254 1.89 -15.08 6.44
N LEU B 255 0.98 -15.59 5.63
CA LEU B 255 0.48 -14.85 4.47
C LEU B 255 0.08 -13.40 4.70
N GLY B 256 -0.55 -13.10 5.83
CA GLY B 256 -1.00 -11.73 6.08
C GLY B 256 -0.01 -10.81 6.78
N HIS B 257 1.25 -11.21 6.89
CA HIS B 257 2.26 -10.41 7.59
C HIS B 257 3.19 -9.61 6.67
N HIS B 258 2.75 -9.35 5.45
CA HIS B 258 3.57 -8.64 4.48
C HIS B 258 3.03 -7.28 4.05
N ALA B 259 3.94 -6.45 3.55
CA ALA B 259 3.58 -5.12 3.09
C ALA B 259 2.60 -5.22 1.93
N PRO B 260 1.81 -4.16 1.71
CA PRO B 260 0.84 -4.19 0.60
C PRO B 260 1.54 -4.49 -0.72
N ASN B 261 0.91 -5.33 -1.53
CA ASN B 261 1.40 -5.72 -2.86
C ASN B 261 2.61 -6.63 -2.92
N THR B 262 3.13 -7.03 -1.77
CA THR B 262 4.30 -7.92 -1.72
C THR B 262 4.08 -9.18 -2.55
N ASN B 263 5.11 -9.65 -3.23
CA ASN B 263 4.97 -10.90 -3.98
C ASN B 263 5.41 -11.96 -2.98
N ILE B 264 4.44 -12.53 -2.28
CA ILE B 264 4.69 -13.53 -1.25
C ILE B 264 5.19 -14.86 -1.78
N GLU B 265 4.65 -15.32 -2.91
CA GLU B 265 5.10 -16.60 -3.47
C GLU B 265 6.59 -16.56 -3.80
N MET B 266 7.13 -15.38 -4.14
CA MET B 266 8.56 -15.29 -4.43
C MET B 266 9.36 -15.47 -3.15
N ILE B 267 8.85 -14.92 -2.05
CA ILE B 267 9.52 -15.07 -0.77
C ILE B 267 9.60 -16.55 -0.45
N VAL B 268 8.50 -17.26 -0.72
CA VAL B 268 8.46 -18.69 -0.47
C VAL B 268 9.55 -19.39 -1.31
N ALA B 269 9.64 -19.03 -2.58
CA ALA B 269 10.64 -19.62 -3.46
C ALA B 269 12.06 -19.36 -2.97
N ARG B 270 12.34 -18.12 -2.57
CA ARG B 270 13.65 -17.75 -2.07
C ARG B 270 14.04 -18.56 -0.83
N LEU B 271 13.13 -18.67 0.13
CA LEU B 271 13.41 -19.41 1.35
C LEU B 271 13.68 -20.89 1.05
N ILE B 272 12.94 -21.45 0.11
CA ILE B 272 13.12 -22.85 -0.27
C ILE B 272 14.49 -23.08 -0.90
N GLN B 273 14.89 -22.16 -1.77
CA GLN B 273 16.19 -22.28 -2.45
C GLN B 273 17.34 -22.29 -1.45
N PHE B 274 17.19 -21.53 -0.36
CA PHE B 274 18.25 -21.47 0.64
C PHE B 274 17.98 -22.34 1.87
N GLY B 275 17.05 -23.27 1.71
CA GLY B 275 16.71 -24.21 2.76
C GLY B 275 16.20 -23.67 4.08
N LYS B 276 15.52 -22.53 4.05
CA LYS B 276 15.03 -21.96 5.30
C LYS B 276 13.52 -21.77 5.37
N LEU B 277 12.76 -22.48 4.55
CA LEU B 277 11.30 -22.36 4.64
C LEU B 277 10.83 -23.37 5.68
N GLY B 278 10.64 -22.90 6.91
CA GLY B 278 10.21 -23.78 7.98
C GLY B 278 8.76 -24.19 7.90
N GLY B 279 7.90 -23.26 7.55
CA GLY B 279 6.48 -23.58 7.46
C GLY B 279 5.63 -22.38 7.12
N PHE B 280 4.32 -22.61 7.08
CA PHE B 280 3.36 -21.57 6.74
C PHE B 280 2.29 -21.37 7.78
N HIS B 281 1.76 -20.16 7.79
CA HIS B 281 0.64 -19.80 8.63
C HIS B 281 -0.35 -19.34 7.57
N PHE B 282 -1.35 -20.17 7.31
CA PHE B 282 -2.36 -19.88 6.31
C PHE B 282 -3.52 -19.05 6.83
N ASN B 283 -3.98 -18.14 5.98
CA ASN B 283 -5.08 -17.24 6.25
C ASN B 283 -5.19 -16.35 5.03
N ASP B 284 -6.21 -15.49 4.97
CA ASP B 284 -6.32 -14.57 3.85
C ASP B 284 -6.47 -13.17 4.40
N SER B 285 -6.33 -12.18 3.54
CA SER B 285 -6.42 -10.80 3.95
C SER B 285 -6.60 -9.87 2.76
N LYS B 286 -6.95 -8.62 3.04
CA LYS B 286 -7.13 -7.61 2.01
C LYS B 286 -6.45 -6.31 2.43
N TYR B 287 -6.37 -6.06 3.73
CA TYR B 287 -5.79 -4.81 4.22
C TYR B 287 -4.51 -4.97 5.05
N GLY B 288 -4.61 -5.69 6.16
CA GLY B 288 -3.46 -5.92 7.01
C GLY B 288 -3.40 -7.38 7.43
N ASP B 289 -3.11 -7.65 8.69
CA ASP B 289 -3.07 -9.03 9.17
C ASP B 289 -4.52 -9.33 9.56
N ASP B 290 -5.38 -9.38 8.55
CA ASP B 290 -6.80 -9.60 8.75
C ASP B 290 -7.21 -10.96 9.32
N ASP B 291 -6.36 -11.96 9.15
CA ASP B 291 -6.61 -13.30 9.66
C ASP B 291 -7.95 -13.91 9.22
N LEU B 292 -8.30 -13.67 7.97
CA LEU B 292 -9.55 -14.19 7.42
C LEU B 292 -9.37 -15.62 6.91
N ASP B 293 -10.49 -16.28 6.61
CA ASP B 293 -10.49 -17.66 6.12
C ASP B 293 -9.64 -17.80 4.85
N ALA B 294 -8.70 -18.74 4.88
CA ALA B 294 -7.82 -18.97 3.75
C ALA B 294 -8.59 -19.03 2.43
N GLY B 295 -8.09 -18.30 1.43
CA GLY B 295 -8.70 -18.29 0.12
C GLY B 295 -10.04 -17.57 -0.07
N ALA B 296 -10.57 -16.97 0.99
CA ALA B 296 -11.85 -16.27 0.88
C ALA B 296 -11.75 -14.93 0.16
N ILE B 297 -10.52 -14.40 0.08
CA ILE B 297 -10.31 -13.11 -0.56
C ILE B 297 -9.51 -13.21 -1.86
N GLU B 298 -8.38 -13.91 -1.81
CA GLU B 298 -7.54 -14.07 -2.99
C GLU B 298 -7.13 -15.51 -3.20
N PRO B 299 -8.04 -16.33 -3.74
CA PRO B 299 -7.74 -17.73 -3.97
C PRO B 299 -6.59 -18.01 -4.94
N TYR B 300 -6.40 -17.14 -5.93
CA TYR B 300 -5.33 -17.36 -6.90
C TYR B 300 -3.96 -17.24 -6.23
N ARG B 301 -3.81 -16.26 -5.35
CA ARG B 301 -2.55 -16.06 -4.62
C ARG B 301 -2.22 -17.32 -3.83
N LEU B 302 -3.24 -17.92 -3.21
CA LEU B 302 -3.03 -19.14 -2.42
C LEU B 302 -2.54 -20.24 -3.37
N PHE B 303 -3.14 -20.30 -4.55
CA PHE B 303 -2.74 -21.29 -5.55
C PHE B 303 -1.30 -21.03 -5.99
N LEU B 304 -0.94 -19.77 -6.20
CA LEU B 304 0.41 -19.43 -6.63
C LEU B 304 1.45 -19.78 -5.56
N VAL B 305 1.05 -19.73 -4.29
CA VAL B 305 1.97 -20.11 -3.22
C VAL B 305 2.18 -21.61 -3.32
N PHE B 306 1.08 -22.35 -3.47
CA PHE B 306 1.18 -23.80 -3.58
C PHE B 306 1.87 -24.24 -4.87
N ASN B 307 1.88 -23.37 -5.87
CA ASN B 307 2.56 -23.70 -7.11
C ASN B 307 4.05 -23.82 -6.82
N GLU B 308 4.55 -22.95 -5.95
CA GLU B 308 5.96 -22.97 -5.57
C GLU B 308 6.26 -24.17 -4.70
N LEU B 309 5.30 -24.55 -3.87
CA LEU B 309 5.47 -25.69 -2.98
C LEU B 309 5.49 -27.01 -3.75
N VAL B 310 4.55 -27.16 -4.68
CA VAL B 310 4.47 -28.39 -5.47
C VAL B 310 5.68 -28.50 -6.40
N ASP B 311 6.15 -27.37 -6.90
CA ASP B 311 7.30 -27.38 -7.78
C ASP B 311 8.47 -27.98 -7.00
N ALA B 312 8.46 -27.76 -5.68
CA ALA B 312 9.50 -28.28 -4.81
C ALA B 312 9.18 -29.70 -4.36
N GLU B 313 7.93 -29.92 -3.91
CA GLU B 313 7.50 -31.24 -3.46
C GLU B 313 7.73 -32.31 -4.53
N ALA B 314 7.64 -31.89 -5.79
CA ALA B 314 7.83 -32.81 -6.90
C ALA B 314 9.28 -33.29 -6.99
N ARG B 315 10.21 -32.39 -6.72
CA ARG B 315 11.63 -32.72 -6.78
C ARG B 315 12.22 -33.05 -5.41
N GLY B 316 11.48 -32.73 -4.35
CA GLY B 316 11.96 -33.00 -3.01
C GLY B 316 13.27 -32.28 -2.77
N VAL B 317 13.21 -30.96 -2.67
CA VAL B 317 14.39 -30.13 -2.45
C VAL B 317 14.98 -30.35 -1.06
N LYS B 318 16.29 -30.23 -0.96
CA LYS B 318 16.99 -30.40 0.32
C LYS B 318 16.45 -29.44 1.38
N GLY B 319 16.13 -29.99 2.55
CA GLY B 319 15.62 -29.19 3.64
C GLY B 319 14.19 -28.69 3.44
N PHE B 320 13.49 -29.27 2.46
CA PHE B 320 12.12 -28.88 2.18
C PHE B 320 11.10 -29.87 2.76
N HIS B 321 10.62 -29.56 3.95
CA HIS B 321 9.63 -30.39 4.64
C HIS B 321 8.85 -29.40 5.50
N PRO B 322 8.29 -28.36 4.87
CA PRO B 322 7.52 -27.32 5.56
C PRO B 322 6.35 -27.77 6.42
N ALA B 323 6.19 -27.12 7.56
CA ALA B 323 5.09 -27.42 8.46
C ALA B 323 3.96 -26.50 8.02
N HIS B 324 2.74 -27.03 7.95
CA HIS B 324 1.60 -26.23 7.53
C HIS B 324 0.65 -26.02 8.68
N MET B 325 0.25 -24.77 8.90
CA MET B 325 -0.66 -24.44 9.98
C MET B 325 -1.62 -23.34 9.58
N ILE B 326 -2.83 -23.41 10.11
CA ILE B 326 -3.82 -22.38 9.85
C ILE B 326 -3.69 -21.42 11.02
N ASN B 327 -3.65 -20.12 10.73
CA ASN B 327 -3.56 -19.12 11.78
C ASN B 327 -4.56 -18.03 11.40
N GLN B 328 -5.80 -18.19 11.89
CA GLN B 328 -6.86 -17.26 11.57
C GLN B 328 -7.63 -16.81 12.80
N SER B 329 -8.50 -15.82 12.60
CA SER B 329 -9.34 -15.28 13.65
C SER B 329 -10.75 -15.27 13.06
N HIS B 330 -11.66 -15.94 13.74
CA HIS B 330 -13.04 -16.02 13.25
C HIS B 330 -13.93 -15.12 14.09
N ASN B 331 -14.15 -13.92 13.57
CA ASN B 331 -14.92 -12.91 14.29
C ASN B 331 -16.42 -12.84 14.00
N VAL B 332 -16.84 -13.35 12.84
CA VAL B 332 -18.26 -13.27 12.47
C VAL B 332 -18.85 -14.56 11.89
N THR B 333 -18.22 -15.69 12.20
CA THR B 333 -18.69 -16.98 11.73
C THR B 333 -18.48 -18.01 12.83
N ASP B 334 -19.05 -19.19 12.62
CA ASP B 334 -18.87 -20.28 13.57
C ASP B 334 -17.43 -20.71 13.31
N PRO B 335 -16.56 -20.58 14.33
CA PRO B 335 -15.14 -20.93 14.19
C PRO B 335 -14.87 -22.29 13.55
N ILE B 336 -15.66 -23.29 13.94
CA ILE B 336 -15.48 -24.63 13.40
C ILE B 336 -15.78 -24.67 11.90
N GLU B 337 -16.83 -23.99 11.47
CA GLU B 337 -17.17 -23.98 10.04
C GLU B 337 -16.10 -23.26 9.24
N SER B 338 -15.58 -22.15 9.74
CA SER B 338 -14.55 -21.43 9.01
C SER B 338 -13.28 -22.28 8.90
N LEU B 339 -12.90 -22.95 9.98
CA LEU B 339 -11.70 -23.78 9.94
C LEU B 339 -11.90 -24.94 8.98
N ILE B 340 -13.12 -25.47 8.94
CA ILE B 340 -13.42 -26.57 8.02
C ILE B 340 -13.22 -26.10 6.58
N ASN B 341 -13.87 -25.00 6.21
CA ASN B 341 -13.77 -24.50 4.85
C ASN B 341 -12.40 -23.93 4.50
N SER B 342 -11.64 -23.51 5.51
CA SER B 342 -10.31 -22.97 5.28
C SER B 342 -9.38 -24.12 4.93
N ALA B 343 -9.49 -25.21 5.70
CA ALA B 343 -8.67 -26.38 5.45
C ALA B 343 -9.01 -26.87 4.04
N ASN B 344 -10.29 -26.78 3.69
CA ASN B 344 -10.75 -27.22 2.36
C ASN B 344 -10.07 -26.39 1.27
N GLU B 345 -10.03 -25.08 1.45
CA GLU B 345 -9.42 -24.18 0.47
C GLU B 345 -7.94 -24.43 0.30
N ILE B 346 -7.29 -24.81 1.40
CA ILE B 346 -5.87 -25.11 1.37
C ILE B 346 -5.64 -26.37 0.54
N ARG B 347 -6.45 -27.40 0.76
CA ARG B 347 -6.32 -28.63 -0.02
C ARG B 347 -6.71 -28.36 -1.48
N ARG B 348 -7.63 -27.42 -1.68
CA ARG B 348 -8.07 -27.08 -3.03
C ARG B 348 -6.89 -26.52 -3.82
N ALA B 349 -6.19 -25.55 -3.25
CA ALA B 349 -5.05 -24.93 -3.90
C ALA B 349 -3.94 -25.95 -4.17
N TYR B 350 -3.75 -26.86 -3.22
CA TYR B 350 -2.73 -27.90 -3.35
C TYR B 350 -3.08 -28.82 -4.52
N ALA B 351 -4.33 -29.26 -4.58
CA ALA B 351 -4.79 -30.14 -5.64
C ALA B 351 -4.62 -29.49 -7.01
N GLN B 352 -4.99 -28.22 -7.12
CA GLN B 352 -4.85 -27.51 -8.38
C GLN B 352 -3.38 -27.36 -8.78
N ALA B 353 -2.51 -27.10 -7.81
CA ALA B 353 -1.08 -26.97 -8.09
C ALA B 353 -0.56 -28.32 -8.62
N LEU B 354 -1.14 -29.40 -8.13
CA LEU B 354 -0.76 -30.74 -8.55
C LEU B 354 -1.13 -31.00 -10.02
N LEU B 355 -2.12 -30.27 -10.52
CA LEU B 355 -2.58 -30.44 -11.90
C LEU B 355 -1.74 -29.72 -12.93
N VAL B 356 -0.90 -28.79 -12.49
CA VAL B 356 -0.04 -28.04 -13.42
C VAL B 356 0.87 -28.97 -14.23
N ASP B 357 0.86 -28.79 -15.54
CA ASP B 357 1.71 -29.59 -16.42
C ASP B 357 3.10 -28.95 -16.35
N ARG B 358 3.94 -29.48 -15.47
CA ARG B 358 5.29 -28.96 -15.27
C ARG B 358 6.17 -28.95 -16.51
N ALA B 359 6.09 -30.01 -17.31
CA ALA B 359 6.90 -30.08 -18.53
C ALA B 359 6.51 -28.97 -19.49
N ALA B 360 5.20 -28.81 -19.70
CA ALA B 360 4.69 -27.78 -20.58
C ALA B 360 5.09 -26.40 -20.07
N LEU B 361 4.95 -26.20 -18.76
CA LEU B 361 5.31 -24.92 -18.15
C LEU B 361 6.78 -24.60 -18.35
N SER B 362 7.64 -25.57 -18.05
CA SER B 362 9.07 -25.40 -18.19
C SER B 362 9.41 -25.01 -19.63
N GLY B 363 8.70 -25.62 -20.58
CA GLY B 363 8.93 -25.32 -21.98
C GLY B 363 8.60 -23.89 -22.33
N TYR B 364 7.44 -23.41 -21.88
CA TYR B 364 7.03 -22.04 -22.16
C TYR B 364 7.90 -21.03 -21.44
N GLN B 365 8.50 -21.44 -20.33
CA GLN B 365 9.36 -20.53 -19.57
C GLN B 365 10.69 -20.36 -20.32
N GLU B 366 11.24 -21.47 -20.80
CA GLU B 366 12.50 -21.41 -21.54
C GLU B 366 12.38 -20.64 -22.84
N ASP B 367 11.22 -20.78 -23.50
CA ASP B 367 10.98 -20.09 -24.76
C ASP B 367 10.45 -18.67 -24.59
N ASN B 368 10.29 -18.24 -23.34
CA ASN B 368 9.78 -16.90 -23.05
C ASN B 368 8.40 -16.65 -23.66
N ASP B 369 7.55 -17.67 -23.59
CA ASP B 369 6.19 -17.59 -24.08
C ASP B 369 5.36 -17.29 -22.84
N ALA B 370 5.37 -16.03 -22.41
CA ALA B 370 4.67 -15.60 -21.21
C ALA B 370 3.18 -15.91 -21.18
N LEU B 371 2.51 -15.71 -22.32
CA LEU B 371 1.08 -15.94 -22.40
C LEU B 371 0.71 -17.40 -22.17
N MET B 372 1.41 -18.31 -22.82
CA MET B 372 1.12 -19.73 -22.64
C MET B 372 1.61 -20.25 -21.29
N ALA B 373 2.63 -19.62 -20.73
CA ALA B 373 3.13 -20.05 -19.43
C ALA B 373 2.07 -19.74 -18.39
N THR B 374 1.50 -18.54 -18.46
CA THR B 374 0.47 -18.15 -17.50
C THR B 374 -0.80 -18.96 -17.74
N GLU B 375 -1.08 -19.26 -19.00
CA GLU B 375 -2.28 -20.05 -19.33
C GLU B 375 -2.10 -21.48 -18.83
N THR B 376 -0.85 -21.95 -18.76
CA THR B 376 -0.59 -23.30 -18.27
C THR B 376 -0.94 -23.36 -16.79
N LEU B 377 -0.65 -22.28 -16.06
CA LEU B 377 -0.99 -22.24 -14.64
C LEU B 377 -2.50 -22.14 -14.51
N LYS B 378 -3.13 -21.31 -15.33
CA LYS B 378 -4.57 -21.13 -15.27
C LYS B 378 -5.35 -22.40 -15.59
N ARG B 379 -4.86 -23.20 -16.54
CA ARG B 379 -5.57 -24.42 -16.88
C ARG B 379 -5.73 -25.31 -15.65
N ALA B 380 -4.74 -25.26 -14.76
CA ALA B 380 -4.79 -26.03 -13.52
C ALA B 380 -5.69 -25.33 -12.52
N TYR B 381 -5.46 -24.03 -12.33
CA TYR B 381 -6.23 -23.25 -11.38
C TYR B 381 -7.72 -23.17 -11.70
N ARG B 382 -8.08 -23.09 -12.97
CA ARG B 382 -9.50 -23.01 -13.36
C ARG B 382 -10.24 -24.32 -13.16
N THR B 383 -9.50 -25.40 -12.94
CA THR B 383 -10.11 -26.71 -12.75
C THR B 383 -10.79 -26.83 -11.40
N ASP B 384 -12.07 -27.20 -11.41
CA ASP B 384 -12.83 -27.35 -10.16
C ASP B 384 -12.48 -28.71 -9.58
N VAL B 385 -11.65 -28.70 -8.54
CA VAL B 385 -11.20 -29.93 -7.89
C VAL B 385 -12.06 -30.34 -6.69
N GLU B 386 -13.21 -29.70 -6.51
CA GLU B 386 -14.09 -30.03 -5.39
C GLU B 386 -14.41 -31.53 -5.35
N PRO B 387 -14.66 -32.15 -6.51
CA PRO B 387 -14.97 -33.59 -6.51
C PRO B 387 -13.83 -34.41 -5.90
N ILE B 388 -12.60 -33.97 -6.15
CA ILE B 388 -11.43 -34.66 -5.63
C ILE B 388 -11.37 -34.49 -4.11
N LEU B 389 -11.60 -33.26 -3.64
CA LEU B 389 -11.56 -32.99 -2.21
C LEU B 389 -12.67 -33.75 -1.49
N ALA B 390 -13.85 -33.77 -2.09
CA ALA B 390 -15.00 -34.45 -1.51
C ALA B 390 -14.81 -35.97 -1.45
N GLU B 391 -14.26 -36.54 -2.52
CA GLU B 391 -14.02 -37.98 -2.58
C GLU B 391 -12.93 -38.39 -1.60
N ALA B 392 -11.90 -37.54 -1.47
CA ALA B 392 -10.81 -37.83 -0.55
C ALA B 392 -11.39 -37.94 0.86
N ARG B 393 -12.29 -37.01 1.19
CA ARG B 393 -12.92 -37.02 2.50
C ARG B 393 -13.79 -38.26 2.68
N ARG B 394 -14.63 -38.56 1.69
CA ARG B 394 -15.50 -39.72 1.77
C ARG B 394 -14.73 -41.01 1.99
N ARG B 395 -13.65 -41.20 1.24
CA ARG B 395 -12.82 -42.40 1.34
C ARG B 395 -12.06 -42.51 2.66
N THR B 396 -11.84 -41.39 3.33
CA THR B 396 -11.08 -41.41 4.58
C THR B 396 -11.90 -41.25 5.87
N GLY B 397 -13.22 -41.36 5.76
CA GLY B 397 -14.06 -41.24 6.94
C GLY B 397 -14.63 -39.86 7.19
N GLY B 398 -14.38 -38.94 6.25
CA GLY B 398 -14.88 -37.59 6.39
C GLY B 398 -16.22 -37.38 5.74
N ALA B 399 -16.65 -36.13 5.62
CA ALA B 399 -17.94 -35.80 5.02
C ALA B 399 -17.82 -35.19 3.63
N VAL B 400 -18.69 -35.61 2.72
CA VAL B 400 -18.70 -35.08 1.36
C VAL B 400 -18.80 -33.55 1.41
N ASP B 401 -19.74 -33.06 2.21
CA ASP B 401 -19.94 -31.62 2.39
C ASP B 401 -19.81 -31.43 3.91
N PRO B 402 -18.60 -31.10 4.38
CA PRO B 402 -18.28 -30.88 5.79
C PRO B 402 -19.20 -29.95 6.57
N VAL B 403 -19.36 -28.72 6.08
CA VAL B 403 -20.22 -27.77 6.79
C VAL B 403 -21.68 -28.22 6.81
N ALA B 404 -22.16 -28.79 5.71
CA ALA B 404 -23.55 -29.27 5.65
C ALA B 404 -23.75 -30.34 6.72
N THR B 405 -22.80 -31.27 6.82
CA THR B 405 -22.89 -32.34 7.81
C THR B 405 -22.80 -31.78 9.22
N TYR B 406 -21.92 -30.80 9.40
CA TYR B 406 -21.73 -30.15 10.70
C TYR B 406 -23.06 -29.55 11.17
N ARG B 407 -23.73 -28.83 10.28
CA ARG B 407 -25.00 -28.21 10.64
C ARG B 407 -26.08 -29.25 10.88
N ALA B 408 -26.09 -30.30 10.08
CA ALA B 408 -27.08 -31.37 10.22
C ALA B 408 -26.94 -32.08 11.57
N SER B 409 -25.72 -32.13 12.10
CA SER B 409 -25.46 -32.80 13.36
C SER B 409 -25.95 -32.02 14.59
N GLY B 410 -26.10 -30.72 14.44
CA GLY B 410 -26.54 -29.89 15.56
C GLY B 410 -25.47 -29.74 16.63
N TYR B 411 -24.21 -29.97 16.26
CA TYR B 411 -23.10 -29.87 17.21
C TYR B 411 -23.03 -28.54 17.97
N ARG B 412 -23.11 -27.42 17.24
CA ARG B 412 -23.04 -26.12 17.89
C ARG B 412 -24.06 -25.99 19.00
N ALA B 413 -25.31 -26.37 18.72
CA ALA B 413 -26.37 -26.29 19.71
C ALA B 413 -26.05 -27.21 20.88
N ARG B 414 -25.45 -28.36 20.59
CA ARG B 414 -25.08 -29.32 21.62
C ARG B 414 -24.08 -28.74 22.62
N VAL B 415 -22.98 -28.20 22.11
CA VAL B 415 -21.96 -27.63 22.98
C VAL B 415 -22.45 -26.36 23.66
N ALA B 416 -23.41 -25.68 23.04
CA ALA B 416 -23.97 -24.47 23.64
C ALA B 416 -24.74 -24.89 24.90
N ALA B 417 -25.35 -26.07 24.85
CA ALA B 417 -26.13 -26.57 25.98
C ALA B 417 -25.23 -27.09 27.11
N GLU B 418 -23.98 -27.42 26.78
CA GLU B 418 -23.04 -27.94 27.77
C GLU B 418 -22.15 -26.85 28.35
N ARG B 419 -21.97 -25.76 27.61
CA ARG B 419 -21.10 -24.68 28.04
C ARG B 419 -21.84 -23.40 28.41
N PRO B 420 -21.54 -22.85 29.59
CA PRO B 420 -22.19 -21.60 30.04
C PRO B 420 -21.57 -20.38 29.38
N ALA B 421 -22.42 -19.54 28.79
CA ALA B 421 -21.94 -18.31 28.16
C ALA B 421 -21.83 -17.27 29.28
N SER B 422 -21.26 -16.11 28.97
CA SER B 422 -21.15 -15.06 29.98
C SER B 422 -22.54 -14.58 30.37
N VAL B 423 -23.45 -14.61 29.39
CA VAL B 423 -24.84 -14.19 29.60
C VAL B 423 -25.76 -15.04 28.73
N ALA B 424 -26.98 -15.29 29.21
CA ALA B 424 -27.95 -16.09 28.50
C ALA B 424 -28.19 -15.55 27.09
N GLU C 3 -14.90 -9.35 -45.15
CA GLU C 3 -13.46 -9.73 -45.06
C GLU C 3 -13.19 -10.68 -43.89
N PHE C 4 -12.17 -11.50 -44.04
CA PHE C 4 -11.81 -12.46 -43.00
C PHE C 4 -10.29 -12.51 -42.82
N ARG C 5 -9.80 -11.73 -41.85
CA ARG C 5 -8.38 -11.67 -41.56
C ARG C 5 -7.81 -13.07 -41.38
N ILE C 6 -8.61 -13.95 -40.78
CA ILE C 6 -8.20 -15.33 -40.56
C ILE C 6 -8.99 -16.24 -41.49
N ALA C 7 -8.28 -17.03 -42.28
CA ALA C 7 -8.91 -17.94 -43.22
C ALA C 7 -9.96 -18.83 -42.54
N GLN C 8 -11.14 -18.91 -43.14
CA GLN C 8 -12.22 -19.71 -42.58
C GLN C 8 -11.86 -21.19 -42.46
N ASP C 9 -11.07 -21.69 -43.41
CA ASP C 9 -10.67 -23.10 -43.38
C ASP C 9 -9.82 -23.41 -42.15
N VAL C 10 -9.01 -22.44 -41.73
CA VAL C 10 -8.18 -22.63 -40.55
C VAL C 10 -9.05 -22.66 -39.29
N VAL C 11 -10.03 -21.78 -39.24
CA VAL C 11 -10.95 -21.71 -38.10
C VAL C 11 -11.74 -23.02 -38.01
N ALA C 12 -12.28 -23.46 -39.13
CA ALA C 12 -13.06 -24.70 -39.18
C ALA C 12 -12.17 -25.87 -38.77
N ARG C 13 -10.97 -25.90 -39.32
CA ARG C 13 -10.02 -26.97 -39.04
C ARG C 13 -9.72 -27.05 -37.53
N GLU C 14 -9.30 -25.93 -36.95
CA GLU C 14 -8.96 -25.88 -35.54
C GLU C 14 -10.15 -26.09 -34.61
N ASN C 15 -11.35 -25.87 -35.11
CA ASN C 15 -12.55 -26.08 -34.30
C ASN C 15 -12.88 -27.57 -34.28
N ASP C 16 -12.88 -28.20 -35.46
CA ASP C 16 -13.18 -29.62 -35.57
C ASP C 16 -12.20 -30.46 -34.76
N ARG C 17 -10.94 -30.01 -34.73
CA ARG C 17 -9.90 -30.72 -34.01
C ARG C 17 -10.16 -30.77 -32.50
N ARG C 18 -10.93 -29.80 -32.00
CA ARG C 18 -11.24 -29.73 -30.58
C ARG C 18 -12.72 -29.93 -30.26
N ALA C 19 -13.51 -30.17 -31.29
CA ALA C 19 -14.96 -30.35 -31.12
C ALA C 19 -15.38 -31.51 -30.21
N SER C 20 -14.76 -32.67 -30.38
CA SER C 20 -15.11 -33.84 -29.57
C SER C 20 -14.95 -33.58 -28.08
N ALA C 21 -13.78 -33.05 -27.71
CA ALA C 21 -13.50 -32.77 -26.30
C ALA C 21 -14.47 -31.72 -25.76
N LEU C 22 -14.73 -30.68 -26.55
CA LEU C 22 -15.64 -29.61 -26.14
C LEU C 22 -17.04 -30.16 -25.88
N LYS C 23 -17.52 -31.00 -26.78
CA LYS C 23 -18.86 -31.58 -26.61
C LYS C 23 -18.92 -32.33 -25.29
N GLU C 24 -17.86 -33.08 -24.98
CA GLU C 24 -17.81 -33.84 -23.74
C GLU C 24 -17.82 -32.91 -22.52
N ASP C 25 -16.99 -31.87 -22.55
CA ASP C 25 -16.92 -30.95 -21.43
C ASP C 25 -18.18 -30.11 -21.29
N TYR C 26 -18.76 -29.71 -22.42
CA TYR C 26 -19.98 -28.90 -22.38
C TYR C 26 -21.15 -29.72 -21.83
N GLU C 27 -21.24 -30.98 -22.25
CA GLU C 27 -22.32 -31.84 -21.78
C GLU C 27 -22.18 -32.15 -20.30
N ALA C 28 -20.95 -32.36 -19.86
CA ALA C 28 -20.68 -32.66 -18.45
C ALA C 28 -21.05 -31.44 -17.60
N LEU C 29 -20.64 -30.26 -18.03
CA LEU C 29 -20.94 -29.04 -17.30
C LEU C 29 -22.44 -28.79 -17.31
N GLY C 30 -23.08 -29.06 -18.45
CA GLY C 30 -24.51 -28.87 -18.54
C GLY C 30 -25.25 -29.76 -17.55
N ALA C 31 -24.77 -30.98 -17.39
CA ALA C 31 -25.40 -31.92 -16.46
C ALA C 31 -25.21 -31.46 -15.02
N ASN C 32 -24.02 -30.96 -14.71
CA ASN C 32 -23.72 -30.48 -13.37
C ASN C 32 -24.59 -29.26 -13.05
N LEU C 33 -24.70 -28.34 -14.01
CA LEU C 33 -25.51 -27.15 -13.82
C LEU C 33 -26.99 -27.51 -13.65
N ALA C 34 -27.44 -28.51 -14.39
CA ALA C 34 -28.83 -28.94 -14.29
C ALA C 34 -29.12 -29.44 -12.88
N ARG C 35 -28.17 -30.19 -12.32
CA ARG C 35 -28.34 -30.69 -10.96
C ARG C 35 -28.38 -29.50 -10.00
N ARG C 36 -27.85 -28.37 -10.43
CA ARG C 36 -27.83 -27.16 -9.62
C ARG C 36 -28.98 -26.22 -9.97
N GLY C 37 -29.91 -26.70 -10.80
CA GLY C 37 -31.06 -25.91 -11.18
C GLY C 37 -30.77 -24.78 -12.16
N VAL C 38 -29.70 -24.94 -12.94
CA VAL C 38 -29.32 -23.93 -13.92
C VAL C 38 -29.30 -24.51 -15.33
N ASP C 39 -29.87 -23.77 -16.26
CA ASP C 39 -29.91 -24.19 -17.65
C ASP C 39 -28.71 -23.61 -18.38
N ILE C 40 -27.74 -24.47 -18.69
CA ILE C 40 -26.52 -24.04 -19.37
C ILE C 40 -26.81 -23.25 -20.65
N GLU C 41 -27.88 -23.61 -21.35
CA GLU C 41 -28.23 -22.90 -22.57
C GLU C 41 -28.53 -21.43 -22.30
N ALA C 42 -29.19 -21.16 -21.17
CA ALA C 42 -29.53 -19.80 -20.81
C ALA C 42 -28.26 -18.98 -20.54
N VAL C 43 -27.26 -19.64 -19.95
CA VAL C 43 -25.99 -18.98 -19.66
C VAL C 43 -25.22 -18.70 -20.94
N THR C 44 -25.13 -19.71 -21.81
CA THR C 44 -24.42 -19.56 -23.07
C THR C 44 -25.05 -18.46 -23.92
N ALA C 45 -26.37 -18.38 -23.87
CA ALA C 45 -27.10 -17.37 -24.65
C ALA C 45 -26.74 -15.95 -24.23
N LYS C 46 -26.51 -15.74 -22.94
CA LYS C 46 -26.15 -14.41 -22.45
C LYS C 46 -24.68 -14.12 -22.71
N VAL C 47 -23.84 -15.14 -22.59
CA VAL C 47 -22.41 -14.95 -22.83
C VAL C 47 -22.15 -14.52 -24.27
N GLU C 48 -22.88 -15.09 -25.22
CA GLU C 48 -22.71 -14.75 -26.64
C GLU C 48 -23.00 -13.28 -26.90
N LYS C 49 -23.82 -12.68 -26.04
CA LYS C 49 -24.22 -11.29 -26.18
C LYS C 49 -23.42 -10.30 -25.36
N PHE C 50 -22.39 -10.77 -24.66
CA PHE C 50 -21.59 -9.87 -23.86
C PHE C 50 -20.38 -9.38 -24.65
N PHE C 51 -20.28 -8.07 -24.81
CA PHE C 51 -19.20 -7.48 -25.57
C PHE C 51 -18.38 -6.47 -24.77
N VAL C 52 -17.10 -6.39 -25.09
CA VAL C 52 -16.18 -5.45 -24.44
C VAL C 52 -15.36 -4.83 -25.56
N ALA C 53 -15.20 -3.51 -25.53
CA ALA C 53 -14.45 -2.81 -26.57
C ALA C 53 -12.94 -2.99 -26.44
N VAL C 54 -12.28 -3.06 -27.58
CA VAL C 54 -10.82 -3.19 -27.60
C VAL C 54 -10.21 -1.84 -27.94
N PRO C 55 -9.10 -1.48 -27.28
CA PRO C 55 -8.42 -0.21 -27.53
C PRO C 55 -7.58 -0.30 -28.80
N SER C 56 -7.75 0.66 -29.70
CA SER C 56 -7.00 0.64 -30.96
C SER C 56 -5.49 0.59 -30.68
N TRP C 57 -5.07 1.32 -29.65
CA TRP C 57 -3.66 1.38 -29.29
C TRP C 57 -3.17 0.11 -28.60
N GLY C 58 -4.10 -0.74 -28.19
CA GLY C 58 -3.74 -1.96 -27.51
C GLY C 58 -3.15 -3.07 -28.38
N VAL C 59 -3.31 -2.98 -29.70
CA VAL C 59 -2.78 -4.03 -30.58
C VAL C 59 -1.32 -3.78 -30.96
N GLY C 60 -0.77 -2.68 -30.45
CA GLY C 60 0.62 -2.37 -30.72
C GLY C 60 1.36 -2.67 -29.42
N THR C 61 2.62 -3.07 -29.50
CA THR C 61 3.37 -3.38 -28.29
C THR C 61 3.57 -2.12 -27.46
N GLY C 62 3.35 -2.23 -26.15
CA GLY C 62 3.50 -1.09 -25.28
C GLY C 62 4.86 -1.12 -24.59
N GLY C 63 5.12 -0.12 -23.75
CA GLY C 63 6.39 -0.07 -23.05
C GLY C 63 6.32 0.73 -21.76
N THR C 64 7.47 0.87 -21.10
CA THR C 64 7.54 1.62 -19.85
C THR C 64 8.43 2.83 -20.11
N ARG C 65 8.66 3.66 -19.09
CA ARG C 65 9.52 4.83 -19.28
C ARG C 65 10.97 4.42 -19.48
N PHE C 66 11.29 3.16 -19.15
CA PHE C 66 12.65 2.66 -19.29
C PHE C 66 12.98 2.11 -20.67
N ALA C 67 11.98 1.53 -21.35
CA ALA C 67 12.23 0.97 -22.66
C ALA C 67 10.99 0.42 -23.34
N ARG C 68 11.14 0.19 -24.65
CA ARG C 68 10.07 -0.38 -25.45
C ARG C 68 10.74 -1.43 -26.32
N PHE C 69 10.15 -2.61 -26.38
CA PHE C 69 10.68 -3.73 -27.14
C PHE C 69 9.61 -4.19 -28.12
N PRO C 70 9.43 -3.47 -29.24
CA PRO C 70 8.41 -3.85 -30.23
C PRO C 70 8.64 -5.22 -30.85
N GLY C 71 7.54 -5.87 -31.23
CA GLY C 71 7.64 -7.17 -31.87
C GLY C 71 7.65 -6.96 -33.36
N THR C 72 7.40 -8.02 -34.12
CA THR C 72 7.39 -7.91 -35.58
C THR C 72 5.97 -7.54 -36.03
N GLY C 73 5.88 -6.97 -37.24
CA GLY C 73 4.59 -6.60 -37.77
C GLY C 73 3.80 -5.61 -36.92
N GLU C 74 4.48 -4.64 -36.33
CA GLU C 74 3.80 -3.63 -35.52
C GLU C 74 2.92 -2.79 -36.45
N PRO C 75 1.70 -2.45 -36.00
CA PRO C 75 0.82 -1.64 -36.86
C PRO C 75 1.41 -0.24 -37.09
N ARG C 76 1.29 0.25 -38.32
CA ARG C 76 1.80 1.57 -38.68
C ARG C 76 0.88 2.70 -38.22
N GLY C 77 -0.42 2.44 -38.22
CA GLY C 77 -1.39 3.44 -37.82
C GLY C 77 -2.74 2.83 -37.52
N ILE C 78 -3.77 3.67 -37.45
CA ILE C 78 -5.11 3.18 -37.14
C ILE C 78 -5.64 2.12 -38.11
N PHE C 79 -5.33 2.25 -39.39
CA PHE C 79 -5.81 1.26 -40.35
C PHE C 79 -5.25 -0.13 -40.07
N ASP C 80 -3.95 -0.21 -39.80
CA ASP C 80 -3.36 -1.51 -39.48
C ASP C 80 -3.96 -2.01 -38.17
N LYS C 81 -4.17 -1.09 -37.23
CA LYS C 81 -4.73 -1.45 -35.93
C LYS C 81 -6.14 -2.04 -36.07
N LEU C 82 -6.97 -1.43 -36.92
CA LEU C 82 -8.32 -1.95 -37.11
C LEU C 82 -8.24 -3.35 -37.70
N ASP C 83 -7.31 -3.56 -38.63
CA ASP C 83 -7.14 -4.86 -39.24
C ASP C 83 -6.83 -5.90 -38.16
N ASP C 84 -5.95 -5.54 -37.22
CA ASP C 84 -5.61 -6.47 -36.15
C ASP C 84 -6.78 -6.68 -35.19
N CYS C 85 -7.51 -5.61 -34.89
CA CYS C 85 -8.66 -5.73 -34.00
C CYS C 85 -9.70 -6.66 -34.61
N ALA C 86 -9.80 -6.65 -35.93
CA ALA C 86 -10.77 -7.50 -36.62
C ALA C 86 -10.49 -8.98 -36.32
N VAL C 87 -9.22 -9.32 -36.14
CA VAL C 87 -8.83 -10.69 -35.83
C VAL C 87 -9.35 -11.09 -34.46
N ILE C 88 -9.19 -10.18 -33.50
CA ILE C 88 -9.65 -10.42 -32.14
C ILE C 88 -11.15 -10.68 -32.12
N GLN C 89 -11.89 -9.87 -32.87
CA GLN C 89 -13.34 -10.01 -32.94
C GLN C 89 -13.75 -11.29 -33.67
N GLN C 90 -13.07 -11.61 -34.76
CA GLN C 90 -13.39 -12.82 -35.52
C GLN C 90 -13.23 -14.08 -34.70
N LEU C 91 -12.14 -14.16 -33.93
CA LEU C 91 -11.86 -15.34 -33.13
C LEU C 91 -12.60 -15.42 -31.79
N THR C 92 -12.81 -14.29 -31.12
CA THR C 92 -13.49 -14.31 -29.82
C THR C 92 -14.96 -13.94 -29.91
N ARG C 93 -15.31 -13.13 -30.91
CA ARG C 93 -16.68 -12.67 -31.11
C ARG C 93 -17.17 -11.89 -29.89
N ALA C 94 -16.23 -11.37 -29.11
CA ALA C 94 -16.57 -10.62 -27.90
C ALA C 94 -16.13 -9.16 -27.99
N THR C 95 -15.51 -8.79 -29.10
CA THR C 95 -15.02 -7.43 -29.28
C THR C 95 -15.40 -6.77 -30.60
N PRO C 96 -16.71 -6.63 -30.86
CA PRO C 96 -17.18 -6.02 -32.11
C PRO C 96 -16.88 -4.52 -32.26
N ASN C 97 -16.57 -3.86 -31.15
CA ASN C 97 -16.30 -2.42 -31.19
C ASN C 97 -14.89 -2.03 -30.76
N VAL C 98 -14.38 -0.97 -31.38
CA VAL C 98 -13.04 -0.46 -31.10
C VAL C 98 -13.09 0.97 -30.56
N SER C 99 -12.23 1.27 -29.58
CA SER C 99 -12.15 2.61 -29.01
C SER C 99 -10.98 3.34 -29.63
N LEU C 100 -11.22 4.53 -30.17
CA LEU C 100 -10.17 5.31 -30.80
C LEU C 100 -9.58 6.33 -29.84
N HIS C 101 -8.33 6.69 -30.10
CA HIS C 101 -7.64 7.69 -29.28
C HIS C 101 -7.16 8.78 -30.24
N ILE C 102 -7.50 10.02 -29.94
CA ILE C 102 -7.11 11.16 -30.78
C ILE C 102 -6.06 11.98 -30.04
N PRO C 103 -5.04 12.50 -30.74
CA PRO C 103 -4.77 12.40 -32.18
C PRO C 103 -4.07 11.16 -32.73
N TRP C 104 -3.82 10.15 -31.91
CA TRP C 104 -3.14 8.96 -32.41
C TRP C 104 -3.82 8.36 -33.64
N ASP C 105 -5.15 8.25 -33.59
CA ASP C 105 -5.92 7.65 -34.69
C ASP C 105 -6.60 8.64 -35.63
N LYS C 106 -6.19 9.90 -35.59
CA LYS C 106 -6.83 10.88 -36.46
C LYS C 106 -6.68 10.48 -37.93
N ALA C 107 -7.79 10.56 -38.65
CA ALA C 107 -7.84 10.21 -40.06
C ALA C 107 -9.22 10.54 -40.60
N ASP C 108 -9.40 10.43 -41.91
CA ASP C 108 -10.70 10.71 -42.52
C ASP C 108 -11.78 9.86 -41.90
N PRO C 109 -12.76 10.48 -41.21
CA PRO C 109 -13.86 9.76 -40.56
C PRO C 109 -14.55 8.78 -41.51
N LYS C 110 -14.75 9.20 -42.75
CA LYS C 110 -15.41 8.33 -43.73
C LYS C 110 -14.63 7.05 -43.93
N GLU C 111 -13.31 7.16 -44.07
CA GLU C 111 -12.47 5.99 -44.26
C GLU C 111 -12.51 5.07 -43.04
N LEU C 112 -12.45 5.67 -41.85
CA LEU C 112 -12.49 4.89 -40.61
C LEU C 112 -13.77 4.07 -40.56
N LYS C 113 -14.89 4.73 -40.86
CA LYS C 113 -16.20 4.07 -40.85
C LYS C 113 -16.26 3.00 -41.94
N ALA C 114 -15.70 3.31 -43.10
CA ALA C 114 -15.70 2.38 -44.23
C ALA C 114 -14.88 1.14 -43.92
N ARG C 115 -13.72 1.33 -43.29
CA ARG C 115 -12.86 0.20 -42.95
C ARG C 115 -13.50 -0.62 -41.83
N GLY C 116 -14.18 0.07 -40.92
CA GLY C 116 -14.83 -0.62 -39.82
C GLY C 116 -15.96 -1.50 -40.32
N ASP C 117 -16.80 -0.94 -41.19
CA ASP C 117 -17.93 -1.68 -41.73
C ASP C 117 -17.44 -2.89 -42.52
N ALA C 118 -16.37 -2.69 -43.29
CA ALA C 118 -15.81 -3.76 -44.10
C ALA C 118 -15.25 -4.88 -43.24
N LEU C 119 -14.74 -4.53 -42.07
CA LEU C 119 -14.16 -5.50 -41.14
C LEU C 119 -15.16 -6.05 -40.13
N GLY C 120 -16.34 -5.47 -40.09
CA GLY C 120 -17.35 -5.92 -39.15
C GLY C 120 -17.09 -5.38 -37.75
N LEU C 121 -16.55 -4.15 -37.69
CA LEU C 121 -16.26 -3.51 -36.42
C LEU C 121 -17.00 -2.20 -36.25
N GLY C 122 -17.39 -1.90 -35.02
CA GLY C 122 -18.07 -0.67 -34.72
C GLY C 122 -17.13 0.17 -33.89
N PHE C 123 -17.57 1.34 -33.44
CA PHE C 123 -16.73 2.22 -32.64
C PHE C 123 -17.36 2.54 -31.29
N ASP C 124 -16.57 2.37 -30.23
CA ASP C 124 -17.02 2.64 -28.87
C ASP C 124 -16.63 4.08 -28.52
N ALA C 125 -16.49 4.37 -27.23
CA ALA C 125 -16.16 5.70 -26.76
C ALA C 125 -14.87 6.30 -27.35
N MET C 126 -14.93 7.59 -27.66
CA MET C 126 -13.79 8.31 -28.18
C MET C 126 -12.89 8.61 -26.99
N ASN C 127 -11.59 8.75 -27.24
CA ASN C 127 -10.65 9.07 -26.18
C ASN C 127 -9.84 10.31 -26.57
N SER C 128 -9.90 11.34 -25.73
CA SER C 128 -9.15 12.57 -25.99
C SER C 128 -7.75 12.46 -25.40
N ASN C 129 -6.82 13.24 -25.93
CA ASN C 129 -5.45 13.20 -25.46
C ASN C 129 -4.86 14.58 -25.20
N THR C 130 -4.89 15.02 -23.95
CA THR C 130 -4.29 16.29 -23.58
C THR C 130 -3.29 16.04 -22.45
N PHE C 131 -2.64 14.88 -22.51
CA PHE C 131 -1.63 14.50 -21.53
C PHE C 131 -0.27 14.37 -22.23
N SER C 132 -0.22 14.85 -23.48
CA SER C 132 0.99 14.83 -24.29
C SER C 132 0.86 15.93 -25.35
N ASP C 133 1.99 16.40 -25.86
CA ASP C 133 1.99 17.45 -26.88
C ASP C 133 2.15 16.89 -28.28
N ALA C 134 1.37 17.42 -29.22
CA ALA C 134 1.43 17.00 -30.62
C ALA C 134 2.18 18.05 -31.42
N PRO C 135 2.75 17.67 -32.56
CA PRO C 135 3.48 18.62 -33.41
C PRO C 135 2.65 19.85 -33.80
N GLY C 136 3.27 21.03 -33.75
CA GLY C 136 2.57 22.25 -34.11
C GLY C 136 1.58 22.77 -33.10
N GLN C 137 1.53 22.13 -31.93
CA GLN C 137 0.62 22.54 -30.87
C GLN C 137 1.04 23.90 -30.34
N ALA C 138 0.08 24.80 -30.19
CA ALA C 138 0.36 26.16 -29.72
C ALA C 138 0.72 26.25 -28.23
N HIS C 139 0.01 25.51 -27.39
CA HIS C 139 0.27 25.55 -25.95
C HIS C 139 0.56 24.15 -25.41
N SER C 140 1.64 24.04 -24.64
CA SER C 140 2.04 22.76 -24.07
C SER C 140 1.19 22.34 -22.87
N TYR C 141 1.04 21.04 -22.69
CA TYR C 141 0.26 20.50 -21.58
C TYR C 141 1.17 20.05 -20.43
N LYS C 142 2.41 20.49 -20.47
CA LYS C 142 3.40 20.12 -19.45
C LYS C 142 2.87 20.34 -18.04
N TYR C 143 2.21 21.49 -17.82
CA TYR C 143 1.69 21.82 -16.51
C TYR C 143 0.17 21.66 -16.39
N GLY C 144 -0.40 20.87 -17.29
CA GLY C 144 -1.83 20.65 -17.25
C GLY C 144 -2.52 20.93 -18.57
N SER C 145 -3.82 20.68 -18.62
CA SER C 145 -4.60 20.89 -19.82
C SER C 145 -5.93 21.56 -19.47
N LEU C 146 -6.95 20.75 -19.20
CA LEU C 146 -8.26 21.28 -18.84
C LEU C 146 -8.22 22.08 -17.54
N SER C 147 -7.21 21.85 -16.70
CA SER C 147 -7.09 22.57 -15.44
C SER C 147 -5.85 23.47 -15.38
N HIS C 148 -5.21 23.66 -16.52
CA HIS C 148 -4.01 24.50 -16.62
C HIS C 148 -4.34 25.92 -16.16
N THR C 149 -3.38 26.61 -15.55
CA THR C 149 -3.60 27.97 -15.08
C THR C 149 -3.80 28.97 -16.21
N ASN C 150 -3.29 28.64 -17.38
CA ASN C 150 -3.38 29.50 -18.57
C ASN C 150 -4.70 29.30 -19.31
N ALA C 151 -5.52 30.35 -19.37
CA ALA C 151 -6.81 30.28 -20.05
C ALA C 151 -6.75 29.74 -21.48
N ALA C 152 -5.78 30.22 -22.24
CA ALA C 152 -5.61 29.79 -23.63
C ALA C 152 -5.32 28.29 -23.74
N THR C 153 -4.58 27.77 -22.76
CA THR C 153 -4.25 26.35 -22.75
C THR C 153 -5.50 25.52 -22.47
N ARG C 154 -6.36 26.00 -21.57
CA ARG C 154 -7.58 25.27 -21.25
C ARG C 154 -8.51 25.32 -22.48
N ALA C 155 -8.56 26.48 -23.13
CA ALA C 155 -9.39 26.64 -24.31
C ALA C 155 -8.95 25.66 -25.39
N GLN C 156 -7.64 25.54 -25.57
CA GLN C 156 -7.08 24.62 -26.56
C GLN C 156 -7.48 23.18 -26.24
N ALA C 157 -7.41 22.82 -24.95
CA ALA C 157 -7.76 21.47 -24.53
C ALA C 157 -9.25 21.23 -24.76
N VAL C 158 -10.08 22.24 -24.49
CA VAL C 158 -11.51 22.12 -24.69
C VAL C 158 -11.82 21.89 -26.17
N GLU C 159 -11.17 22.67 -27.04
CA GLU C 159 -11.39 22.55 -28.47
C GLU C 159 -10.99 21.16 -28.97
N HIS C 160 -9.92 20.61 -28.41
CA HIS C 160 -9.48 19.27 -28.80
C HIS C 160 -10.55 18.24 -28.48
N ASN C 161 -11.12 18.33 -27.28
CA ASN C 161 -12.16 17.41 -26.86
C ASN C 161 -13.40 17.53 -27.74
N LEU C 162 -13.74 18.76 -28.14
CA LEU C 162 -14.90 18.97 -29.00
C LEU C 162 -14.66 18.33 -30.37
N GLU C 163 -13.42 18.40 -30.84
CA GLU C 163 -13.08 17.81 -32.13
C GLU C 163 -13.24 16.29 -32.05
N CYS C 164 -12.92 15.73 -30.89
CA CYS C 164 -13.04 14.29 -30.69
C CYS C 164 -14.52 13.89 -30.82
N ILE C 165 -15.39 14.74 -30.27
CA ILE C 165 -16.82 14.48 -30.34
C ILE C 165 -17.27 14.52 -31.80
N GLU C 166 -16.76 15.49 -32.56
CA GLU C 166 -17.11 15.63 -33.97
C GLU C 166 -16.69 14.40 -34.76
N ILE C 167 -15.48 13.90 -34.49
CA ILE C 167 -14.99 12.71 -35.17
C ILE C 167 -15.86 11.52 -34.79
N GLY C 168 -16.19 11.44 -33.50
CA GLY C 168 -17.01 10.35 -33.00
C GLY C 168 -18.40 10.30 -33.61
N LYS C 169 -19.03 11.46 -33.76
CA LYS C 169 -20.37 11.50 -34.34
C LYS C 169 -20.33 10.99 -35.77
N ALA C 170 -19.25 11.33 -36.47
CA ALA C 170 -19.08 10.92 -37.86
C ALA C 170 -18.81 9.42 -38.05
N ILE C 171 -18.35 8.74 -37.01
CA ILE C 171 -18.06 7.32 -37.12
C ILE C 171 -19.01 6.38 -36.38
N GLY C 172 -19.94 6.93 -35.62
CA GLY C 172 -20.89 6.10 -34.90
C GLY C 172 -20.68 5.97 -33.41
N SER C 173 -19.73 6.71 -32.86
CA SER C 173 -19.46 6.67 -31.42
C SER C 173 -20.56 7.42 -30.68
N LYS C 174 -20.74 7.11 -29.40
CA LYS C 174 -21.78 7.78 -28.60
C LYS C 174 -21.26 8.24 -27.24
N ALA C 175 -19.94 8.36 -27.11
CA ALA C 175 -19.37 8.80 -25.83
C ALA C 175 -17.93 9.27 -25.97
N LEU C 176 -17.55 10.14 -25.04
CA LEU C 176 -16.20 10.69 -24.99
C LEU C 176 -15.64 10.40 -23.60
N THR C 177 -14.48 9.76 -23.55
CA THR C 177 -13.83 9.46 -22.28
C THR C 177 -12.73 10.48 -22.09
N VAL C 178 -12.73 11.14 -20.94
CA VAL C 178 -11.72 12.15 -20.66
C VAL C 178 -10.81 11.75 -19.50
N TRP C 179 -9.57 11.42 -19.83
CA TRP C 179 -8.57 11.11 -18.80
C TRP C 179 -7.42 12.05 -19.06
N ILE C 180 -7.01 12.80 -18.04
CA ILE C 180 -5.91 13.72 -18.18
C ILE C 180 -4.89 13.43 -17.08
N GLY C 181 -3.65 13.90 -17.30
CA GLY C 181 -2.61 13.67 -16.32
C GLY C 181 -2.53 14.81 -15.32
N ASP C 182 -3.31 15.86 -15.55
CA ASP C 182 -3.32 17.05 -14.71
C ASP C 182 -3.13 16.78 -13.23
N GLY C 183 -2.15 17.46 -12.65
CA GLY C 183 -1.86 17.30 -11.24
C GLY C 183 -0.56 18.00 -10.91
N SER C 184 0.05 17.62 -9.79
CA SER C 184 1.31 18.23 -9.37
C SER C 184 2.28 17.17 -8.88
N ASN C 185 3.58 17.49 -8.92
CA ASN C 185 4.60 16.56 -8.44
C ASN C 185 5.18 17.07 -7.13
N PHE C 186 4.79 18.28 -6.74
CA PHE C 186 5.31 18.89 -5.51
C PHE C 186 4.26 19.61 -4.69
N PRO C 187 4.33 19.47 -3.36
CA PRO C 187 3.38 20.16 -2.48
C PRO C 187 3.49 21.65 -2.77
N GLY C 188 2.36 22.33 -2.84
CA GLY C 188 2.37 23.76 -3.12
C GLY C 188 2.36 24.15 -4.59
N GLN C 189 2.83 23.25 -5.45
CA GLN C 189 2.86 23.53 -6.89
C GLN C 189 1.48 23.91 -7.41
N SER C 190 0.46 23.19 -6.95
CA SER C 190 -0.91 23.45 -7.36
C SER C 190 -1.80 23.76 -6.16
N ASN C 191 -2.79 24.61 -6.39
CA ASN C 191 -3.77 24.89 -5.34
C ASN C 191 -4.84 23.87 -5.70
N PHE C 192 -5.02 22.85 -4.85
CA PHE C 192 -6.00 21.79 -5.13
C PHE C 192 -7.38 22.29 -5.56
N THR C 193 -7.94 23.21 -4.78
CA THR C 193 -9.27 23.73 -5.06
C THR C 193 -9.38 24.52 -6.35
N ARG C 194 -8.46 25.47 -6.56
CA ARG C 194 -8.49 26.28 -7.78
C ARG C 194 -8.32 25.44 -9.04
N ALA C 195 -7.45 24.44 -8.98
CA ALA C 195 -7.23 23.59 -10.14
C ALA C 195 -8.49 22.81 -10.46
N PHE C 196 -9.18 22.31 -9.44
CA PHE C 196 -10.40 21.55 -9.65
C PHE C 196 -11.49 22.47 -10.21
N GLU C 197 -11.56 23.70 -9.71
CA GLU C 197 -12.55 24.66 -10.20
C GLU C 197 -12.33 24.90 -11.69
N ARG C 198 -11.06 25.04 -12.08
CA ARG C 198 -10.72 25.27 -13.48
C ARG C 198 -11.14 24.07 -14.33
N TYR C 199 -10.87 22.87 -13.82
CA TYR C 199 -11.23 21.64 -14.51
C TYR C 199 -12.75 21.56 -14.73
N LEU C 200 -13.50 21.83 -13.67
CA LEU C 200 -14.96 21.77 -13.75
C LEU C 200 -15.52 22.77 -14.77
N SER C 201 -14.95 23.97 -14.80
CA SER C 201 -15.42 24.97 -15.74
C SER C 201 -15.15 24.55 -17.18
N ALA C 202 -13.97 23.97 -17.42
CA ALA C 202 -13.60 23.52 -18.76
C ALA C 202 -14.47 22.35 -19.20
N MET C 203 -14.71 21.41 -18.29
CA MET C 203 -15.53 20.25 -18.61
C MET C 203 -16.96 20.67 -18.94
N ALA C 204 -17.42 21.77 -18.32
CA ALA C 204 -18.77 22.26 -18.58
C ALA C 204 -18.87 22.70 -20.03
N GLU C 205 -17.77 23.23 -20.58
CA GLU C 205 -17.76 23.66 -21.97
C GLU C 205 -17.82 22.46 -22.90
N ILE C 206 -17.12 21.40 -22.53
CA ILE C 206 -17.10 20.18 -23.33
C ILE C 206 -18.50 19.56 -23.29
N TYR C 207 -19.12 19.59 -22.12
CA TYR C 207 -20.45 19.04 -21.92
C TYR C 207 -21.46 19.68 -22.89
N LYS C 208 -21.34 20.98 -23.09
CA LYS C 208 -22.24 21.70 -23.99
C LYS C 208 -22.20 21.19 -25.42
N GLY C 209 -21.10 20.55 -25.80
CA GLY C 209 -20.98 20.03 -27.16
C GLY C 209 -21.47 18.60 -27.34
N LEU C 210 -22.05 18.02 -26.29
CA LEU C 210 -22.55 16.65 -26.35
C LEU C 210 -23.94 16.51 -26.97
N PRO C 211 -24.07 15.58 -27.93
CA PRO C 211 -25.39 15.39 -28.56
C PRO C 211 -26.33 14.84 -27.47
N ASP C 212 -27.63 14.87 -27.72
CA ASP C 212 -28.60 14.39 -26.74
C ASP C 212 -28.41 12.94 -26.31
N ASP C 213 -27.90 12.11 -27.22
CA ASP C 213 -27.70 10.69 -26.91
C ASP C 213 -26.27 10.29 -26.58
N TRP C 214 -25.43 11.28 -26.28
CA TRP C 214 -24.03 11.01 -25.94
C TRP C 214 -23.80 11.07 -24.43
N LYS C 215 -22.68 10.49 -24.01
CA LYS C 215 -22.30 10.51 -22.60
C LYS C 215 -20.86 10.98 -22.52
N LEU C 216 -20.54 11.61 -21.39
CA LEU C 216 -19.19 12.12 -21.16
C LEU C 216 -18.66 11.38 -19.94
N PHE C 217 -17.60 10.60 -20.13
CA PHE C 217 -17.02 9.82 -19.03
C PHE C 217 -15.72 10.42 -18.51
N SER C 218 -15.70 10.79 -17.23
CA SER C 218 -14.49 11.31 -16.62
C SER C 218 -13.85 10.13 -15.92
N GLU C 219 -12.53 10.01 -16.03
CA GLU C 219 -11.79 8.90 -15.44
C GLU C 219 -10.80 9.30 -14.36
N HIS C 220 -10.99 8.78 -13.15
CA HIS C 220 -10.09 9.09 -12.06
C HIS C 220 -8.85 8.20 -12.07
N LYS C 221 -7.78 8.68 -11.44
CA LYS C 221 -6.53 7.94 -11.34
C LYS C 221 -5.74 8.53 -10.17
N MET C 222 -5.34 7.67 -9.25
CA MET C 222 -4.59 8.10 -8.06
C MET C 222 -3.29 8.85 -8.36
N TYR C 223 -2.50 8.33 -9.29
CA TYR C 223 -1.23 8.95 -9.66
C TYR C 223 -0.74 8.44 -11.01
N GLU C 224 0.28 9.12 -11.53
CA GLU C 224 0.92 8.85 -12.82
C GLU C 224 0.06 9.40 -13.96
N PRO C 225 0.59 10.38 -14.72
CA PRO C 225 1.89 11.02 -14.60
C PRO C 225 2.20 11.97 -13.43
N ALA C 226 1.19 12.38 -12.67
CA ALA C 226 1.44 13.29 -11.54
C ALA C 226 1.80 12.44 -10.32
N PHE C 227 2.89 12.80 -9.65
CA PHE C 227 3.34 12.00 -8.52
C PHE C 227 3.19 12.55 -7.11
N TYR C 228 2.43 13.62 -6.96
CA TYR C 228 2.14 14.16 -5.63
C TYR C 228 0.61 14.25 -5.53
N SER C 229 0.00 14.97 -6.47
CA SER C 229 -1.45 15.08 -6.47
C SER C 229 -1.96 15.01 -7.91
N THR C 230 -3.20 14.57 -8.05
CA THR C 230 -3.86 14.46 -9.34
C THR C 230 -5.23 15.09 -9.17
N VAL C 231 -5.63 15.95 -10.11
CA VAL C 231 -6.93 16.60 -10.01
C VAL C 231 -8.07 15.60 -9.89
N VAL C 232 -8.18 14.67 -10.82
CA VAL C 232 -9.23 13.66 -10.75
C VAL C 232 -8.54 12.42 -10.19
N GLN C 233 -8.28 12.45 -8.88
CA GLN C 233 -7.55 11.37 -8.20
C GLN C 233 -8.33 10.12 -7.77
N ASP C 234 -9.60 10.26 -7.43
CA ASP C 234 -10.37 9.08 -7.02
C ASP C 234 -11.84 9.16 -7.40
N TRP C 235 -12.59 8.12 -7.04
CA TRP C 235 -14.01 8.08 -7.39
C TRP C 235 -14.85 9.13 -6.68
N GLY C 236 -14.34 9.66 -5.57
CA GLY C 236 -15.06 10.69 -4.84
C GLY C 236 -15.07 11.97 -5.67
N THR C 237 -13.88 12.38 -6.13
CA THR C 237 -13.78 13.58 -6.95
C THR C 237 -14.54 13.34 -8.26
N ASN C 238 -14.44 12.11 -8.77
CA ASN C 238 -15.12 11.77 -10.01
C ASN C 238 -16.63 11.93 -9.86
N TYR C 239 -17.15 11.51 -8.71
CA TYR C 239 -18.59 11.66 -8.49
C TYR C 239 -18.96 13.13 -8.47
N LEU C 240 -18.17 13.95 -7.80
CA LEU C 240 -18.44 15.39 -7.74
C LEU C 240 -18.48 15.97 -9.14
N ILE C 241 -17.62 15.47 -10.01
CA ILE C 241 -17.56 15.93 -11.39
C ILE C 241 -18.84 15.56 -12.13
N ALA C 242 -19.18 14.28 -12.14
CA ALA C 242 -20.38 13.80 -12.83
C ALA C 242 -21.65 14.46 -12.31
N GLN C 243 -21.78 14.56 -10.98
CA GLN C 243 -22.96 15.18 -10.38
C GLN C 243 -23.09 16.65 -10.78
N THR C 244 -21.95 17.32 -10.85
CA THR C 244 -21.92 18.74 -11.21
C THR C 244 -22.22 19.01 -12.68
N LEU C 245 -21.61 18.26 -13.58
CA LEU C 245 -21.79 18.48 -15.01
C LEU C 245 -23.19 18.22 -15.56
N GLY C 246 -23.80 17.10 -15.16
CA GLY C 246 -25.14 16.81 -15.64
C GLY C 246 -25.45 15.36 -15.89
N PRO C 247 -26.69 15.05 -16.29
CA PRO C 247 -27.21 13.72 -16.58
C PRO C 247 -26.37 12.90 -17.56
N LYS C 248 -25.76 13.58 -18.52
CA LYS C 248 -24.95 12.91 -19.52
C LYS C 248 -23.54 12.60 -19.06
N ALA C 249 -23.16 13.14 -17.90
CA ALA C 249 -21.83 12.91 -17.35
C ALA C 249 -21.81 11.76 -16.34
N GLN C 250 -20.91 10.82 -16.55
CA GLN C 250 -20.79 9.67 -15.65
C GLN C 250 -19.32 9.35 -15.38
N CYS C 251 -19.09 8.43 -14.45
CA CYS C 251 -17.72 8.07 -14.07
C CYS C 251 -17.22 6.77 -14.67
N LEU C 252 -15.97 6.78 -15.12
CA LEU C 252 -15.36 5.58 -15.70
C LEU C 252 -14.40 4.99 -14.67
N VAL C 253 -14.53 3.70 -14.43
CA VAL C 253 -13.71 2.99 -13.45
C VAL C 253 -12.64 2.10 -14.12
N ASP C 254 -11.38 2.47 -13.94
CA ASP C 254 -10.26 1.71 -14.49
C ASP C 254 -9.72 0.91 -13.30
N LEU C 255 -9.77 -0.41 -13.40
CA LEU C 255 -9.35 -1.27 -12.30
C LEU C 255 -7.97 -1.01 -11.68
N GLY C 256 -6.99 -0.62 -12.49
CA GLY C 256 -5.67 -0.37 -11.94
C GLY C 256 -5.39 1.05 -11.49
N HIS C 257 -6.42 1.87 -11.36
CA HIS C 257 -6.23 3.27 -10.96
C HIS C 257 -6.55 3.59 -9.50
N HIS C 258 -6.53 2.59 -8.64
CA HIS C 258 -6.86 2.78 -7.24
C HIS C 258 -5.71 2.54 -6.27
N ALA C 259 -5.84 3.09 -5.06
CA ALA C 259 -4.83 2.92 -4.04
C ALA C 259 -4.70 1.46 -3.65
N PRO C 260 -3.53 1.08 -3.11
CA PRO C 260 -3.34 -0.31 -2.70
C PRO C 260 -4.46 -0.76 -1.75
N ASN C 261 -4.95 -1.97 -1.96
CA ASN C 261 -6.00 -2.59 -1.13
C ASN C 261 -7.41 -2.02 -1.22
N THR C 262 -7.62 -1.05 -2.11
CA THR C 262 -8.95 -0.46 -2.28
C THR C 262 -10.00 -1.52 -2.63
N ASN C 263 -11.21 -1.39 -2.08
CA ASN C 263 -12.28 -2.31 -2.43
C ASN C 263 -12.95 -1.67 -3.64
N ILE C 264 -12.52 -2.10 -4.82
CA ILE C 264 -13.02 -1.54 -6.07
C ILE C 264 -14.47 -1.92 -6.37
N GLU C 265 -14.86 -3.16 -6.05
CA GLU C 265 -16.23 -3.57 -6.30
C GLU C 265 -17.24 -2.73 -5.50
N MET C 266 -16.82 -2.18 -4.36
CA MET C 266 -17.74 -1.34 -3.59
C MET C 266 -17.93 -0.02 -4.33
N ILE C 267 -16.85 0.50 -4.92
CA ILE C 267 -16.94 1.75 -5.66
C ILE C 267 -17.94 1.58 -6.79
N VAL C 268 -17.87 0.43 -7.47
CA VAL C 268 -18.79 0.12 -8.55
C VAL C 268 -20.23 0.16 -8.04
N ALA C 269 -20.47 -0.48 -6.91
CA ALA C 269 -21.81 -0.52 -6.32
C ALA C 269 -22.32 0.88 -5.98
N ARG C 270 -21.44 1.70 -5.40
CA ARG C 270 -21.81 3.07 -5.03
C ARG C 270 -22.19 3.89 -6.27
N LEU C 271 -21.39 3.78 -7.33
CA LEU C 271 -21.68 4.53 -8.55
C LEU C 271 -22.99 4.08 -9.18
N ILE C 272 -23.28 2.78 -9.10
CA ILE C 272 -24.53 2.26 -9.64
C ILE C 272 -25.69 2.82 -8.84
N GLN C 273 -25.56 2.80 -7.51
CA GLN C 273 -26.61 3.30 -6.63
C GLN C 273 -27.00 4.74 -6.94
N PHE C 274 -26.02 5.57 -7.29
CA PHE C 274 -26.31 6.96 -7.59
C PHE C 274 -26.35 7.27 -9.09
N GLY C 275 -26.53 6.23 -9.89
CA GLY C 275 -26.63 6.39 -11.33
C GLY C 275 -25.47 7.06 -12.05
N LYS C 276 -24.25 6.84 -11.58
CA LYS C 276 -23.09 7.46 -12.20
C LYS C 276 -22.03 6.48 -12.68
N LEU C 277 -22.39 5.21 -12.87
CA LEU C 277 -21.42 4.24 -13.38
C LEU C 277 -21.44 4.33 -14.90
N GLY C 278 -20.50 5.10 -15.45
CA GLY C 278 -20.44 5.26 -16.89
C GLY C 278 -19.88 4.06 -17.62
N GLY C 279 -18.79 3.50 -17.10
CA GLY C 279 -18.20 2.35 -17.75
C GLY C 279 -16.97 1.85 -17.04
N PHE C 280 -16.32 0.86 -17.65
CA PHE C 280 -15.12 0.25 -17.10
C PHE C 280 -13.95 0.21 -18.06
N HIS C 281 -12.75 0.19 -17.48
CA HIS C 281 -11.53 0.03 -18.24
C HIS C 281 -10.95 -1.20 -17.57
N PHE C 282 -11.04 -2.33 -18.25
CA PHE C 282 -10.55 -3.60 -17.71
C PHE C 282 -9.08 -3.85 -17.97
N ASN C 283 -8.44 -4.44 -16.96
CA ASN C 283 -7.03 -4.80 -16.97
C ASN C 283 -6.75 -5.39 -15.60
N ASP C 284 -5.52 -5.84 -15.36
CA ASP C 284 -5.19 -6.38 -14.05
C ASP C 284 -3.91 -5.71 -13.60
N SER C 285 -3.58 -5.89 -12.32
CA SER C 285 -2.39 -5.26 -11.77
C SER C 285 -2.03 -5.85 -10.41
N LYS C 286 -0.83 -5.56 -9.96
CA LYS C 286 -0.38 -6.02 -8.65
C LYS C 286 0.25 -4.88 -7.87
N TYR C 287 0.86 -3.93 -8.57
CA TYR C 287 1.55 -2.81 -7.91
C TYR C 287 0.95 -1.42 -8.15
N GLY C 288 0.82 -1.04 -9.41
CA GLY C 288 0.26 0.26 -9.75
C GLY C 288 -0.70 0.13 -10.92
N ASP C 289 -0.64 1.06 -11.87
CA ASP C 289 -1.50 0.98 -13.05
C ASP C 289 -0.70 0.13 -14.04
N ASP C 290 -0.50 -1.14 -13.67
CA ASP C 290 0.29 -2.09 -14.45
C ASP C 290 -0.22 -2.42 -15.84
N ASP C 291 -1.51 -2.26 -16.06
CA ASP C 291 -2.13 -2.52 -17.36
C ASP C 291 -1.89 -3.92 -17.91
N LEU C 292 -1.92 -4.91 -17.02
CA LEU C 292 -1.72 -6.30 -17.41
C LEU C 292 -3.01 -6.92 -17.93
N ASP C 293 -2.88 -8.09 -18.54
CA ASP C 293 -4.04 -8.82 -19.08
C ASP C 293 -5.08 -9.05 -18.00
N ALA C 294 -6.33 -8.69 -18.29
CA ALA C 294 -7.42 -8.86 -17.35
C ALA C 294 -7.47 -10.26 -16.74
N GLY C 295 -7.58 -10.31 -15.41
CA GLY C 295 -7.67 -11.57 -14.71
C GLY C 295 -6.41 -12.39 -14.57
N ALA C 296 -5.30 -11.95 -15.16
CA ALA C 296 -4.04 -12.69 -15.08
C ALA C 296 -3.40 -12.65 -13.69
N ILE C 297 -3.80 -11.67 -12.89
CA ILE C 297 -3.24 -11.52 -11.55
C ILE C 297 -4.23 -11.83 -10.43
N GLU C 298 -5.41 -11.22 -10.50
CA GLU C 298 -6.44 -11.44 -9.50
C GLU C 298 -7.79 -11.71 -10.13
N PRO C 299 -8.00 -12.96 -10.59
CA PRO C 299 -9.26 -13.35 -11.23
C PRO C 299 -10.50 -13.23 -10.34
N TYR C 300 -10.35 -13.46 -9.04
CA TYR C 300 -11.51 -13.38 -8.15
C TYR C 300 -12.04 -11.96 -8.06
N ARG C 301 -11.12 -10.99 -8.02
CA ARG C 301 -11.51 -9.58 -7.94
C ARG C 301 -12.34 -9.21 -9.17
N LEU C 302 -11.95 -9.73 -10.32
CA LEU C 302 -12.67 -9.45 -11.56
C LEU C 302 -14.08 -10.03 -11.42
N PHE C 303 -14.16 -11.24 -10.89
CA PHE C 303 -15.45 -11.89 -10.68
C PHE C 303 -16.31 -11.06 -9.73
N LEU C 304 -15.70 -10.56 -8.65
CA LEU C 304 -16.45 -9.76 -7.67
C LEU C 304 -17.01 -8.46 -8.27
N VAL C 305 -16.28 -7.88 -9.22
CA VAL C 305 -16.74 -6.66 -9.87
C VAL C 305 -17.96 -7.05 -10.71
N PHE C 306 -17.86 -8.15 -11.44
CA PHE C 306 -18.97 -8.60 -12.26
C PHE C 306 -20.16 -9.05 -11.41
N ASN C 307 -19.88 -9.49 -10.19
CA ASN C 307 -20.96 -9.91 -9.31
C ASN C 307 -21.87 -8.70 -9.03
N GLU C 308 -21.26 -7.52 -8.88
CA GLU C 308 -22.05 -6.31 -8.62
C GLU C 308 -22.82 -5.93 -9.88
N LEU C 309 -22.19 -6.13 -11.03
CA LEU C 309 -22.81 -5.81 -12.32
C LEU C 309 -24.02 -6.70 -12.58
N VAL C 310 -23.86 -8.00 -12.36
CA VAL C 310 -24.96 -8.94 -12.57
C VAL C 310 -26.09 -8.72 -11.57
N ASP C 311 -25.75 -8.37 -10.34
CA ASP C 311 -26.76 -8.11 -9.33
C ASP C 311 -27.66 -6.98 -9.78
N ALA C 312 -27.07 -5.95 -10.36
CA ALA C 312 -27.82 -4.79 -10.84
C ALA C 312 -28.55 -5.19 -12.13
N GLU C 313 -27.86 -5.95 -12.97
CA GLU C 313 -28.41 -6.42 -14.24
C GLU C 313 -29.59 -7.36 -14.01
N ALA C 314 -29.65 -7.96 -12.84
CA ALA C 314 -30.71 -8.90 -12.50
C ALA C 314 -31.87 -8.20 -11.79
N ARG C 315 -31.56 -7.15 -11.04
CA ARG C 315 -32.59 -6.41 -10.32
C ARG C 315 -33.27 -5.39 -11.21
N GLY C 316 -33.23 -5.64 -12.51
CA GLY C 316 -33.85 -4.76 -13.48
C GLY C 316 -33.46 -3.29 -13.38
N VAL C 317 -32.25 -3.01 -12.91
CA VAL C 317 -31.80 -1.62 -12.80
C VAL C 317 -31.96 -0.96 -14.16
N LYS C 318 -33.00 -0.15 -14.28
CA LYS C 318 -33.32 0.54 -15.53
C LYS C 318 -32.26 1.58 -15.91
N GLY C 319 -32.05 1.74 -17.20
CA GLY C 319 -31.06 2.70 -17.68
C GLY C 319 -29.68 2.28 -17.22
N PHE C 320 -29.39 0.99 -17.33
CA PHE C 320 -28.11 0.45 -16.91
C PHE C 320 -27.38 -0.22 -18.08
N HIS C 321 -26.55 0.55 -18.77
CA HIS C 321 -25.78 0.04 -19.90
C HIS C 321 -24.35 0.55 -19.80
N PRO C 322 -23.61 0.13 -18.76
CA PRO C 322 -22.21 0.57 -18.58
C PRO C 322 -21.36 0.20 -19.78
N ALA C 323 -20.50 1.12 -20.20
CA ALA C 323 -19.62 0.87 -21.33
C ALA C 323 -18.43 0.02 -20.87
N HIS C 324 -18.25 -1.14 -21.49
CA HIS C 324 -17.15 -2.03 -21.14
C HIS C 324 -16.02 -1.89 -22.15
N MET C 325 -14.82 -1.67 -21.64
CA MET C 325 -13.66 -1.50 -22.50
C MET C 325 -12.41 -2.08 -21.87
N ILE C 326 -11.52 -2.62 -22.70
CA ILE C 326 -10.26 -3.16 -22.23
C ILE C 326 -9.26 -2.03 -22.40
N ASN C 327 -8.44 -1.80 -21.38
CA ASN C 327 -7.41 -0.76 -21.45
C ASN C 327 -6.16 -1.38 -20.87
N GLN C 328 -5.33 -1.94 -21.74
CA GLN C 328 -4.11 -2.62 -21.32
C GLN C 328 -2.90 -2.23 -22.16
N SER C 329 -1.73 -2.65 -21.68
CA SER C 329 -0.48 -2.41 -22.37
C SER C 329 0.18 -3.79 -22.44
N HIS C 330 0.58 -4.20 -23.63
CA HIS C 330 1.19 -5.51 -23.81
C HIS C 330 2.66 -5.33 -24.12
N ASN C 331 3.48 -5.49 -23.08
CA ASN C 331 4.91 -5.29 -23.19
C ASN C 331 5.75 -6.53 -23.46
N VAL C 332 5.24 -7.72 -23.12
CA VAL C 332 6.02 -8.94 -23.33
C VAL C 332 5.25 -10.08 -23.97
N THR C 333 4.19 -9.75 -24.70
CA THR C 333 3.38 -10.76 -25.38
C THR C 333 2.93 -10.20 -26.71
N ASP C 334 2.35 -11.06 -27.55
CA ASP C 334 1.83 -10.63 -28.84
C ASP C 334 0.52 -9.94 -28.43
N PRO C 335 0.41 -8.63 -28.68
CA PRO C 335 -0.78 -7.85 -28.31
C PRO C 335 -2.12 -8.51 -28.65
N ILE C 336 -2.22 -9.06 -29.86
CA ILE C 336 -3.45 -9.71 -30.28
C ILE C 336 -3.81 -10.91 -29.41
N GLU C 337 -2.81 -11.71 -29.04
CA GLU C 337 -3.07 -12.88 -28.21
C GLU C 337 -3.55 -12.47 -26.82
N SER C 338 -2.90 -11.46 -26.23
CA SER C 338 -3.28 -10.99 -24.91
C SER C 338 -4.70 -10.42 -24.92
N LEU C 339 -5.02 -9.62 -25.94
CA LEU C 339 -6.36 -9.04 -26.01
C LEU C 339 -7.40 -10.13 -26.17
N ILE C 340 -7.03 -11.20 -26.87
CA ILE C 340 -7.93 -12.31 -27.08
C ILE C 340 -8.24 -12.98 -25.74
N ASN C 341 -7.20 -13.36 -25.00
CA ASN C 341 -7.40 -14.01 -23.73
C ASN C 341 -7.96 -13.09 -22.65
N SER C 342 -7.74 -11.78 -22.81
CA SER C 342 -8.26 -10.83 -21.84
C SER C 342 -9.76 -10.71 -22.01
N ALA C 343 -10.21 -10.65 -23.26
CA ALA C 343 -11.63 -10.57 -23.56
C ALA C 343 -12.27 -11.86 -23.04
N ASN C 344 -11.55 -12.97 -23.18
CA ASN C 344 -12.04 -14.27 -22.72
C ASN C 344 -12.25 -14.26 -21.21
N GLU C 345 -11.25 -13.76 -20.48
CA GLU C 345 -11.33 -13.68 -19.01
C GLU C 345 -12.49 -12.83 -18.54
N ILE C 346 -12.77 -11.76 -19.27
CA ILE C 346 -13.85 -10.86 -18.91
C ILE C 346 -15.17 -11.61 -19.06
N ARG C 347 -15.32 -12.36 -20.15
CA ARG C 347 -16.53 -13.14 -20.35
C ARG C 347 -16.61 -14.27 -19.33
N ARG C 348 -15.46 -14.75 -18.88
CA ARG C 348 -15.39 -15.82 -17.89
C ARG C 348 -15.97 -15.32 -16.56
N ALA C 349 -15.52 -14.14 -16.14
CA ALA C 349 -15.99 -13.55 -14.89
C ALA C 349 -17.49 -13.28 -14.98
N TYR C 350 -17.92 -12.78 -16.13
CA TYR C 350 -19.33 -12.49 -16.34
C TYR C 350 -20.17 -13.76 -16.26
N ALA C 351 -19.70 -14.81 -16.95
CA ALA C 351 -20.42 -16.08 -16.96
C ALA C 351 -20.54 -16.65 -15.56
N GLN C 352 -19.46 -16.58 -14.78
CA GLN C 352 -19.50 -17.12 -13.42
C GLN C 352 -20.46 -16.30 -12.55
N ALA C 353 -20.48 -14.99 -12.76
CA ALA C 353 -21.37 -14.14 -11.99
C ALA C 353 -22.82 -14.53 -12.27
N LEU C 354 -23.09 -14.99 -13.49
CA LEU C 354 -24.43 -15.40 -13.88
C LEU C 354 -24.87 -16.68 -13.17
N LEU C 355 -23.91 -17.46 -12.70
CA LEU C 355 -24.19 -18.73 -12.02
C LEU C 355 -24.58 -18.58 -10.55
N VAL C 356 -24.32 -17.40 -9.99
CA VAL C 356 -24.63 -17.13 -8.59
C VAL C 356 -26.12 -17.28 -8.31
N ASP C 357 -26.45 -18.03 -7.26
CA ASP C 357 -27.84 -18.23 -6.86
C ASP C 357 -28.21 -16.97 -6.06
N ARG C 358 -28.78 -15.99 -6.76
CA ARG C 358 -29.17 -14.72 -6.15
C ARG C 358 -30.15 -14.87 -4.98
N ALA C 359 -31.11 -15.79 -5.12
CA ALA C 359 -32.09 -16.01 -4.07
C ALA C 359 -31.40 -16.54 -2.81
N ALA C 360 -30.53 -17.54 -3.00
CA ALA C 360 -29.81 -18.11 -1.88
C ALA C 360 -28.93 -17.05 -1.24
N LEU C 361 -28.23 -16.28 -2.07
CA LEU C 361 -27.33 -15.25 -1.58
C LEU C 361 -28.09 -14.23 -0.73
N SER C 362 -29.23 -13.76 -1.24
CA SER C 362 -30.03 -12.79 -0.52
C SER C 362 -30.45 -13.34 0.85
N GLY C 363 -30.82 -14.62 0.88
CA GLY C 363 -31.23 -15.24 2.13
C GLY C 363 -30.11 -15.26 3.15
N TYR C 364 -28.91 -15.63 2.73
CA TYR C 364 -27.77 -15.68 3.62
C TYR C 364 -27.35 -14.29 4.07
N GLN C 365 -27.61 -13.29 3.24
CA GLN C 365 -27.26 -11.92 3.60
C GLN C 365 -28.23 -11.44 4.68
N GLU C 366 -29.52 -11.69 4.49
CA GLU C 366 -30.51 -11.27 5.47
C GLU C 366 -30.33 -11.93 6.83
N ASP C 367 -29.94 -13.22 6.85
CA ASP C 367 -29.76 -13.89 8.12
C ASP C 367 -28.32 -13.81 8.64
N ASN C 368 -27.52 -12.94 8.01
CA ASN C 368 -26.13 -12.75 8.42
C ASN C 368 -25.30 -14.04 8.46
N ASP C 369 -25.51 -14.91 7.47
CA ASP C 369 -24.77 -16.15 7.38
C ASP C 369 -23.60 -15.87 6.45
N ALA C 370 -22.58 -15.19 6.99
CA ALA C 370 -21.41 -14.83 6.21
C ALA C 370 -20.73 -15.98 5.49
N LEU C 371 -20.52 -17.08 6.20
CA LEU C 371 -19.87 -18.25 5.62
C LEU C 371 -20.61 -18.79 4.40
N MET C 372 -21.92 -19.00 4.53
CA MET C 372 -22.68 -19.52 3.39
C MET C 372 -22.85 -18.48 2.29
N ALA C 373 -22.85 -17.21 2.66
CA ALA C 373 -22.98 -16.14 1.67
C ALA C 373 -21.74 -16.15 0.78
N THR C 374 -20.57 -16.23 1.40
CA THR C 374 -19.33 -16.24 0.65
C THR C 374 -19.20 -17.55 -0.14
N GLU C 375 -19.65 -18.65 0.43
CA GLU C 375 -19.59 -19.94 -0.25
C GLU C 375 -20.54 -19.93 -1.45
N THR C 376 -21.61 -19.16 -1.35
CA THR C 376 -22.58 -19.08 -2.46
C THR C 376 -21.90 -18.43 -3.66
N LEU C 377 -21.04 -17.46 -3.41
CA LEU C 377 -20.31 -16.79 -4.50
C LEU C 377 -19.26 -17.75 -5.04
N LYS C 378 -18.56 -18.44 -4.14
CA LYS C 378 -17.52 -19.37 -4.55
C LYS C 378 -18.05 -20.53 -5.38
N ARG C 379 -19.27 -20.99 -5.09
CA ARG C 379 -19.83 -22.08 -5.87
C ARG C 379 -19.94 -21.68 -7.34
N ALA C 380 -20.18 -20.40 -7.58
CA ALA C 380 -20.29 -19.90 -8.95
C ALA C 380 -18.89 -19.69 -9.53
N TYR C 381 -18.03 -19.03 -8.75
CA TYR C 381 -16.66 -18.74 -9.17
C TYR C 381 -15.81 -19.99 -9.41
N ARG C 382 -16.00 -21.04 -8.61
CA ARG C 382 -15.23 -22.25 -8.76
C ARG C 382 -15.58 -23.02 -10.03
N THR C 383 -16.75 -22.71 -10.59
CA THR C 383 -17.19 -23.41 -11.80
C THR C 383 -16.34 -23.03 -13.01
N ASP C 384 -15.83 -24.05 -13.70
CA ASP C 384 -15.01 -23.83 -14.88
C ASP C 384 -16.00 -23.65 -16.03
N VAL C 385 -16.17 -22.40 -16.44
CA VAL C 385 -17.10 -22.06 -17.51
C VAL C 385 -16.48 -22.03 -18.89
N GLU C 386 -15.24 -22.49 -19.01
CA GLU C 386 -14.56 -22.48 -20.29
C GLU C 386 -15.37 -23.15 -21.39
N PRO C 387 -16.04 -24.28 -21.08
CA PRO C 387 -16.84 -24.94 -22.13
C PRO C 387 -17.92 -24.02 -22.68
N ILE C 388 -18.50 -23.20 -21.80
CA ILE C 388 -19.53 -22.26 -22.22
C ILE C 388 -18.94 -21.17 -23.10
N LEU C 389 -17.76 -20.68 -22.72
CA LEU C 389 -17.11 -19.63 -23.49
C LEU C 389 -16.70 -20.15 -24.87
N ALA C 390 -16.19 -21.38 -24.92
CA ALA C 390 -15.76 -21.98 -26.17
C ALA C 390 -16.94 -22.29 -27.09
N GLU C 391 -18.02 -22.78 -26.50
CA GLU C 391 -19.22 -23.10 -27.28
C GLU C 391 -19.84 -21.82 -27.83
N ALA C 392 -19.83 -20.76 -27.03
CA ALA C 392 -20.38 -19.48 -27.45
C ALA C 392 -19.61 -18.98 -28.68
N ARG C 393 -18.29 -19.13 -28.64
CA ARG C 393 -17.46 -18.70 -29.76
C ARG C 393 -17.74 -19.56 -30.99
N ARG C 394 -17.80 -20.87 -30.79
CA ARG C 394 -18.03 -21.81 -31.89
C ARG C 394 -19.36 -21.54 -32.60
N ARG C 395 -20.41 -21.29 -31.83
CA ARG C 395 -21.73 -21.04 -32.39
C ARG C 395 -21.91 -19.68 -33.05
N THR C 396 -20.97 -18.76 -32.81
CA THR C 396 -21.07 -17.43 -33.39
C THR C 396 -20.02 -17.14 -34.44
N GLY C 397 -19.34 -18.19 -34.90
CA GLY C 397 -18.32 -18.02 -35.94
C GLY C 397 -16.91 -17.80 -35.42
N GLY C 398 -16.69 -18.06 -34.14
CA GLY C 398 -15.38 -17.88 -33.55
C GLY C 398 -14.61 -19.18 -33.42
N ALA C 399 -13.52 -19.14 -32.66
CA ALA C 399 -12.68 -20.32 -32.47
C ALA C 399 -12.81 -20.91 -31.06
N VAL C 400 -12.86 -22.24 -30.99
CA VAL C 400 -12.95 -22.93 -29.71
C VAL C 400 -11.76 -22.51 -28.85
N ASP C 401 -10.57 -22.50 -29.46
CA ASP C 401 -9.34 -22.07 -28.80
C ASP C 401 -8.77 -20.95 -29.66
N PRO C 402 -9.16 -19.70 -29.36
CA PRO C 402 -8.74 -18.48 -30.07
C PRO C 402 -7.23 -18.33 -30.33
N VAL C 403 -6.43 -18.41 -29.28
CA VAL C 403 -4.98 -18.26 -29.46
C VAL C 403 -4.38 -19.40 -30.30
N ALA C 404 -4.87 -20.62 -30.09
CA ALA C 404 -4.36 -21.76 -30.85
C ALA C 404 -4.62 -21.54 -32.34
N THR C 405 -5.83 -21.06 -32.65
CA THR C 405 -6.21 -20.81 -34.04
C THR C 405 -5.38 -19.66 -34.60
N TYR C 406 -5.18 -18.63 -33.79
CA TYR C 406 -4.39 -17.47 -34.19
C TYR C 406 -2.99 -17.91 -34.60
N ARG C 407 -2.35 -18.73 -33.77
CA ARG C 407 -1.00 -19.20 -34.05
C ARG C 407 -0.99 -20.13 -35.27
N ALA C 408 -2.05 -20.93 -35.41
CA ALA C 408 -2.15 -21.86 -36.54
C ALA C 408 -2.29 -21.13 -37.87
N SER C 409 -2.88 -19.94 -37.84
CA SER C 409 -3.09 -19.16 -39.06
C SER C 409 -1.82 -18.48 -39.57
N GLY C 410 -0.86 -18.25 -38.68
CA GLY C 410 0.38 -17.59 -39.08
C GLY C 410 0.19 -16.11 -39.36
N TYR C 411 -0.87 -15.53 -38.80
CA TYR C 411 -1.18 -14.11 -38.99
C TYR C 411 -0.02 -13.17 -38.66
N ARG C 412 0.59 -13.35 -37.49
CA ARG C 412 1.70 -12.48 -37.09
C ARG C 412 2.81 -12.46 -38.13
N ALA C 413 3.21 -13.64 -38.60
CA ALA C 413 4.27 -13.74 -39.59
C ALA C 413 3.84 -13.03 -40.88
N ARG C 414 2.55 -13.11 -41.20
CA ARG C 414 1.99 -12.48 -42.39
C ARG C 414 2.13 -10.96 -42.34
N VAL C 415 1.59 -10.35 -41.29
CA VAL C 415 1.67 -8.89 -41.16
C VAL C 415 3.11 -8.44 -40.93
N ALA C 416 3.94 -9.33 -40.38
CA ALA C 416 5.34 -9.00 -40.15
C ALA C 416 6.04 -8.78 -41.50
N ALA C 417 5.56 -9.48 -42.52
CA ALA C 417 6.13 -9.38 -43.85
C ALA C 417 5.56 -8.20 -44.64
N GLU C 418 4.38 -7.73 -44.25
CA GLU C 418 3.72 -6.62 -44.95
C GLU C 418 4.04 -5.26 -44.35
N ARG C 419 4.42 -5.22 -43.08
CA ARG C 419 4.70 -3.97 -42.40
C ARG C 419 6.18 -3.70 -42.15
N PRO C 420 6.58 -2.42 -42.14
CA PRO C 420 7.99 -2.07 -41.91
C PRO C 420 8.49 -2.52 -40.56
N ALA C 421 9.81 -2.73 -40.47
CA ALA C 421 10.43 -3.18 -39.24
C ALA C 421 10.42 -2.04 -38.22
N SER C 422 10.42 -2.40 -36.94
CA SER C 422 10.44 -1.43 -35.86
C SER C 422 11.76 -1.53 -35.12
N VAL C 423 12.07 -0.55 -34.29
CA VAL C 423 13.31 -0.55 -33.53
C VAL C 423 13.04 -0.33 -32.06
N ALA C 424 13.79 -1.04 -31.22
CA ALA C 424 13.65 -0.90 -29.77
C ALA C 424 14.29 0.43 -29.38
N GLY C 425 13.90 0.96 -28.25
CA GLY C 425 14.46 2.23 -27.80
C GLY C 425 14.08 2.55 -26.38
N GLY C 426 14.30 3.79 -25.99
CA GLY C 426 13.95 4.22 -24.64
C GLY C 426 12.45 4.28 -24.46
N GLY C 427 12.01 4.72 -23.28
CA GLY C 427 10.58 4.81 -23.02
C GLY C 427 10.10 6.18 -22.62
N GLY C 428 11.02 7.09 -22.36
CA GLY C 428 10.62 8.43 -21.97
C GLY C 428 11.31 8.98 -20.74
N ILE C 429 12.01 8.13 -19.99
CA ILE C 429 12.69 8.59 -18.79
C ILE C 429 13.72 9.66 -19.12
N ILE C 430 14.35 9.55 -20.29
CA ILE C 430 15.33 10.54 -20.74
C ILE C 430 15.04 10.96 -22.18
N GLU D 3 37.55 26.32 -14.89
CA GLU D 3 36.67 27.42 -15.39
C GLU D 3 35.39 27.50 -14.57
N PHE D 4 34.64 28.58 -14.76
CA PHE D 4 33.40 28.79 -14.02
C PHE D 4 32.21 29.00 -14.94
N ARG D 5 31.24 28.08 -14.88
CA ARG D 5 30.04 28.18 -15.69
C ARG D 5 29.26 29.42 -15.29
N ILE D 6 29.27 29.71 -13.99
CA ILE D 6 28.58 30.88 -13.45
C ILE D 6 29.62 31.96 -13.16
N ALA D 7 29.37 33.17 -13.67
CA ALA D 7 30.29 34.29 -13.47
C ALA D 7 30.55 34.53 -11.99
N GLN D 8 31.83 34.61 -11.63
CA GLN D 8 32.23 34.83 -10.26
C GLN D 8 31.66 36.13 -9.68
N ASP D 9 31.49 37.14 -10.52
CA ASP D 9 30.96 38.41 -10.03
C ASP D 9 29.49 38.29 -9.65
N VAL D 10 28.78 37.37 -10.31
CA VAL D 10 27.38 37.14 -10.02
C VAL D 10 27.27 36.42 -8.68
N VAL D 11 28.17 35.47 -8.45
CA VAL D 11 28.18 34.73 -7.20
C VAL D 11 28.49 35.68 -6.05
N ALA D 12 29.52 36.50 -6.21
CA ALA D 12 29.90 37.46 -5.17
C ALA D 12 28.75 38.43 -4.90
N ARG D 13 28.13 38.92 -5.98
CA ARG D 13 27.04 39.87 -5.88
C ARG D 13 25.85 39.31 -5.09
N GLU D 14 25.39 38.13 -5.49
CA GLU D 14 24.27 37.49 -4.82
C GLU D 14 24.57 37.00 -3.42
N ASN D 15 25.86 36.85 -3.11
CA ASN D 15 26.27 36.43 -1.77
C ASN D 15 26.26 37.65 -0.87
N ASP D 16 26.85 38.75 -1.36
CA ASP D 16 26.90 39.98 -0.59
C ASP D 16 25.50 40.48 -0.25
N ARG D 17 24.58 40.30 -1.19
CA ARG D 17 23.21 40.73 -1.01
C ARG D 17 22.52 40.04 0.15
N ARG D 18 22.96 38.83 0.46
CA ARG D 18 22.35 38.05 1.54
C ARG D 18 23.28 37.81 2.72
N ALA D 19 24.49 38.37 2.65
CA ALA D 19 25.50 38.19 3.69
C ALA D 19 25.08 38.65 5.09
N SER D 20 24.49 39.82 5.18
CA SER D 20 24.07 40.37 6.47
C SER D 20 23.06 39.47 7.18
N ALA D 21 22.04 39.04 6.44
CA ALA D 21 21.00 38.19 7.02
C ALA D 21 21.59 36.84 7.45
N LEU D 22 22.49 36.30 6.64
CA LEU D 22 23.10 35.01 6.96
C LEU D 22 23.93 35.12 8.24
N LYS D 23 24.64 36.22 8.40
CA LYS D 23 25.45 36.42 9.59
C LYS D 23 24.55 36.42 10.82
N GLU D 24 23.41 37.08 10.73
CA GLU D 24 22.47 37.14 11.84
C GLU D 24 21.91 35.76 12.17
N ASP D 25 21.50 35.04 11.14
CA ASP D 25 20.95 33.70 11.35
C ASP D 25 21.98 32.70 11.85
N TYR D 26 23.19 32.77 11.29
CA TYR D 26 24.26 31.86 11.69
C TYR D 26 24.68 32.09 13.14
N GLU D 27 24.83 33.35 13.52
CA GLU D 27 25.23 33.69 14.89
C GLU D 27 24.15 33.29 15.87
N ALA D 28 22.88 33.46 15.49
CA ALA D 28 21.78 33.10 16.36
C ALA D 28 21.77 31.58 16.56
N LEU D 29 21.90 30.84 15.46
CA LEU D 29 21.91 29.38 15.54
C LEU D 29 23.13 28.91 16.34
N GLY D 30 24.25 29.59 16.17
CA GLY D 30 25.45 29.21 16.89
C GLY D 30 25.24 29.34 18.39
N ALA D 31 24.56 30.41 18.80
CA ALA D 31 24.29 30.64 20.22
C ALA D 31 23.31 29.61 20.77
N ASN D 32 22.31 29.25 19.96
CA ASN D 32 21.32 28.27 20.37
C ASN D 32 22.00 26.91 20.56
N LEU D 33 22.85 26.55 19.61
CA LEU D 33 23.56 25.28 19.68
C LEU D 33 24.53 25.26 20.85
N ALA D 34 25.19 26.40 21.11
CA ALA D 34 26.13 26.49 22.22
C ALA D 34 25.38 26.20 23.52
N ARG D 35 24.15 26.70 23.63
CA ARG D 35 23.35 26.47 24.82
C ARG D 35 23.01 24.98 24.92
N ARG D 36 23.00 24.30 23.79
CA ARG D 36 22.71 22.87 23.73
C ARG D 36 23.97 22.02 23.77
N GLY D 37 25.10 22.65 24.05
CA GLY D 37 26.36 21.92 24.14
C GLY D 37 26.93 21.48 22.81
N VAL D 38 26.57 22.17 21.74
CA VAL D 38 27.06 21.84 20.40
C VAL D 38 27.83 23.00 19.78
N ASP D 39 28.95 22.68 19.13
CA ASP D 39 29.78 23.69 18.48
C ASP D 39 29.38 23.76 17.01
N ILE D 40 28.71 24.84 16.64
CA ILE D 40 28.25 25.01 15.27
C ILE D 40 29.38 24.92 14.24
N GLU D 41 30.58 25.34 14.62
CA GLU D 41 31.71 25.29 13.71
C GLU D 41 32.06 23.85 13.35
N ALA D 42 31.95 22.96 14.33
CA ALA D 42 32.24 21.54 14.12
C ALA D 42 31.23 20.91 13.16
N VAL D 43 29.99 21.37 13.23
CA VAL D 43 28.94 20.85 12.36
C VAL D 43 29.18 21.35 10.93
N THR D 44 29.39 22.65 10.80
CA THR D 44 29.62 23.24 9.48
C THR D 44 30.81 22.57 8.81
N ALA D 45 31.82 22.25 9.60
CA ALA D 45 33.03 21.61 9.07
C ALA D 45 32.71 20.24 8.46
N LYS D 46 31.82 19.49 9.11
CA LYS D 46 31.46 18.18 8.58
C LYS D 46 30.55 18.30 7.38
N VAL D 47 29.64 19.27 7.43
CA VAL D 47 28.70 19.49 6.32
C VAL D 47 29.43 19.85 5.03
N GLU D 48 30.45 20.69 5.12
CA GLU D 48 31.18 21.09 3.91
C GLU D 48 32.01 19.94 3.35
N LYS D 49 32.01 18.81 4.07
CA LYS D 49 32.75 17.63 3.64
C LYS D 49 31.80 16.54 3.15
N PHE D 50 30.49 16.80 3.20
CA PHE D 50 29.52 15.82 2.74
C PHE D 50 29.22 16.00 1.27
N PHE D 51 29.48 14.96 0.48
CA PHE D 51 29.23 15.02 -0.96
C PHE D 51 28.28 13.92 -1.41
N VAL D 52 27.50 14.23 -2.45
CA VAL D 52 26.56 13.29 -3.04
C VAL D 52 26.70 13.46 -4.55
N ALA D 53 26.76 12.35 -5.27
CA ALA D 53 26.93 12.38 -6.71
C ALA D 53 25.64 12.74 -7.45
N VAL D 54 25.79 13.43 -8.57
CA VAL D 54 24.64 13.80 -9.38
C VAL D 54 24.54 12.87 -10.57
N PRO D 55 23.32 12.48 -10.94
CA PRO D 55 23.09 11.57 -12.07
C PRO D 55 23.10 12.31 -13.41
N SER D 56 23.99 11.90 -14.31
CA SER D 56 24.07 12.54 -15.62
C SER D 56 22.71 12.55 -16.31
N TRP D 57 21.94 11.48 -16.11
CA TRP D 57 20.63 11.34 -16.73
C TRP D 57 19.53 12.18 -16.08
N GLY D 58 19.86 12.83 -14.97
CA GLY D 58 18.88 13.66 -14.30
C GLY D 58 19.10 15.12 -14.65
N VAL D 59 20.11 15.37 -15.47
CA VAL D 59 20.47 16.73 -15.87
C VAL D 59 19.56 17.23 -16.99
N GLY D 60 18.98 16.29 -17.72
CA GLY D 60 18.05 16.65 -18.78
C GLY D 60 16.66 16.43 -18.22
N THR D 61 15.64 16.95 -18.88
CA THR D 61 14.27 16.79 -18.38
C THR D 61 13.85 15.33 -18.50
N GLY D 62 13.19 14.81 -17.46
CA GLY D 62 12.74 13.43 -17.49
C GLY D 62 11.29 13.33 -17.92
N GLY D 63 10.81 12.12 -18.14
CA GLY D 63 9.43 11.92 -18.55
C GLY D 63 8.84 10.61 -18.09
N THR D 64 7.59 10.36 -18.48
CA THR D 64 6.89 9.13 -18.11
C THR D 64 6.55 8.38 -19.38
N ARG D 65 5.87 7.24 -19.26
CA ARG D 65 5.49 6.48 -20.43
C ARG D 65 4.40 7.20 -21.21
N PHE D 66 3.82 8.23 -20.62
CA PHE D 66 2.77 8.99 -21.28
C PHE D 66 3.26 10.19 -22.06
N ALA D 67 4.36 10.79 -21.63
CA ALA D 67 4.90 11.95 -22.32
C ALA D 67 6.17 12.53 -21.72
N ARG D 68 6.86 13.32 -22.53
CA ARG D 68 8.07 14.02 -22.15
C ARG D 68 7.80 15.47 -22.53
N PHE D 69 8.11 16.40 -21.63
CA PHE D 69 7.90 17.82 -21.88
C PHE D 69 9.21 18.55 -21.64
N PRO D 70 10.15 18.46 -22.60
CA PRO D 70 11.44 19.13 -22.46
C PRO D 70 11.36 20.65 -22.32
N GLY D 71 12.33 21.21 -21.62
CA GLY D 71 12.37 22.65 -21.45
C GLY D 71 13.35 23.22 -22.46
N THR D 72 13.82 24.44 -22.22
CA THR D 72 14.77 25.05 -23.13
C THR D 72 16.20 24.67 -22.77
N GLY D 73 17.09 24.71 -23.76
CA GLY D 73 18.48 24.38 -23.52
C GLY D 73 18.74 22.97 -23.00
N GLU D 74 17.98 22.00 -23.47
CA GLU D 74 18.20 20.62 -23.04
C GLU D 74 19.59 20.21 -23.50
N PRO D 75 20.32 19.47 -22.66
CA PRO D 75 21.67 19.05 -23.04
C PRO D 75 21.62 18.10 -24.25
N ARG D 76 22.55 18.29 -25.19
CA ARG D 76 22.60 17.47 -26.40
C ARG D 76 23.28 16.13 -26.16
N GLY D 77 24.05 16.05 -25.08
CA GLY D 77 24.75 14.83 -24.77
C GLY D 77 25.48 14.92 -23.45
N ILE D 78 26.33 13.92 -23.17
CA ILE D 78 27.08 13.87 -21.92
C ILE D 78 27.97 15.08 -21.65
N PHE D 79 28.58 15.64 -22.70
CA PHE D 79 29.44 16.79 -22.49
C PHE D 79 28.64 18.02 -22.05
N ASP D 80 27.44 18.21 -22.59
CA ASP D 80 26.61 19.33 -22.17
C ASP D 80 26.15 19.04 -20.74
N LYS D 81 25.88 17.76 -20.47
CA LYS D 81 25.42 17.35 -19.15
C LYS D 81 26.50 17.64 -18.11
N LEU D 82 27.76 17.37 -18.46
CA LEU D 82 28.84 17.64 -17.54
C LEU D 82 28.93 19.15 -17.28
N ASP D 83 28.75 19.94 -18.34
CA ASP D 83 28.78 21.39 -18.23
C ASP D 83 27.72 21.87 -17.23
N ASP D 84 26.54 21.29 -17.30
CA ASP D 84 25.45 21.67 -16.39
C ASP D 84 25.73 21.16 -14.98
N CYS D 85 26.34 19.98 -14.87
CA CYS D 85 26.67 19.44 -13.55
C CYS D 85 27.68 20.33 -12.88
N ALA D 86 28.52 21.01 -13.67
CA ALA D 86 29.54 21.90 -13.13
C ALA D 86 28.89 23.07 -12.38
N VAL D 87 27.73 23.50 -12.86
CA VAL D 87 27.00 24.59 -12.22
C VAL D 87 26.49 24.16 -10.86
N ILE D 88 25.93 22.96 -10.80
CA ILE D 88 25.41 22.41 -9.55
C ILE D 88 26.52 22.36 -8.49
N GLN D 89 27.69 21.87 -8.89
CA GLN D 89 28.83 21.77 -7.98
C GLN D 89 29.36 23.16 -7.61
N GLN D 90 29.43 24.07 -8.58
CA GLN D 90 29.95 25.41 -8.30
C GLN D 90 29.11 26.15 -7.27
N LEU D 91 27.79 26.03 -7.39
CA LEU D 91 26.88 26.72 -6.48
C LEU D 91 26.60 26.02 -5.15
N THR D 92 26.50 24.70 -5.15
CA THR D 92 26.22 23.96 -3.91
C THR D 92 27.48 23.44 -3.23
N ARG D 93 28.51 23.17 -4.02
CA ARG D 93 29.78 22.65 -3.52
C ARG D 93 29.59 21.30 -2.83
N ALA D 94 28.46 20.66 -3.10
CA ALA D 94 28.15 19.37 -2.50
C ALA D 94 28.05 18.23 -3.52
N THR D 95 28.33 18.54 -4.78
CA THR D 95 28.24 17.53 -5.83
C THR D 95 29.47 17.48 -6.74
N PRO D 96 30.65 17.19 -6.17
CA PRO D 96 31.88 17.12 -6.96
C PRO D 96 31.98 15.98 -7.97
N ASN D 97 31.19 14.92 -7.78
CA ASN D 97 31.23 13.77 -8.69
C ASN D 97 29.93 13.53 -9.45
N VAL D 98 30.07 12.97 -10.65
CA VAL D 98 28.95 12.68 -11.51
C VAL D 98 28.86 11.19 -11.78
N SER D 99 27.63 10.67 -11.81
CA SER D 99 27.39 9.26 -12.08
C SER D 99 27.08 9.09 -13.57
N LEU D 100 27.84 8.24 -14.25
CA LEU D 100 27.60 8.02 -15.68
C LEU D 100 26.74 6.79 -15.93
N HIS D 101 26.02 6.81 -17.04
CA HIS D 101 25.16 5.68 -17.41
C HIS D 101 25.54 5.27 -18.83
N ILE D 102 25.89 4.00 -18.98
CA ILE D 102 26.30 3.46 -20.28
C ILE D 102 25.21 2.55 -20.80
N PRO D 103 24.91 2.61 -22.11
CA PRO D 103 25.51 3.44 -23.15
C PRO D 103 25.02 4.87 -23.36
N TRP D 104 24.09 5.34 -22.52
CA TRP D 104 23.59 6.70 -22.69
C TRP D 104 24.73 7.72 -22.79
N ASP D 105 25.75 7.57 -21.95
CA ASP D 105 26.88 8.49 -21.92
C ASP D 105 28.14 7.98 -22.61
N LYS D 106 28.02 6.98 -23.48
CA LYS D 106 29.21 6.46 -24.13
C LYS D 106 29.87 7.56 -24.96
N ALA D 107 31.19 7.68 -24.81
CA ALA D 107 32.00 8.66 -25.50
C ALA D 107 33.44 8.34 -25.14
N ASP D 108 34.40 9.00 -25.79
CA ASP D 108 35.79 8.74 -25.48
C ASP D 108 36.06 8.97 -24.00
N PRO D 109 36.39 7.90 -23.25
CA PRO D 109 36.67 8.00 -21.81
C PRO D 109 37.72 9.06 -21.50
N LYS D 110 38.73 9.17 -22.36
CA LYS D 110 39.79 10.14 -22.17
C LYS D 110 39.28 11.57 -22.24
N GLU D 111 38.33 11.81 -23.14
CA GLU D 111 37.75 13.14 -23.29
C GLU D 111 36.84 13.44 -22.11
N LEU D 112 36.15 12.41 -21.62
CA LEU D 112 35.26 12.59 -20.49
C LEU D 112 36.07 13.02 -19.28
N LYS D 113 37.20 12.34 -19.06
CA LYS D 113 38.07 12.65 -17.93
C LYS D 113 38.65 14.05 -18.09
N ALA D 114 39.01 14.40 -19.31
CA ALA D 114 39.58 15.71 -19.60
C ALA D 114 38.56 16.80 -19.26
N ARG D 115 37.34 16.62 -19.73
CA ARG D 115 36.29 17.60 -19.48
C ARG D 115 35.98 17.66 -17.98
N GLY D 116 35.95 16.51 -17.34
CA GLY D 116 35.68 16.46 -15.91
C GLY D 116 36.74 17.24 -15.15
N ASP D 117 38.01 16.96 -15.43
CA ASP D 117 39.10 17.64 -14.75
C ASP D 117 39.01 19.16 -14.95
N ALA D 118 38.72 19.58 -16.17
CA ALA D 118 38.62 21.00 -16.47
C ALA D 118 37.47 21.68 -15.74
N LEU D 119 36.41 20.94 -15.49
CA LEU D 119 35.23 21.48 -14.81
C LEU D 119 35.29 21.30 -13.30
N GLY D 120 36.28 20.55 -12.81
CA GLY D 120 36.39 20.32 -11.37
C GLY D 120 35.43 19.24 -10.91
N LEU D 121 35.16 18.30 -11.81
CA LEU D 121 34.26 17.21 -11.51
C LEU D 121 34.93 15.85 -11.57
N GLY D 122 34.52 14.96 -10.67
CA GLY D 122 35.04 13.61 -10.65
C GLY D 122 33.91 12.69 -11.07
N PHE D 123 34.16 11.39 -11.05
CA PHE D 123 33.14 10.42 -11.44
C PHE D 123 32.87 9.39 -10.36
N ASP D 124 31.60 9.15 -10.09
CA ASP D 124 31.20 8.18 -9.08
C ASP D 124 30.94 6.83 -9.75
N ALA D 125 30.15 5.98 -9.11
CA ALA D 125 29.87 4.66 -9.65
C ALA D 125 29.32 4.66 -11.06
N MET D 126 29.78 3.70 -11.86
CA MET D 126 29.33 3.53 -13.23
C MET D 126 27.99 2.81 -13.14
N ASN D 127 27.11 3.04 -14.11
CA ASN D 127 25.81 2.39 -14.13
C ASN D 127 25.64 1.65 -15.46
N SER D 128 25.46 0.34 -15.38
CA SER D 128 25.26 -0.45 -16.60
C SER D 128 23.80 -0.37 -17.01
N ASN D 129 23.52 -0.68 -18.28
CA ASN D 129 22.16 -0.63 -18.80
C ASN D 129 21.83 -1.82 -19.67
N THR D 130 21.13 -2.80 -19.09
CA THR D 130 20.68 -3.97 -19.84
C THR D 130 19.18 -4.09 -19.64
N PHE D 131 18.52 -2.92 -19.57
CA PHE D 131 17.08 -2.86 -19.42
C PHE D 131 16.46 -2.18 -20.64
N SER D 132 17.29 -1.97 -21.66
CA SER D 132 16.89 -1.35 -22.92
C SER D 132 17.88 -1.83 -23.97
N ASP D 133 17.47 -1.82 -25.24
CA ASP D 133 18.35 -2.27 -26.31
C ASP D 133 19.05 -1.12 -27.01
N ALA D 134 20.32 -1.33 -27.36
CA ALA D 134 21.12 -0.33 -28.04
C ALA D 134 21.23 -0.70 -29.53
N PRO D 135 21.61 0.27 -30.37
CA PRO D 135 21.75 0.02 -31.81
C PRO D 135 22.70 -1.12 -32.15
N GLY D 136 22.28 -1.97 -33.07
CA GLY D 136 23.11 -3.09 -33.50
C GLY D 136 23.32 -4.18 -32.47
N GLN D 137 22.55 -4.13 -31.39
CA GLN D 137 22.67 -5.12 -30.34
C GLN D 137 22.21 -6.47 -30.90
N ALA D 138 23.01 -7.51 -30.68
CA ALA D 138 22.70 -8.84 -31.20
C ALA D 138 21.49 -9.51 -30.55
N HIS D 139 21.39 -9.40 -29.23
CA HIS D 139 20.29 -10.02 -28.50
C HIS D 139 19.49 -8.99 -27.72
N SER D 140 18.16 -9.08 -27.81
CA SER D 140 17.29 -8.14 -27.12
C SER D 140 17.11 -8.49 -25.65
N TYR D 141 16.91 -7.47 -24.82
CA TYR D 141 16.72 -7.67 -23.39
C TYR D 141 15.24 -7.62 -23.02
N LYS D 142 14.38 -7.79 -24.02
CA LYS D 142 12.94 -7.77 -23.80
C LYS D 142 12.52 -8.74 -22.70
N TYR D 143 13.07 -9.94 -22.71
CA TYR D 143 12.73 -10.96 -21.72
C TYR D 143 13.78 -11.14 -20.63
N GLY D 144 14.66 -10.14 -20.48
CA GLY D 144 15.69 -10.24 -19.46
C GLY D 144 17.07 -9.98 -19.99
N SER D 145 18.05 -10.00 -19.09
CA SER D 145 19.44 -9.77 -19.45
C SER D 145 20.34 -10.76 -18.71
N LEU D 146 20.81 -10.36 -17.53
CA LEU D 146 21.69 -11.23 -16.75
C LEU D 146 20.98 -12.54 -16.32
N SER D 147 19.65 -12.53 -16.31
CA SER D 147 18.90 -13.73 -15.93
C SER D 147 18.06 -14.30 -17.08
N HIS D 148 18.31 -13.82 -18.29
CA HIS D 148 17.60 -14.28 -19.48
C HIS D 148 17.82 -15.79 -19.64
N THR D 149 16.82 -16.49 -20.18
CA THR D 149 16.94 -17.94 -20.37
C THR D 149 18.00 -18.30 -21.41
N ASN D 150 18.25 -17.40 -22.35
CA ASN D 150 19.22 -17.62 -23.42
C ASN D 150 20.64 -17.32 -22.98
N ALA D 151 21.50 -18.35 -23.00
CA ALA D 151 22.89 -18.20 -22.59
C ALA D 151 23.62 -17.06 -23.30
N ALA D 152 23.45 -16.96 -24.62
CA ALA D 152 24.10 -15.91 -25.39
C ALA D 152 23.69 -14.52 -24.95
N THR D 153 22.43 -14.37 -24.53
CA THR D 153 21.95 -13.06 -24.09
C THR D 153 22.59 -12.69 -22.75
N ARG D 154 22.68 -13.67 -21.85
CA ARG D 154 23.30 -13.41 -20.56
C ARG D 154 24.77 -13.05 -20.77
N ALA D 155 25.44 -13.77 -21.67
CA ALA D 155 26.84 -13.50 -21.98
C ALA D 155 27.04 -12.07 -22.45
N GLN D 156 26.14 -11.63 -23.35
CA GLN D 156 26.20 -10.28 -23.89
C GLN D 156 26.02 -9.25 -22.79
N ALA D 157 25.13 -9.55 -21.84
CA ALA D 157 24.86 -8.64 -20.73
C ALA D 157 26.08 -8.54 -19.81
N VAL D 158 26.75 -9.67 -19.60
CA VAL D 158 27.94 -9.71 -18.77
C VAL D 158 29.04 -8.88 -19.43
N GLU D 159 29.18 -9.06 -20.75
CA GLU D 159 30.19 -8.33 -21.50
C GLU D 159 29.94 -6.83 -21.43
N HIS D 160 28.67 -6.43 -21.48
CA HIS D 160 28.34 -5.01 -21.40
C HIS D 160 28.82 -4.44 -20.06
N ASN D 161 28.58 -5.19 -18.99
CA ASN D 161 29.00 -4.73 -17.67
C ASN D 161 30.52 -4.62 -17.59
N LEU D 162 31.25 -5.56 -18.19
CA LEU D 162 32.71 -5.50 -18.16
C LEU D 162 33.18 -4.26 -18.92
N GLU D 163 32.45 -3.91 -19.98
CA GLU D 163 32.80 -2.73 -20.76
C GLU D 163 32.62 -1.48 -19.92
N CYS D 164 31.58 -1.48 -19.07
CA CYS D 164 31.32 -0.35 -18.19
C CYS D 164 32.48 -0.19 -17.22
N ILE D 165 33.05 -1.31 -16.79
CA ILE D 165 34.18 -1.29 -15.87
C ILE D 165 35.39 -0.68 -16.57
N GLU D 166 35.62 -1.06 -17.83
CA GLU D 166 36.75 -0.54 -18.58
C GLU D 166 36.64 0.98 -18.72
N ILE D 167 35.44 1.46 -19.02
CA ILE D 167 35.21 2.88 -19.16
C ILE D 167 35.47 3.56 -17.83
N GLY D 168 34.96 2.98 -16.75
CA GLY D 168 35.15 3.55 -15.43
C GLY D 168 36.60 3.62 -14.99
N LYS D 169 37.38 2.59 -15.31
CA LYS D 169 38.78 2.58 -14.91
C LYS D 169 39.54 3.71 -15.61
N ALA D 170 39.07 4.11 -16.77
CA ALA D 170 39.70 5.17 -17.55
C ALA D 170 39.40 6.57 -17.03
N ILE D 171 38.29 6.72 -16.31
CA ILE D 171 37.91 8.04 -15.81
C ILE D 171 38.03 8.22 -14.29
N GLY D 172 38.40 7.16 -13.58
CA GLY D 172 38.56 7.28 -12.15
C GLY D 172 37.41 6.78 -11.30
N SER D 173 36.49 6.04 -11.90
CA SER D 173 35.36 5.49 -11.16
C SER D 173 35.87 4.28 -10.39
N LYS D 174 35.26 3.98 -9.26
CA LYS D 174 35.70 2.85 -8.45
C LYS D 174 34.58 1.91 -8.05
N ALA D 175 33.49 1.90 -8.82
CA ALA D 175 32.37 1.02 -8.52
C ALA D 175 31.42 0.87 -9.71
N LEU D 176 30.73 -0.25 -9.73
CA LEU D 176 29.75 -0.54 -10.78
C LEU D 176 28.43 -0.85 -10.11
N THR D 177 27.40 -0.11 -10.50
CA THR D 177 26.06 -0.33 -9.94
C THR D 177 25.27 -1.08 -11.00
N VAL D 178 24.68 -2.20 -10.60
CA VAL D 178 23.90 -3.02 -11.51
C VAL D 178 22.41 -3.07 -11.14
N TRP D 179 21.60 -2.42 -11.97
CA TRP D 179 20.16 -2.44 -11.79
C TRP D 179 19.60 -2.95 -13.10
N ILE D 180 18.79 -4.00 -13.03
CA ILE D 180 18.18 -4.54 -14.23
C ILE D 180 16.67 -4.59 -14.03
N GLY D 181 15.93 -4.69 -15.14
CA GLY D 181 14.49 -4.76 -15.04
C GLY D 181 13.98 -6.19 -15.00
N ASP D 182 14.91 -7.13 -15.15
CA ASP D 182 14.62 -8.56 -15.16
C ASP D 182 13.52 -8.99 -14.20
N GLY D 183 12.52 -9.67 -14.75
CA GLY D 183 11.40 -10.15 -13.96
C GLY D 183 10.34 -10.68 -14.89
N SER D 184 9.11 -10.75 -14.41
CA SER D 184 8.00 -11.26 -15.21
C SER D 184 6.76 -10.40 -15.01
N ASN D 185 5.86 -10.43 -15.99
CA ASN D 185 4.62 -9.66 -15.90
C ASN D 185 3.44 -10.59 -15.67
N PHE D 186 3.70 -11.90 -15.71
CA PHE D 186 2.65 -12.89 -15.52
C PHE D 186 3.08 -14.06 -14.66
N PRO D 187 2.15 -14.59 -13.84
CA PRO D 187 2.49 -15.73 -13.00
C PRO D 187 2.85 -16.89 -13.93
N GLY D 188 3.91 -17.61 -13.60
CA GLY D 188 4.32 -18.73 -14.43
C GLY D 188 5.29 -18.40 -15.55
N GLN D 189 5.34 -17.14 -15.96
CA GLN D 189 6.23 -16.71 -17.04
C GLN D 189 7.68 -17.05 -16.69
N SER D 190 8.04 -16.85 -15.42
CA SER D 190 9.39 -17.14 -14.95
C SER D 190 9.37 -18.14 -13.81
N ASN D 191 10.41 -18.96 -13.72
CA ASN D 191 10.53 -19.87 -12.59
C ASN D 191 11.41 -19.03 -11.66
N PHE D 192 10.83 -18.55 -10.56
CA PHE D 192 11.55 -17.68 -9.63
C PHE D 192 12.97 -18.10 -9.28
N THR D 193 13.13 -19.35 -8.88
CA THR D 193 14.43 -19.84 -8.48
C THR D 193 15.43 -20.01 -9.62
N ARG D 194 14.99 -20.58 -10.74
CA ARG D 194 15.91 -20.75 -11.86
C ARG D 194 16.39 -19.40 -12.38
N ALA D 195 15.49 -18.42 -12.43
CA ALA D 195 15.87 -17.10 -12.92
C ALA D 195 16.92 -16.48 -11.98
N PHE D 196 16.72 -16.66 -10.68
CA PHE D 196 17.67 -16.13 -9.70
C PHE D 196 19.01 -16.86 -9.82
N GLU D 197 18.96 -18.16 -10.07
CA GLU D 197 20.19 -18.93 -10.23
C GLU D 197 20.97 -18.40 -11.44
N ARG D 198 20.27 -18.12 -12.52
CA ARG D 198 20.94 -17.62 -13.72
C ARG D 198 21.57 -16.26 -13.41
N TYR D 199 20.85 -15.42 -12.68
CA TYR D 199 21.34 -14.10 -12.31
C TYR D 199 22.61 -14.19 -11.46
N LEU D 200 22.60 -15.07 -10.45
CA LEU D 200 23.75 -15.24 -9.59
C LEU D 200 24.98 -15.71 -10.36
N SER D 201 24.77 -16.60 -11.32
CA SER D 201 25.87 -17.11 -12.12
C SER D 201 26.47 -16.01 -12.99
N ALA D 202 25.62 -15.18 -13.59
CA ALA D 202 26.09 -14.08 -14.44
C ALA D 202 26.80 -13.04 -13.60
N MET D 203 26.25 -12.70 -12.44
CA MET D 203 26.87 -11.71 -11.57
C MET D 203 28.23 -12.22 -11.08
N ALA D 204 28.38 -13.53 -10.96
CA ALA D 204 29.65 -14.11 -10.52
C ALA D 204 30.70 -13.82 -11.58
N GLU D 205 30.28 -13.83 -12.85
CA GLU D 205 31.21 -13.56 -13.95
C GLU D 205 31.63 -12.10 -13.91
N ILE D 206 30.69 -11.20 -13.63
CA ILE D 206 31.00 -9.79 -13.54
C ILE D 206 31.92 -9.56 -12.35
N TYR D 207 31.64 -10.24 -11.25
CA TYR D 207 32.46 -10.11 -10.05
C TYR D 207 33.90 -10.54 -10.36
N LYS D 208 34.04 -11.60 -11.15
CA LYS D 208 35.35 -12.12 -11.51
C LYS D 208 36.16 -11.07 -12.28
N GLY D 209 35.47 -10.24 -13.04
CA GLY D 209 36.14 -9.21 -13.82
C GLY D 209 36.22 -7.88 -13.10
N LEU D 210 35.77 -7.85 -11.85
CA LEU D 210 35.80 -6.61 -11.08
C LEU D 210 37.19 -6.35 -10.50
N PRO D 211 37.73 -5.13 -10.71
CA PRO D 211 39.05 -4.80 -10.18
C PRO D 211 39.06 -4.94 -8.66
N ASP D 212 40.24 -5.20 -8.08
CA ASP D 212 40.30 -5.35 -6.63
C ASP D 212 40.27 -4.03 -5.86
N ASP D 213 40.08 -2.92 -6.57
CA ASP D 213 39.97 -1.63 -5.89
C ASP D 213 38.59 -1.04 -6.23
N TRP D 214 37.70 -1.92 -6.68
CA TRP D 214 36.33 -1.56 -7.04
C TRP D 214 35.31 -2.27 -6.16
N LYS D 215 34.07 -1.78 -6.20
CA LYS D 215 32.97 -2.41 -5.48
C LYS D 215 31.89 -2.68 -6.52
N LEU D 216 31.07 -3.68 -6.25
CA LEU D 216 29.97 -4.04 -7.14
C LEU D 216 28.70 -3.87 -6.33
N PHE D 217 27.82 -2.98 -6.80
CA PHE D 217 26.56 -2.72 -6.11
C PHE D 217 25.36 -3.28 -6.86
N SER D 218 24.61 -4.17 -6.22
CA SER D 218 23.40 -4.72 -6.83
C SER D 218 22.26 -3.90 -6.22
N GLU D 219 21.29 -3.53 -7.05
CA GLU D 219 20.17 -2.70 -6.60
C GLU D 219 18.80 -3.35 -6.73
N HIS D 220 18.10 -3.46 -5.60
CA HIS D 220 16.78 -4.06 -5.61
C HIS D 220 15.68 -3.06 -5.94
N LYS D 221 14.56 -3.58 -6.44
CA LYS D 221 13.40 -2.76 -6.79
C LYS D 221 12.19 -3.68 -6.80
N MET D 222 11.14 -3.28 -6.10
CA MET D 222 9.93 -4.10 -6.01
C MET D 222 9.27 -4.40 -7.35
N TYR D 223 9.13 -3.39 -8.19
CA TYR D 223 8.50 -3.54 -9.50
C TYR D 223 8.88 -2.38 -10.42
N GLU D 224 8.51 -2.52 -11.70
CA GLU D 224 8.77 -1.57 -12.78
C GLU D 224 10.22 -1.67 -13.22
N PRO D 225 10.44 -2.07 -14.49
CA PRO D 225 9.50 -2.43 -15.55
C PRO D 225 8.68 -3.73 -15.43
N ALA D 226 9.07 -4.64 -14.54
CA ALA D 226 8.33 -5.89 -14.38
C ALA D 226 7.17 -5.67 -13.41
N PHE D 227 5.96 -6.08 -13.82
CA PHE D 227 4.77 -5.85 -13.01
C PHE D 227 4.13 -7.03 -12.26
N TYR D 228 4.82 -8.18 -12.23
CA TYR D 228 4.33 -9.31 -11.45
C TYR D 228 5.45 -9.73 -10.51
N SER D 229 6.63 -10.03 -11.06
CA SER D 229 7.77 -10.39 -10.21
C SER D 229 9.03 -9.74 -10.75
N THR D 230 9.99 -9.53 -9.86
CA THR D 230 11.27 -8.93 -10.23
C THR D 230 12.34 -9.80 -9.58
N VAL D 231 13.38 -10.17 -10.33
CA VAL D 231 14.42 -11.03 -9.77
C VAL D 231 15.03 -10.44 -8.50
N VAL D 232 15.53 -9.21 -8.58
CA VAL D 232 16.12 -8.56 -7.41
C VAL D 232 15.02 -7.60 -6.93
N GLN D 233 14.02 -8.16 -6.25
CA GLN D 233 12.86 -7.39 -5.80
C GLN D 233 12.96 -6.65 -4.47
N ASP D 234 13.75 -7.16 -3.52
CA ASP D 234 13.88 -6.47 -2.24
C ASP D 234 15.24 -6.66 -1.60
N TRP D 235 15.44 -6.05 -0.43
CA TRP D 235 16.74 -6.13 0.23
C TRP D 235 17.13 -7.51 0.70
N GLY D 236 16.15 -8.40 0.86
CA GLY D 236 16.45 -9.76 1.30
C GLY D 236 17.17 -10.49 0.19
N THR D 237 16.61 -10.42 -1.02
CA THR D 237 17.23 -11.05 -2.18
C THR D 237 18.57 -10.36 -2.42
N ASN D 238 18.59 -9.04 -2.22
CA ASN D 238 19.81 -8.29 -2.43
C ASN D 238 20.91 -8.76 -1.48
N TYR D 239 20.55 -9.03 -0.23
CA TYR D 239 21.54 -9.50 0.73
C TYR D 239 22.11 -10.85 0.29
N LEU D 240 21.22 -11.73 -0.17
CA LEU D 240 21.65 -13.05 -0.63
C LEU D 240 22.66 -12.90 -1.76
N ILE D 241 22.41 -11.93 -2.63
CA ILE D 241 23.30 -11.68 -3.76
C ILE D 241 24.66 -11.21 -3.28
N ALA D 242 24.69 -10.13 -2.49
CA ALA D 242 25.95 -9.60 -1.99
C ALA D 242 26.76 -10.61 -1.20
N GLN D 243 26.09 -11.34 -0.31
CA GLN D 243 26.76 -12.35 0.52
C GLN D 243 27.35 -13.45 -0.35
N THR D 244 26.60 -13.86 -1.38
CA THR D 244 27.04 -14.90 -2.29
C THR D 244 28.24 -14.50 -3.15
N LEU D 245 28.19 -13.30 -3.71
CA LEU D 245 29.27 -12.84 -4.60
C LEU D 245 30.63 -12.62 -3.98
N GLY D 246 30.68 -11.96 -2.81
CA GLY D 246 31.97 -11.73 -2.17
C GLY D 246 32.08 -10.42 -1.43
N PRO D 247 33.21 -10.18 -0.73
CA PRO D 247 33.47 -8.98 0.05
C PRO D 247 33.34 -7.66 -0.72
N LYS D 248 33.59 -7.69 -2.03
CA LYS D 248 33.52 -6.48 -2.84
C LYS D 248 32.11 -6.18 -3.33
N ALA D 249 31.18 -7.10 -3.06
CA ALA D 249 29.80 -6.93 -3.49
C ALA D 249 28.92 -6.46 -2.33
N GLN D 250 28.17 -5.38 -2.57
CA GLN D 250 27.28 -4.84 -1.55
C GLN D 250 25.96 -4.42 -2.15
N CYS D 251 25.03 -4.01 -1.29
CA CYS D 251 23.69 -3.61 -1.73
C CYS D 251 23.49 -2.11 -1.80
N LEU D 252 22.82 -1.66 -2.86
CA LEU D 252 22.52 -0.25 -3.03
C LEU D 252 21.04 -0.08 -2.72
N VAL D 253 20.73 0.88 -1.85
CA VAL D 253 19.35 1.16 -1.45
C VAL D 253 18.82 2.44 -2.11
N ASP D 254 17.78 2.28 -2.94
CA ASP D 254 17.14 3.41 -3.61
C ASP D 254 15.83 3.65 -2.85
N LEU D 255 15.71 4.82 -2.23
CA LEU D 255 14.54 5.13 -1.42
C LEU D 255 13.17 4.84 -2.02
N GLY D 256 13.00 5.00 -3.33
CA GLY D 256 11.70 4.78 -3.92
C GLY D 256 11.41 3.39 -4.45
N HIS D 257 12.26 2.42 -4.11
CA HIS D 257 12.13 1.06 -4.60
C HIS D 257 11.51 0.05 -3.63
N HIS D 258 10.79 0.54 -2.62
CA HIS D 258 10.21 -0.34 -1.62
C HIS D 258 8.69 -0.33 -1.58
N ALA D 259 8.12 -1.40 -1.04
CA ALA D 259 6.67 -1.54 -0.94
C ALA D 259 6.07 -0.44 -0.07
N PRO D 260 4.78 -0.16 -0.28
CA PRO D 260 4.14 0.89 0.52
C PRO D 260 4.32 0.63 2.03
N ASN D 261 4.64 1.70 2.75
CA ASN D 261 4.81 1.68 4.20
C ASN D 261 6.04 1.00 4.77
N THR D 262 6.90 0.51 3.88
CA THR D 262 8.14 -0.15 4.30
C THR D 262 8.95 0.75 5.24
N ASN D 263 9.56 0.15 6.27
CA ASN D 263 10.41 0.93 7.15
C ASN D 263 11.79 0.83 6.51
N ILE D 264 12.12 1.80 5.66
CA ILE D 264 13.38 1.81 4.95
C ILE D 264 14.61 2.02 5.82
N GLU D 265 14.50 2.90 6.82
CA GLU D 265 15.64 3.14 7.70
C GLU D 265 16.06 1.86 8.43
N MET D 266 15.12 0.93 8.67
CA MET D 266 15.50 -0.33 9.32
C MET D 266 16.30 -1.18 8.35
N ILE D 267 15.93 -1.15 7.07
CA ILE D 267 16.67 -1.92 6.07
C ILE D 267 18.11 -1.42 6.07
N VAL D 268 18.26 -0.10 6.14
CA VAL D 268 19.59 0.50 6.17
C VAL D 268 20.37 -0.03 7.37
N ALA D 269 19.75 -0.01 8.55
CA ALA D 269 20.40 -0.50 9.76
C ALA D 269 20.83 -1.96 9.63
N ARG D 270 19.96 -2.79 9.08
CA ARG D 270 20.25 -4.21 8.90
C ARG D 270 21.44 -4.43 7.98
N LEU D 271 21.47 -3.76 6.83
CA LEU D 271 22.57 -3.91 5.89
C LEU D 271 23.88 -3.46 6.52
N ILE D 272 23.84 -2.39 7.31
CA ILE D 272 25.05 -1.90 7.96
C ILE D 272 25.57 -2.95 8.94
N GLN D 273 24.68 -3.52 9.74
CA GLN D 273 25.06 -4.52 10.73
C GLN D 273 25.78 -5.71 10.10
N PHE D 274 25.36 -6.08 8.89
CA PHE D 274 25.97 -7.22 8.22
C PHE D 274 26.98 -6.82 7.15
N GLY D 275 27.41 -5.57 7.21
CA GLY D 275 28.40 -5.05 6.28
C GLY D 275 28.09 -5.06 4.80
N LYS D 276 26.82 -4.97 4.43
CA LYS D 276 26.46 -4.98 3.03
C LYS D 276 25.76 -3.73 2.51
N LEU D 277 25.89 -2.62 3.21
CA LEU D 277 25.27 -1.38 2.73
C LEU D 277 26.31 -0.72 1.83
N GLY D 278 26.14 -0.88 0.52
CA GLY D 278 27.09 -0.30 -0.41
C GLY D 278 26.88 1.18 -0.66
N GLY D 279 25.62 1.58 -0.83
CA GLY D 279 25.34 2.98 -1.10
C GLY D 279 23.87 3.31 -1.19
N PHE D 280 23.59 4.57 -1.53
CA PHE D 280 22.23 5.07 -1.64
C PHE D 280 21.93 5.76 -2.96
N HIS D 281 20.66 5.68 -3.34
CA HIS D 281 20.14 6.40 -4.48
C HIS D 281 19.06 7.23 -3.80
N PHE D 282 19.32 8.52 -3.68
CA PHE D 282 18.39 9.43 -3.03
C PHE D 282 17.38 10.04 -3.97
N ASN D 283 16.17 10.20 -3.45
CA ASN D 283 15.03 10.79 -4.15
C ASN D 283 13.86 10.70 -3.18
N ASP D 284 12.71 11.25 -3.56
CA ASP D 284 11.55 11.16 -2.69
C ASP D 284 10.41 10.60 -3.52
N SER D 285 9.34 10.21 -2.85
CA SER D 285 8.21 9.61 -3.53
C SER D 285 7.00 9.52 -2.63
N LYS D 286 5.84 9.26 -3.23
CA LYS D 286 4.60 9.13 -2.48
C LYS D 286 3.83 7.89 -2.93
N TYR D 287 3.99 7.52 -4.19
CA TYR D 287 3.26 6.38 -4.75
C TYR D 287 4.10 5.17 -5.16
N GLY D 288 5.01 5.38 -6.10
CA GLY D 288 5.88 4.31 -6.56
C GLY D 288 7.31 4.80 -6.62
N ASP D 289 8.04 4.45 -7.66
CA ASP D 289 9.41 4.94 -7.81
C ASP D 289 9.24 6.29 -8.52
N ASP D 290 8.65 7.25 -7.82
CA ASP D 290 8.35 8.57 -8.37
C ASP D 290 9.55 9.42 -8.78
N ASP D 291 10.71 9.14 -8.19
CA ASP D 291 11.94 9.86 -8.51
C ASP D 291 11.86 11.38 -8.35
N LEU D 292 11.13 11.83 -7.33
CA LEU D 292 10.98 13.25 -7.04
C LEU D 292 12.17 13.81 -6.26
N ASP D 293 12.25 15.14 -6.18
CA ASP D 293 13.34 15.81 -5.46
C ASP D 293 13.44 15.32 -4.02
N ALA D 294 14.64 14.94 -3.61
CA ALA D 294 14.86 14.43 -2.26
C ALA D 294 14.27 15.34 -1.18
N GLY D 295 13.57 14.72 -0.24
CA GLY D 295 12.95 15.45 0.86
C GLY D 295 11.77 16.33 0.53
N ALA D 296 11.35 16.36 -0.73
CA ALA D 296 10.23 17.21 -1.13
C ALA D 296 8.87 16.68 -0.67
N ILE D 297 8.81 15.39 -0.36
CA ILE D 297 7.56 14.76 0.07
C ILE D 297 7.60 14.34 1.54
N GLU D 298 8.67 13.64 1.94
CA GLU D 298 8.81 13.17 3.31
C GLU D 298 10.19 13.46 3.87
N PRO D 299 10.42 14.72 4.27
CA PRO D 299 11.71 15.11 4.82
C PRO D 299 12.15 14.37 6.09
N TYR D 300 11.20 13.95 6.92
CA TYR D 300 11.56 13.25 8.16
C TYR D 300 12.15 11.87 7.87
N ARG D 301 11.59 11.18 6.88
CA ARG D 301 12.08 9.86 6.51
C ARG D 301 13.55 9.97 6.07
N LEU D 302 13.87 11.04 5.34
CA LEU D 302 15.24 11.25 4.90
C LEU D 302 16.15 11.46 6.11
N PHE D 303 15.67 12.23 7.08
CA PHE D 303 16.43 12.47 8.30
C PHE D 303 16.63 11.15 9.06
N LEU D 304 15.58 10.33 9.11
CA LEU D 304 15.67 9.06 9.83
C LEU D 304 16.68 8.09 9.20
N VAL D 305 16.85 8.18 7.88
CA VAL D 305 17.82 7.33 7.19
C VAL D 305 19.21 7.82 7.60
N PHE D 306 19.41 9.14 7.59
CA PHE D 306 20.69 9.68 7.99
C PHE D 306 20.97 9.45 9.47
N ASN D 307 19.90 9.34 10.26
CA ASN D 307 20.07 9.08 11.69
C ASN D 307 20.75 7.72 11.87
N GLU D 308 20.40 6.75 11.03
CA GLU D 308 21.02 5.41 11.12
C GLU D 308 22.47 5.45 10.68
N LEU D 309 22.79 6.32 9.73
CA LEU D 309 24.17 6.44 9.25
C LEU D 309 25.05 7.04 10.32
N VAL D 310 24.55 8.09 10.98
CA VAL D 310 25.31 8.74 12.03
C VAL D 310 25.41 7.84 13.25
N ASP D 311 24.36 7.06 13.52
CA ASP D 311 24.41 6.16 14.68
C ASP D 311 25.48 5.10 14.45
N ALA D 312 25.62 4.64 13.21
CA ALA D 312 26.63 3.64 12.89
C ALA D 312 28.01 4.16 13.29
N GLU D 313 28.27 5.43 13.02
CA GLU D 313 29.56 6.03 13.39
C GLU D 313 29.67 6.07 14.91
N ALA D 314 28.57 6.46 15.57
CA ALA D 314 28.53 6.55 17.02
C ALA D 314 28.71 5.19 17.70
N ARG D 315 28.18 4.14 17.08
CA ARG D 315 28.30 2.80 17.64
C ARG D 315 29.72 2.27 17.46
N GLY D 316 30.50 2.92 16.62
CA GLY D 316 31.86 2.47 16.39
C GLY D 316 32.04 1.53 15.22
N VAL D 317 31.10 1.55 14.28
CA VAL D 317 31.22 0.68 13.12
C VAL D 317 32.39 1.19 12.28
N LYS D 318 33.28 0.28 11.88
CA LYS D 318 34.45 0.67 11.12
C LYS D 318 34.34 0.34 9.63
N GLY D 319 35.16 1.03 8.83
CA GLY D 319 35.18 0.82 7.39
C GLY D 319 33.88 1.11 6.67
N PHE D 320 33.03 1.93 7.29
CA PHE D 320 31.74 2.26 6.69
C PHE D 320 31.75 3.60 5.94
N HIS D 321 31.84 3.51 4.62
CA HIS D 321 31.86 4.69 3.76
C HIS D 321 30.91 4.46 2.60
N PRO D 322 29.59 4.49 2.87
CA PRO D 322 28.62 4.27 1.80
C PRO D 322 28.67 5.31 0.70
N ALA D 323 28.39 4.89 -0.52
CA ALA D 323 28.38 5.80 -1.65
C ALA D 323 27.05 6.55 -1.61
N HIS D 324 27.09 7.85 -1.84
CA HIS D 324 25.88 8.66 -1.83
C HIS D 324 25.63 9.21 -3.23
N MET D 325 24.46 8.92 -3.76
CA MET D 325 24.11 9.37 -5.10
C MET D 325 22.67 9.81 -5.20
N ILE D 326 22.42 10.82 -6.02
CA ILE D 326 21.07 11.28 -6.25
C ILE D 326 20.61 10.54 -7.50
N ASN D 327 19.39 10.03 -7.47
CA ASN D 327 18.83 9.33 -8.62
C ASN D 327 17.41 9.84 -8.73
N GLN D 328 17.22 10.86 -9.56
CA GLN D 328 15.92 11.48 -9.71
C GLN D 328 15.58 11.80 -11.16
N SER D 329 14.30 12.06 -11.39
CA SER D 329 13.79 12.43 -12.71
C SER D 329 13.10 13.77 -12.51
N HIS D 330 13.49 14.76 -13.30
CA HIS D 330 12.91 16.08 -13.18
C HIS D 330 12.02 16.35 -14.37
N ASN D 331 10.74 16.08 -14.19
CA ASN D 331 9.75 16.21 -15.24
C ASN D 331 9.06 17.56 -15.39
N VAL D 332 8.99 18.33 -14.30
CA VAL D 332 8.29 19.62 -14.37
C VAL D 332 9.06 20.80 -13.77
N THR D 333 10.37 20.67 -13.68
CA THR D 333 11.21 21.75 -13.15
C THR D 333 12.49 21.84 -13.95
N ASP D 334 13.28 22.87 -13.68
CA ASP D 334 14.56 23.03 -14.34
C ASP D 334 15.42 21.98 -13.62
N PRO D 335 15.89 20.96 -14.34
CA PRO D 335 16.72 19.90 -13.75
C PRO D 335 17.85 20.38 -12.85
N ILE D 336 18.51 21.46 -13.26
CA ILE D 336 19.62 22.00 -12.49
C ILE D 336 19.15 22.53 -11.14
N GLU D 337 18.03 23.25 -11.13
CA GLU D 337 17.52 23.80 -9.87
C GLU D 337 17.07 22.67 -8.94
N SER D 338 16.42 21.65 -9.48
CA SER D 338 15.98 20.53 -8.64
C SER D 338 17.17 19.79 -8.06
N LEU D 339 18.21 19.55 -8.87
CA LEU D 339 19.37 18.85 -8.35
C LEU D 339 20.06 19.68 -7.28
N ILE D 340 20.07 21.00 -7.47
CA ILE D 340 20.67 21.90 -6.51
C ILE D 340 19.97 21.78 -5.15
N ASN D 341 18.65 21.96 -5.14
CA ASN D 341 17.90 21.89 -3.89
C ASN D 341 17.85 20.49 -3.27
N SER D 342 17.98 19.46 -4.11
CA SER D 342 17.96 18.09 -3.63
C SER D 342 19.26 17.81 -2.89
N ALA D 343 20.37 18.28 -3.46
CA ALA D 343 21.67 18.09 -2.83
C ALA D 343 21.63 18.83 -1.50
N ASN D 344 21.00 20.01 -1.51
CA ASN D 344 20.87 20.82 -0.30
C ASN D 344 20.09 20.07 0.78
N GLU D 345 18.97 19.48 0.38
CA GLU D 345 18.10 18.75 1.30
C GLU D 345 18.81 17.55 1.93
N ILE D 346 19.67 16.89 1.16
CA ILE D 346 20.41 15.74 1.66
C ILE D 346 21.40 16.23 2.72
N ARG D 347 22.05 17.36 2.47
CA ARG D 347 22.98 17.91 3.47
C ARG D 347 22.18 18.37 4.68
N ARG D 348 20.96 18.81 4.47
CA ARG D 348 20.11 19.28 5.56
C ARG D 348 19.82 18.12 6.52
N ALA D 349 19.39 16.99 5.96
CA ALA D 349 19.09 15.81 6.77
C ALA D 349 20.34 15.33 7.50
N TYR D 350 21.47 15.35 6.80
CA TYR D 350 22.74 14.93 7.38
C TYR D 350 23.10 15.82 8.56
N ALA D 351 23.03 17.14 8.36
CA ALA D 351 23.35 18.09 9.41
C ALA D 351 22.49 17.89 10.64
N GLN D 352 21.19 17.69 10.43
CA GLN D 352 20.28 17.49 11.56
C GLN D 352 20.62 16.20 12.29
N ALA D 353 21.02 15.17 11.56
CA ALA D 353 21.39 13.90 12.17
C ALA D 353 22.63 14.11 13.06
N LEU D 354 23.51 15.02 12.64
CA LEU D 354 24.71 15.31 13.42
C LEU D 354 24.38 15.99 14.74
N LEU D 355 23.22 16.64 14.81
CA LEU D 355 22.81 17.36 16.02
C LEU D 355 22.19 16.50 17.10
N VAL D 356 21.83 15.26 16.76
CA VAL D 356 21.22 14.37 17.75
C VAL D 356 22.13 14.14 18.95
N ASP D 357 21.59 14.31 20.15
CA ASP D 357 22.35 14.09 21.38
C ASP D 357 22.38 12.57 21.56
N ARG D 358 23.43 11.94 21.06
CA ARG D 358 23.55 10.49 21.13
C ARG D 358 23.54 9.92 22.55
N ALA D 359 24.22 10.59 23.48
CA ALA D 359 24.27 10.12 24.86
C ALA D 359 22.88 10.15 25.49
N ALA D 360 22.15 11.23 25.24
CA ALA D 360 20.81 11.39 25.77
C ALA D 360 19.90 10.30 25.19
N LEU D 361 19.97 10.12 23.88
CA LEU D 361 19.16 9.13 23.19
C LEU D 361 19.41 7.73 23.72
N SER D 362 20.68 7.37 23.86
CA SER D 362 21.05 6.06 24.39
C SER D 362 20.42 5.86 25.75
N GLY D 363 20.43 6.91 26.57
CA GLY D 363 19.84 6.82 27.90
C GLY D 363 18.35 6.53 27.85
N TYR D 364 17.64 7.25 26.99
CA TYR D 364 16.20 7.06 26.87
C TYR D 364 15.85 5.71 26.23
N GLN D 365 16.75 5.17 25.42
CA GLN D 365 16.49 3.88 24.80
C GLN D 365 16.65 2.78 25.84
N GLU D 366 17.69 2.88 26.66
CA GLU D 366 17.92 1.86 27.69
C GLU D 366 16.84 1.89 28.77
N ASP D 367 16.28 3.06 29.05
CA ASP D 367 15.25 3.17 30.07
C ASP D 367 13.84 3.02 29.50
N ASN D 368 13.75 2.74 28.21
CA ASN D 368 12.47 2.58 27.54
C ASN D 368 11.56 3.79 27.71
N ASP D 369 12.16 4.97 27.59
CA ASP D 369 11.43 6.23 27.69
C ASP D 369 11.19 6.63 26.24
N ALA D 370 10.21 5.99 25.62
CA ALA D 370 9.87 6.20 24.21
C ALA D 370 9.59 7.64 23.83
N LEU D 371 8.85 8.35 24.69
CA LEU D 371 8.50 9.74 24.42
C LEU D 371 9.73 10.64 24.36
N MET D 372 10.61 10.55 25.36
CA MET D 372 11.81 11.39 25.34
C MET D 372 12.80 10.96 24.26
N ALA D 373 12.79 9.67 23.92
CA ALA D 373 13.69 9.19 22.87
C ALA D 373 13.30 9.83 21.55
N THR D 374 12.01 9.81 21.25
CA THR D 374 11.54 10.38 19.99
C THR D 374 11.70 11.91 20.01
N GLU D 375 11.47 12.53 21.16
CA GLU D 375 11.63 13.97 21.27
C GLU D 375 13.11 14.35 21.10
N THR D 376 14.01 13.45 21.48
CA THR D 376 15.44 13.70 21.32
C THR D 376 15.77 13.78 19.82
N LEU D 377 15.17 12.90 19.03
CA LEU D 377 15.41 12.95 17.59
C LEU D 377 14.77 14.23 17.04
N LYS D 378 13.57 14.56 17.51
CA LYS D 378 12.88 15.76 17.03
C LYS D 378 13.61 17.05 17.35
N ARG D 379 14.29 17.12 18.50
CA ARG D 379 15.01 18.34 18.84
C ARG D 379 16.07 18.64 17.79
N ALA D 380 16.64 17.60 17.19
CA ALA D 380 17.63 17.75 16.15
C ALA D 380 16.93 18.08 14.82
N TYR D 381 15.95 17.28 14.47
CA TYR D 381 15.20 17.46 13.23
C TYR D 381 14.48 18.79 13.12
N ARG D 382 13.94 19.29 14.23
CA ARG D 382 13.22 20.56 14.20
C ARG D 382 14.17 21.74 14.00
N THR D 383 15.45 21.52 14.26
CA THR D 383 16.43 22.60 14.11
C THR D 383 16.60 23.03 12.65
N ASP D 384 16.45 24.33 12.40
CA ASP D 384 16.60 24.85 11.06
C ASP D 384 18.10 25.05 10.80
N VAL D 385 18.70 24.11 10.09
CA VAL D 385 20.14 24.16 9.79
C VAL D 385 20.50 24.89 8.50
N GLU D 386 19.55 25.59 7.91
CA GLU D 386 19.81 26.32 6.66
C GLU D 386 21.01 27.27 6.78
N PRO D 387 21.15 27.97 7.92
CA PRO D 387 22.29 28.89 8.05
C PRO D 387 23.63 28.16 7.93
N ILE D 388 23.67 26.94 8.48
CA ILE D 388 24.88 26.13 8.41
C ILE D 388 25.14 25.73 6.97
N LEU D 389 24.08 25.33 6.27
CA LEU D 389 24.22 24.92 4.88
C LEU D 389 24.67 26.09 4.01
N ALA D 390 24.08 27.26 4.23
CA ALA D 390 24.41 28.45 3.47
C ALA D 390 25.84 28.93 3.74
N GLU D 391 26.24 28.90 5.01
CA GLU D 391 27.58 29.33 5.38
C GLU D 391 28.61 28.37 4.80
N ALA D 392 28.32 27.07 4.86
CA ALA D 392 29.21 26.06 4.31
C ALA D 392 29.47 26.38 2.84
N ARG D 393 28.39 26.66 2.10
CA ARG D 393 28.52 26.99 0.69
C ARG D 393 29.35 28.25 0.49
N ARG D 394 29.03 29.29 1.24
CA ARG D 394 29.74 30.56 1.14
C ARG D 394 31.24 30.39 1.37
N ARG D 395 31.60 29.71 2.44
CA ARG D 395 33.01 29.49 2.78
C ARG D 395 33.76 28.64 1.76
N THR D 396 33.04 27.85 0.97
CA THR D 396 33.70 26.98 -0.01
C THR D 396 33.59 27.41 -1.47
N GLY D 397 33.21 28.66 -1.70
CA GLY D 397 33.11 29.15 -3.08
C GLY D 397 31.74 29.02 -3.71
N GLY D 398 30.77 28.58 -2.90
CA GLY D 398 29.41 28.41 -3.40
C GLY D 398 28.53 29.62 -3.16
N ALA D 399 27.24 29.45 -3.37
CA ALA D 399 26.27 30.54 -3.19
C ALA D 399 25.40 30.36 -1.96
N VAL D 400 25.15 31.48 -1.26
CA VAL D 400 24.30 31.47 -0.08
C VAL D 400 22.94 30.91 -0.45
N ASP D 401 22.40 31.38 -1.58
CA ASP D 401 21.12 30.90 -2.10
C ASP D 401 21.40 30.44 -3.52
N PRO D 402 21.72 29.14 -3.71
CA PRO D 402 22.03 28.52 -5.00
C PRO D 402 21.07 28.78 -6.15
N VAL D 403 19.78 28.51 -5.93
CA VAL D 403 18.82 28.73 -7.01
C VAL D 403 18.68 30.20 -7.35
N ALA D 404 18.73 31.08 -6.35
CA ALA D 404 18.61 32.51 -6.60
C ALA D 404 19.77 33.00 -7.46
N THR D 405 20.98 32.53 -7.15
CA THR D 405 22.17 32.92 -7.91
C THR D 405 22.10 32.32 -9.32
N TYR D 406 21.61 31.08 -9.41
CA TYR D 406 21.47 30.41 -10.69
C TYR D 406 20.55 31.22 -11.61
N ARG D 407 19.44 31.68 -11.06
CA ARG D 407 18.49 32.45 -11.85
C ARG D 407 19.02 33.84 -12.18
N ALA D 408 19.78 34.42 -11.28
CA ALA D 408 20.35 35.75 -11.51
C ALA D 408 21.41 35.70 -12.60
N SER D 409 22.04 34.53 -12.76
CA SER D 409 23.09 34.36 -13.76
C SER D 409 22.55 34.24 -15.19
N GLY D 410 21.28 33.86 -15.31
CA GLY D 410 20.69 33.71 -16.62
C GLY D 410 21.26 32.52 -17.38
N TYR D 411 21.81 31.56 -16.65
CA TYR D 411 22.41 30.37 -17.24
C TYR D 411 21.48 29.61 -18.18
N ARG D 412 20.25 29.33 -17.74
CA ARG D 412 19.31 28.58 -18.57
C ARG D 412 19.10 29.24 -19.92
N ALA D 413 18.88 30.55 -19.92
CA ALA D 413 18.67 31.30 -21.16
C ALA D 413 19.91 31.21 -22.04
N ARG D 414 21.08 31.24 -21.40
CA ARG D 414 22.34 31.15 -22.12
C ARG D 414 22.49 29.84 -22.88
N VAL D 415 22.29 28.72 -22.18
CA VAL D 415 22.42 27.42 -22.84
C VAL D 415 21.27 27.17 -23.82
N ALA D 416 20.15 27.83 -23.59
CA ALA D 416 19.00 27.68 -24.47
C ALA D 416 19.35 28.27 -25.84
N ALA D 417 20.17 29.31 -25.83
CA ALA D 417 20.58 29.96 -27.06
C ALA D 417 21.75 29.21 -27.72
N GLU D 418 22.54 28.51 -26.93
CA GLU D 418 23.68 27.77 -27.47
C GLU D 418 23.25 26.39 -27.96
N ARG D 419 22.13 25.89 -27.44
CA ARG D 419 21.64 24.57 -27.82
C ARG D 419 20.35 24.62 -28.63
N PRO D 420 20.11 23.59 -29.46
CA PRO D 420 18.91 23.49 -30.31
C PRO D 420 17.63 23.48 -29.48
N ALA D 421 16.50 23.75 -30.13
CA ALA D 421 15.21 23.75 -29.46
C ALA D 421 14.73 22.31 -29.37
#